data_7WJV
#
_entry.id   7WJV
#
_cell.length_a   67.641
_cell.length_b   83.617
_cell.length_c   278.717
_cell.angle_alpha   90.000
_cell.angle_beta   90.000
_cell.angle_gamma   90.000
#
_symmetry.space_group_name_H-M   'P 21 21 21'
#
loop_
_entity.id
_entity.type
_entity.pdbx_description
1 polymer 'Fructose-1,6-bisphosphatase 1'
2 non-polymer 'ADENOSINE MONOPHOSPHATE'
3 non-polymer '1,2-BENZISOTHIAZOL-3(2H)-ONE 1,1-DIOXIDE'
4 non-polymer 'MAGNESIUM ION'
5 non-polymer 'benzylcarbamic acid'
6 non-polymer GLYCEROL
7 water water
#
_entity_poly.entity_id   1
_entity_poly.type   'polypeptide(L)'
_entity_poly.pdbx_seq_one_letter_code
;MADQAPFDTDVNTLTRFVMEEGRKARGTGELTQLLNSLCTAVKAISSAVRKAGIAHLYGIAGSTNVTGDQVKKLDVLSND
LVMNMLKSSFATCVLVSEEDKHAIIVEPEKRGKYVVCFDPLDGSSNIDCLVSVGTIFGIYRKKSTDEPSEKDALQPGRNL
VAAGYALYGSATMLVLAMDCGVNCFMLDPAIGEFILVDKDVKIKKKGKIYSLNEGYAKDFDPAVTEYIQRKKFPPDNSAP
YGARYVGSMVADVHRTLVYGGIFLYPANKKSPNGKLRLLYECNPMAYVMEKAGGMATTGKEAVLDVIPTDIHQRAPVILG
SPDDVLEFLKVYEKHSAQLEHHHHHHHH
;
_entity_poly.pdbx_strand_id   A,B,C,D
#
loop_
_chem_comp.id
_chem_comp.type
_chem_comp.name
_chem_comp.formula
AMP non-polymer 'ADENOSINE MONOPHOSPHATE' 'C10 H14 N5 O7 P'
GOL non-polymer GLYCEROL 'C3 H8 O3'
LSA non-polymer '1,2-BENZISOTHIAZOL-3(2H)-ONE 1,1-DIOXIDE' 'C7 H5 N O3 S'
MG non-polymer 'MAGNESIUM ION' 'Mg 2'
PMQ non-polymer 'benzylcarbamic acid' 'C8 H9 N O2'
#
# COMPACT_ATOMS: atom_id res chain seq x y z
N ASP A 10 -11.68 22.87 -2.79
CA ASP A 10 -10.96 22.07 -3.79
C ASP A 10 -9.82 21.30 -3.13
N VAL A 11 -9.77 19.99 -3.37
CA VAL A 11 -8.62 19.21 -2.94
C VAL A 11 -7.34 19.84 -3.48
N ASN A 12 -6.26 19.76 -2.70
CA ASN A 12 -4.99 20.24 -3.18
C ASN A 12 -3.91 19.25 -2.76
N THR A 13 -2.96 19.03 -3.65
CA THR A 13 -1.84 18.13 -3.39
C THR A 13 -0.57 18.95 -3.23
N LEU A 14 0.46 18.33 -2.65
CA LEU A 14 1.74 19.03 -2.57
C LEU A 14 2.27 19.36 -3.97
N THR A 15 2.14 18.43 -4.91
CA THR A 15 2.63 18.68 -6.25
C THR A 15 1.93 19.89 -6.88
N ARG A 16 0.60 19.92 -6.78
CA ARG A 16 -0.15 21.05 -7.34
C ARG A 16 0.17 22.34 -6.60
N PHE A 17 0.29 22.26 -5.28
CA PHE A 17 0.56 23.46 -4.48
C PHE A 17 1.91 24.06 -4.82
N VAL A 18 2.95 23.23 -4.82
CA VAL A 18 4.30 23.69 -5.13
C VAL A 18 4.37 24.28 -6.53
N MET A 19 3.72 23.63 -7.50
CA MET A 19 3.75 24.11 -8.87
C MET A 19 3.10 25.49 -8.98
N GLU A 20 1.96 25.67 -8.29
CA GLU A 20 1.25 26.94 -8.39
C GLU A 20 2.04 28.06 -7.71
N GLU A 21 2.64 27.80 -6.55
CA GLU A 21 3.47 28.83 -5.91
C GLU A 21 4.63 29.22 -6.81
N GLY A 22 5.21 28.25 -7.52
CA GLY A 22 6.29 28.55 -8.43
C GLY A 22 5.84 29.33 -9.64
N ARG A 23 4.63 29.06 -10.13
CA ARG A 23 4.07 29.89 -11.20
C ARG A 23 3.86 31.31 -10.72
N LYS A 24 3.33 31.48 -9.50
CA LYS A 24 3.10 32.82 -8.99
C LYS A 24 4.42 33.55 -8.77
N ALA A 25 5.45 32.82 -8.36
CA ALA A 25 6.78 33.40 -8.18
C ALA A 25 7.43 33.79 -9.49
N ARG A 26 6.91 33.33 -10.62
CA ARG A 26 7.51 33.55 -11.94
C ARG A 26 8.96 33.07 -11.97
N GLY A 27 9.22 31.94 -11.31
CA GLY A 27 10.52 31.33 -11.36
C GLY A 27 10.71 30.54 -12.63
N THR A 28 11.90 29.97 -12.76
CA THR A 28 12.27 29.16 -13.91
C THR A 28 11.88 27.71 -13.77
N GLY A 29 11.29 27.31 -12.63
CA GLY A 29 10.94 25.92 -12.41
C GLY A 29 12.01 25.10 -11.71
N GLU A 30 13.18 25.69 -11.43
CA GLU A 30 14.26 24.93 -10.82
C GLU A 30 13.94 24.58 -9.37
N LEU A 31 13.50 25.56 -8.58
CA LEU A 31 13.12 25.25 -7.20
C LEU A 31 11.93 24.29 -7.16
N THR A 32 11.00 24.42 -8.11
CA THR A 32 9.88 23.47 -8.17
C THR A 32 10.39 22.05 -8.41
N GLN A 33 11.36 21.88 -9.30
CA GLN A 33 11.92 20.55 -9.53
C GLN A 33 12.61 20.03 -8.28
N LEU A 34 13.31 20.90 -7.56
CA LEU A 34 13.93 20.49 -6.29
C LEU A 34 12.88 19.97 -5.33
N LEU A 35 11.80 20.72 -5.13
CA LEU A 35 10.80 20.35 -4.15
C LEU A 35 10.06 19.08 -4.59
N ASN A 36 9.77 18.94 -5.88
CA ASN A 36 9.18 17.70 -6.37
C ASN A 36 10.09 16.51 -6.08
N SER A 37 11.39 16.67 -6.30
CA SER A 37 12.33 15.58 -6.07
C SER A 37 12.41 15.23 -4.59
N LEU A 38 12.39 16.25 -3.74
CA LEU A 38 12.39 16.02 -2.29
C LEU A 38 11.13 15.31 -1.84
N CYS A 39 9.96 15.73 -2.35
CA CYS A 39 8.71 15.05 -2.04
C CYS A 39 8.77 13.56 -2.41
N THR A 40 9.32 13.26 -3.58
CA THR A 40 9.46 11.86 -3.98
C THR A 40 10.38 11.10 -3.02
N ALA A 41 11.51 11.70 -2.65
CA ALA A 41 12.40 11.05 -1.69
C ALA A 41 11.69 10.77 -0.37
N VAL A 42 10.89 11.73 0.11
CA VAL A 42 10.19 11.54 1.38
C VAL A 42 9.19 10.39 1.28
N LYS A 43 8.47 10.26 0.16
CA LYS A 43 7.56 9.12 0.05
C LYS A 43 8.33 7.80 0.06
N ALA A 44 9.52 7.77 -0.54
CA ALA A 44 10.32 6.55 -0.53
C ALA A 44 10.85 6.26 0.86
N ILE A 45 11.28 7.29 1.61
CA ILE A 45 11.70 7.07 2.98
C ILE A 45 10.54 6.53 3.81
N SER A 46 9.36 7.15 3.67
CA SER A 46 8.20 6.69 4.43
C SER A 46 7.94 5.21 4.17
N SER A 47 7.96 4.79 2.90
CA SER A 47 7.67 3.39 2.59
C SER A 47 8.66 2.46 3.29
N ALA A 48 9.95 2.84 3.31
CA ALA A 48 10.98 2.01 3.94
C ALA A 48 10.84 2.04 5.46
N VAL A 49 10.51 3.21 6.02
CA VAL A 49 10.35 3.34 7.46
C VAL A 49 9.21 2.46 7.96
N ARG A 50 8.12 2.37 7.18
CA ARG A 50 7.00 1.50 7.54
C ARG A 50 7.28 0.03 7.26
N LYS A 51 8.48 -0.30 6.79
CA LYS A 51 9.00 -1.67 6.69
C LYS A 51 8.36 -2.45 5.55
N ALA A 52 7.91 -1.77 4.49
CA ALA A 52 7.48 -2.48 3.29
C ALA A 52 8.61 -3.36 2.79
N GLY A 53 8.32 -4.62 2.53
CA GLY A 53 9.35 -5.54 2.05
C GLY A 53 10.21 -6.18 3.11
N ILE A 54 9.93 -5.93 4.40
CA ILE A 54 10.75 -6.53 5.44
C ILE A 54 10.69 -8.05 5.40
N ALA A 55 9.60 -8.64 4.87
CA ALA A 55 9.52 -10.09 4.79
C ALA A 55 10.66 -10.67 3.95
N HIS A 56 11.09 -9.94 2.93
CA HIS A 56 12.21 -10.42 2.11
C HIS A 56 13.51 -10.42 2.90
N LEU A 57 13.69 -9.46 3.80
CA LEU A 57 14.88 -9.48 4.63
C LEU A 57 14.88 -10.69 5.56
N TYR A 58 13.72 -11.21 5.93
CA TYR A 58 13.61 -12.33 6.85
C TYR A 58 13.39 -13.66 6.15
N GLY A 59 13.63 -13.73 4.83
CA GLY A 59 13.74 -14.99 4.15
C GLY A 59 12.48 -15.53 3.51
N ILE A 60 11.50 -14.68 3.19
CA ILE A 60 10.26 -15.21 2.63
C ILE A 60 10.50 -15.90 1.29
N ALA A 61 11.52 -15.49 0.55
CA ALA A 61 11.82 -16.14 -0.73
C ALA A 61 12.99 -17.10 -0.62
N GLY A 62 13.42 -17.44 0.56
CA GLY A 62 14.52 -18.35 0.74
C GLY A 62 15.80 -17.83 1.37
N SER A 63 16.82 -18.67 1.45
CA SER A 63 18.07 -18.30 2.16
C SER A 63 18.75 -17.18 1.45
N THR A 64 19.11 -17.39 0.20
CA THR A 64 19.62 -16.29 -0.63
C THR A 64 19.85 -16.77 -2.05
N GLN A 70 17.54 -3.10 10.12
CA GLN A 70 18.63 -2.41 10.79
C GLN A 70 18.43 -0.90 10.74
N VAL A 71 18.58 -0.22 11.87
CA VAL A 71 18.40 1.19 11.90
C VAL A 71 19.44 1.92 11.09
N LYS A 72 20.83 1.70 11.33
CA LYS A 72 21.82 2.43 10.55
C LYS A 72 21.54 2.31 9.07
N LYS A 73 21.17 1.11 8.61
CA LYS A 73 20.96 0.92 7.18
C LYS A 73 19.78 1.74 6.67
N LEU A 74 18.71 1.85 7.47
CA LEU A 74 17.61 2.73 7.08
C LEU A 74 18.05 4.19 7.04
N ASP A 75 18.88 4.61 7.99
CA ASP A 75 19.45 5.96 7.92
C ASP A 75 20.28 6.14 6.65
N VAL A 76 21.09 5.12 6.31
CA VAL A 76 21.91 5.22 5.10
C VAL A 76 21.04 5.24 3.85
N LEU A 77 20.03 4.35 3.80
CA LEU A 77 19.11 4.34 2.66
C LEU A 77 18.43 5.68 2.49
N SER A 78 17.94 6.26 3.59
CA SER A 78 17.27 7.55 3.52
C SER A 78 18.20 8.63 3.00
N ASN A 79 19.46 8.62 3.45
CA ASN A 79 20.44 9.55 2.93
C ASN A 79 20.62 9.37 1.43
N ASP A 80 20.76 8.11 0.99
CA ASP A 80 20.94 7.83 -0.43
C ASP A 80 19.76 8.31 -1.25
N LEU A 81 18.54 8.15 -0.72
CA LEU A 81 17.35 8.61 -1.45
C LEU A 81 17.34 10.12 -1.61
N VAL A 82 17.57 10.87 -0.52
CA VAL A 82 17.58 12.32 -0.63
C VAL A 82 18.72 12.78 -1.53
N MET A 83 19.91 12.23 -1.31
CA MET A 83 21.07 12.63 -2.12
C MET A 83 20.80 12.41 -3.59
N ASN A 84 20.28 11.22 -3.95
CA ASN A 84 20.13 10.93 -5.36
C ASN A 84 19.01 11.74 -5.97
N MET A 85 17.90 11.89 -5.25
CA MET A 85 16.80 12.67 -5.83
C MET A 85 17.20 14.13 -5.99
N LEU A 86 18.01 14.65 -5.06
CA LEU A 86 18.45 16.04 -5.17
C LEU A 86 19.49 16.23 -6.28
N LYS A 87 20.48 15.34 -6.36
CA LYS A 87 21.46 15.46 -7.45
C LYS A 87 20.76 15.41 -8.81
N SER A 88 19.87 14.44 -8.99
CA SER A 88 19.20 14.25 -10.27
C SER A 88 18.14 15.30 -10.56
N SER A 89 17.83 16.18 -9.60
CA SER A 89 16.94 17.30 -9.84
C SER A 89 17.59 18.37 -10.74
N PHE A 90 18.92 18.40 -10.83
CA PHE A 90 19.66 19.45 -11.55
C PHE A 90 19.40 20.83 -10.95
N ALA A 91 18.99 20.87 -9.68
CA ALA A 91 18.67 22.11 -9.00
C ALA A 91 19.64 22.47 -7.89
N THR A 92 20.59 21.59 -7.55
CA THR A 92 21.43 21.78 -6.37
C THR A 92 22.90 21.79 -6.76
N CYS A 93 23.72 22.39 -5.88
CA CYS A 93 25.17 22.41 -6.09
C CYS A 93 25.95 21.96 -4.87
N VAL A 94 25.40 22.13 -3.67
CA VAL A 94 26.07 21.73 -2.43
C VAL A 94 25.02 21.10 -1.52
N LEU A 95 25.33 19.93 -0.99
CA LEU A 95 24.41 19.16 -0.17
C LEU A 95 25.11 18.83 1.14
N VAL A 96 24.54 19.24 2.26
CA VAL A 96 25.08 18.93 3.58
C VAL A 96 24.09 18.01 4.26
N SER A 97 24.56 16.82 4.67
CA SER A 97 23.71 15.85 5.34
C SER A 97 24.32 15.51 6.70
N GLU A 98 23.46 15.31 7.69
CA GLU A 98 23.89 14.79 8.98
C GLU A 98 24.70 13.51 8.82
N GLU A 99 24.45 12.74 7.77
CA GLU A 99 25.09 11.44 7.61
C GLU A 99 26.52 11.54 7.06
N ASP A 100 26.88 12.66 6.46
CA ASP A 100 28.15 12.78 5.74
C ASP A 100 29.05 13.79 6.42
N LYS A 101 30.31 13.38 6.67
CA LYS A 101 31.25 14.23 7.38
C LYS A 101 31.51 15.54 6.64
N HIS A 102 31.70 15.46 5.32
CA HIS A 102 31.99 16.61 4.48
C HIS A 102 30.79 16.96 3.62
N ALA A 103 30.72 18.22 3.21
CA ALA A 103 29.68 18.62 2.28
C ALA A 103 29.87 17.89 0.97
N ILE A 104 28.77 17.51 0.33
CA ILE A 104 28.82 16.86 -0.98
C ILE A 104 28.71 17.95 -2.03
N ILE A 105 29.65 17.93 -2.98
CA ILE A 105 29.64 18.89 -4.08
C ILE A 105 29.04 18.18 -5.29
N VAL A 106 27.97 18.75 -5.83
CA VAL A 106 27.30 18.14 -6.96
C VAL A 106 28.18 18.24 -8.20
N GLU A 107 28.18 17.19 -9.01
CA GLU A 107 29.03 17.17 -10.19
C GLU A 107 28.64 18.30 -11.14
N PRO A 108 29.61 18.89 -11.85
CA PRO A 108 29.31 20.10 -12.65
C PRO A 108 28.10 19.98 -13.56
N GLU A 109 27.91 18.83 -14.19
CA GLU A 109 26.86 18.69 -15.19
C GLU A 109 25.46 18.69 -14.58
N LYS A 110 25.34 18.44 -13.28
CA LYS A 110 24.04 18.39 -12.62
C LYS A 110 23.81 19.59 -11.70
N ARG A 111 24.66 20.60 -11.75
CA ARG A 111 24.60 21.69 -10.77
C ARG A 111 23.47 22.66 -11.07
N GLY A 112 22.72 23.00 -10.03
CA GLY A 112 21.80 24.12 -10.06
C GLY A 112 22.17 25.13 -8.99
N LYS A 113 21.26 26.03 -8.66
CA LYS A 113 21.57 27.18 -7.82
C LYS A 113 21.45 26.91 -6.32
N TYR A 114 20.87 25.79 -5.90
CA TYR A 114 20.41 25.67 -4.52
C TYR A 114 21.35 24.82 -3.68
N VAL A 115 21.42 25.18 -2.40
CA VAL A 115 22.18 24.48 -1.38
C VAL A 115 21.16 23.89 -0.40
N VAL A 116 21.27 22.60 -0.11
CA VAL A 116 20.32 21.94 0.77
C VAL A 116 21.07 21.32 1.94
N CYS A 117 20.62 21.64 3.15
CA CYS A 117 21.10 21.00 4.37
C CYS A 117 19.97 20.13 4.89
N PHE A 118 20.26 18.87 5.19
CA PHE A 118 19.17 18.02 5.65
C PHE A 118 19.65 16.96 6.64
N ASP A 119 18.70 16.51 7.45
CA ASP A 119 18.88 15.31 8.24
C ASP A 119 17.96 14.26 7.65
N PRO A 120 18.46 13.24 6.96
CA PRO A 120 17.55 12.38 6.20
C PRO A 120 16.70 11.48 7.08
N LEU A 121 17.20 11.09 8.24
CA LEU A 121 16.47 10.27 9.21
C LEU A 121 17.25 10.31 10.51
N ASP A 122 16.54 10.17 11.60
CA ASP A 122 17.11 10.17 12.94
C ASP A 122 16.87 8.83 13.63
N GLY A 123 17.07 7.74 12.89
CA GLY A 123 16.85 6.43 13.46
C GLY A 123 17.90 6.06 14.49
N SER A 124 19.17 6.22 14.13
CA SER A 124 20.25 5.88 15.06
C SER A 124 20.11 6.75 16.30
N SER A 125 19.67 6.09 17.37
CA SER A 125 18.89 6.60 18.50
C SER A 125 17.75 5.59 18.66
N ASN A 126 16.50 6.06 18.62
CA ASN A 126 15.44 5.17 18.90
C ASN A 126 14.45 4.78 17.82
N ILE A 127 14.92 4.17 16.72
CA ILE A 127 13.95 3.66 15.80
C ILE A 127 13.76 2.23 16.18
N ASP A 128 14.57 1.74 17.10
CA ASP A 128 14.33 0.37 17.62
C ASP A 128 13.06 0.34 18.52
N CYS A 129 12.62 1.49 19.04
CA CYS A 129 11.38 1.53 19.80
C CYS A 129 10.23 1.90 18.91
N LEU A 130 10.47 2.29 17.67
CA LEU A 130 9.47 2.46 16.62
C LEU A 130 8.62 3.72 16.69
N VAL A 131 8.86 4.65 17.59
CA VAL A 131 7.81 5.64 17.89
C VAL A 131 7.71 6.67 16.76
N SER A 132 8.81 7.34 16.46
CA SER A 132 8.78 8.39 15.45
C SER A 132 10.18 8.68 14.93
N VAL A 133 10.31 8.79 13.63
CA VAL A 133 11.51 9.31 12.98
C VAL A 133 11.05 10.40 12.02
N GLY A 134 12.01 11.16 11.51
CA GLY A 134 11.63 12.23 10.61
C GLY A 134 12.79 12.69 9.74
N THR A 135 12.45 13.52 8.76
CA THR A 135 13.41 14.11 7.83
C THR A 135 13.30 15.62 7.99
N ILE A 136 14.43 16.30 8.08
CA ILE A 136 14.45 17.76 8.23
C ILE A 136 15.26 18.35 7.09
N PHE A 137 14.80 19.48 6.53
CA PHE A 137 15.55 20.06 5.43
C PHE A 137 15.48 21.59 5.47
N GLY A 138 16.51 22.22 4.93
CA GLY A 138 16.53 23.66 4.73
C GLY A 138 17.20 23.96 3.39
N ILE A 139 16.63 24.88 2.62
CA ILE A 139 17.06 25.15 1.26
C ILE A 139 17.50 26.60 1.15
N TYR A 140 18.72 26.81 0.63
CA TYR A 140 19.28 28.14 0.39
C TYR A 140 19.58 28.32 -1.08
N ARG A 141 19.55 29.57 -1.54
CA ARG A 141 20.21 29.91 -2.80
C ARG A 141 21.69 30.07 -2.54
N LYS A 142 22.53 29.53 -3.43
CA LYS A 142 23.96 29.84 -3.36
C LYS A 142 24.15 31.35 -3.48
N LYS A 143 24.93 31.92 -2.57
CA LYS A 143 25.14 33.36 -2.51
C LYS A 143 26.46 33.78 -3.15
N SER A 144 27.52 33.01 -2.98
CA SER A 144 28.79 33.39 -3.58
C SER A 144 28.87 32.88 -5.02
N THR A 145 29.76 33.51 -5.80
CA THR A 145 30.04 33.06 -7.15
C THR A 145 31.29 32.20 -7.22
N ASP A 146 31.89 31.87 -6.09
CA ASP A 146 33.03 30.97 -6.06
C ASP A 146 32.63 29.57 -6.50
N GLU A 147 33.63 28.77 -6.84
CA GLU A 147 33.40 27.35 -7.05
C GLU A 147 32.67 26.78 -5.83
N PRO A 148 31.70 25.90 -6.02
CA PRO A 148 30.88 25.46 -4.89
C PRO A 148 31.70 24.67 -3.87
N SER A 149 31.43 24.96 -2.60
CA SER A 149 32.20 24.41 -1.49
C SER A 149 31.28 24.35 -0.27
N GLU A 150 31.79 23.73 0.80
CA GLU A 150 31.05 23.71 2.05
C GLU A 150 30.71 25.11 2.53
N LYS A 151 31.47 26.13 2.13
CA LYS A 151 31.19 27.49 2.58
C LYS A 151 29.83 27.98 2.11
N ASP A 152 29.32 27.44 1.00
CA ASP A 152 28.01 27.86 0.52
C ASP A 152 26.88 27.40 1.43
N ALA A 153 27.15 26.44 2.33
CA ALA A 153 26.16 26.05 3.32
C ALA A 153 26.29 26.82 4.63
N LEU A 154 27.27 27.72 4.72
CA LEU A 154 27.45 28.47 5.97
C LEU A 154 26.73 29.81 5.93
N GLN A 155 25.48 29.78 5.59
CA GLN A 155 24.62 30.95 5.60
C GLN A 155 23.77 30.98 6.85
N PRO A 156 23.45 32.16 7.39
CA PRO A 156 22.50 32.22 8.51
C PRO A 156 21.13 31.75 8.06
N GLY A 157 20.37 31.18 9.00
CA GLY A 157 19.04 30.68 8.70
C GLY A 157 18.08 31.74 8.16
N ARG A 158 18.34 33.02 8.47
CA ARG A 158 17.57 34.11 7.86
C ARG A 158 17.55 34.06 6.34
N ASN A 159 18.58 33.48 5.73
CA ASN A 159 18.66 33.38 4.28
C ASN A 159 17.85 32.24 3.68
N LEU A 160 17.15 31.44 4.50
CA LEU A 160 16.43 30.29 3.96
C LEU A 160 15.38 30.73 2.94
N VAL A 161 15.26 29.95 1.86
CA VAL A 161 14.18 30.10 0.88
C VAL A 161 13.01 29.17 1.20
N ALA A 162 13.30 28.00 1.76
CA ALA A 162 12.27 27.03 2.13
C ALA A 162 12.86 26.10 3.17
N ALA A 163 12.01 25.63 4.07
CA ALA A 163 12.48 24.65 5.05
C ALA A 163 11.28 23.84 5.51
N GLY A 164 11.56 22.71 6.14
CA GLY A 164 10.47 21.95 6.67
C GLY A 164 10.92 20.57 7.11
N TYR A 165 9.95 19.68 7.23
CA TYR A 165 10.25 18.36 7.77
C TYR A 165 9.15 17.41 7.35
N ALA A 166 9.47 16.12 7.38
CA ALA A 166 8.50 15.05 7.29
C ALA A 166 8.54 14.27 8.59
N LEU A 167 7.37 14.00 9.16
CA LEU A 167 7.22 13.18 10.35
C LEU A 167 6.67 11.84 9.91
N TYR A 168 7.41 10.77 10.17
CA TYR A 168 6.93 9.40 9.91
C TYR A 168 6.40 8.88 11.24
N GLY A 169 5.18 9.30 11.57
CA GLY A 169 4.58 8.96 12.85
C GLY A 169 3.41 8.02 12.69
N SER A 170 2.29 8.26 13.40
CA SER A 170 1.13 7.40 13.17
C SER A 170 0.68 7.51 11.71
N ALA A 171 0.79 8.69 11.13
CA ALA A 171 0.75 8.87 9.68
C ALA A 171 1.96 9.69 9.27
N THR A 172 2.18 9.82 7.96
CA THR A 172 3.30 10.61 7.46
C THR A 172 2.81 12.00 7.07
N MET A 173 3.44 13.03 7.65
CA MET A 173 3.07 14.41 7.37
C MET A 173 4.29 15.18 6.93
N LEU A 174 4.12 15.99 5.89
CA LEU A 174 5.13 16.91 5.43
C LEU A 174 4.70 18.33 5.76
N VAL A 175 5.59 19.06 6.44
CA VAL A 175 5.36 20.45 6.80
C VAL A 175 6.34 21.28 5.97
N LEU A 176 5.82 22.22 5.18
CA LEU A 176 6.64 23.03 4.30
C LEU A 176 6.43 24.49 4.62
N ALA A 177 7.52 25.18 4.93
CA ALA A 177 7.50 26.61 5.22
C ALA A 177 8.24 27.36 4.11
N MET A 178 7.63 28.43 3.62
CA MET A 178 8.27 29.33 2.69
C MET A 178 7.84 30.74 3.07
N ASP A 179 8.14 31.72 2.21
CA ASP A 179 7.67 33.07 2.50
C ASP A 179 6.14 33.11 2.56
N CYS A 180 5.44 32.24 1.81
CA CYS A 180 3.98 32.27 1.85
C CYS A 180 3.39 31.74 3.16
N GLY A 181 4.21 31.28 4.10
CA GLY A 181 3.71 30.69 5.34
C GLY A 181 4.00 29.21 5.44
N VAL A 182 3.32 28.56 6.37
CA VAL A 182 3.55 27.15 6.71
C VAL A 182 2.32 26.34 6.32
N ASN A 183 2.53 25.23 5.62
CA ASN A 183 1.44 24.40 5.13
C ASN A 183 1.75 22.95 5.45
N CYS A 184 0.74 22.20 5.88
CA CYS A 184 0.92 20.82 6.30
C CYS A 184 0.17 19.87 5.37
N PHE A 185 0.85 18.80 4.96
CA PHE A 185 0.32 17.85 3.97
C PHE A 185 0.38 16.44 4.54
N MET A 186 -0.71 15.70 4.42
CA MET A 186 -0.76 14.32 4.89
C MET A 186 -0.56 13.37 3.72
N LEU A 187 0.36 12.41 3.88
CA LEU A 187 0.59 11.41 2.83
C LEU A 187 -0.55 10.40 2.85
N ASP A 188 -1.24 10.29 1.71
CA ASP A 188 -2.23 9.23 1.54
C ASP A 188 -1.51 8.05 0.89
N PRO A 189 -1.21 6.99 1.63
CA PRO A 189 -0.43 5.88 1.06
C PRO A 189 -1.17 5.10 0.01
N ALA A 190 -2.50 5.24 -0.09
CA ALA A 190 -3.22 4.53 -1.13
C ALA A 190 -2.84 5.03 -2.52
N ILE A 191 -2.45 6.30 -2.64
CA ILE A 191 -2.16 6.93 -3.92
C ILE A 191 -0.83 7.65 -3.95
N GLY A 192 -0.03 7.59 -2.89
CA GLY A 192 1.22 8.32 -2.90
C GLY A 192 1.08 9.80 -3.19
N GLU A 193 0.13 10.46 -2.53
CA GLU A 193 -0.06 11.89 -2.66
C GLU A 193 -0.07 12.53 -1.29
N PHE A 194 0.63 13.64 -1.17
CA PHE A 194 0.54 14.50 -0.01
C PHE A 194 -0.64 15.45 -0.16
N ILE A 195 -1.62 15.32 0.72
CA ILE A 195 -2.86 16.09 0.63
C ILE A 195 -2.76 17.27 1.58
N LEU A 196 -3.07 18.46 1.08
CA LEU A 196 -3.04 19.64 1.95
C LEU A 196 -4.16 19.55 2.98
N VAL A 197 -3.80 19.53 4.27
CA VAL A 197 -4.79 19.39 5.34
C VAL A 197 -4.77 20.55 6.34
N ASP A 198 -3.74 21.38 6.36
CA ASP A 198 -3.74 22.55 7.25
C ASP A 198 -3.00 23.67 6.53
N LYS A 199 -3.72 24.75 6.21
CA LYS A 199 -3.20 25.84 5.40
C LYS A 199 -2.78 27.03 6.25
N ASP A 200 -1.62 27.61 5.93
CA ASP A 200 -1.15 28.84 6.53
C ASP A 200 -1.20 28.75 8.06
N VAL A 201 -0.56 27.70 8.58
CA VAL A 201 -0.66 27.35 9.99
C VAL A 201 0.02 28.40 10.86
N LYS A 202 -0.62 28.75 11.98
CA LYS A 202 -0.03 29.64 12.97
C LYS A 202 -0.04 28.96 14.34
N ILE A 203 1.05 29.12 15.08
CA ILE A 203 1.16 28.53 16.41
C ILE A 203 0.37 29.35 17.41
N LYS A 204 -0.13 28.67 18.45
CA LYS A 204 -0.81 29.35 19.55
C LYS A 204 0.12 30.36 20.20
N LYS A 205 -0.44 31.49 20.63
CA LYS A 205 0.41 32.51 21.25
C LYS A 205 0.98 32.01 22.58
N LYS A 206 0.25 31.15 23.27
CA LYS A 206 0.76 30.55 24.51
C LYS A 206 0.21 29.14 24.62
N GLY A 207 1.07 28.21 25.07
CA GLY A 207 0.71 26.82 25.18
C GLY A 207 0.69 26.36 26.64
N LYS A 208 0.47 25.04 26.80
CA LYS A 208 0.38 24.43 28.12
C LYS A 208 1.21 23.17 28.22
N ILE A 209 2.19 23.00 27.33
CA ILE A 209 3.07 21.84 27.30
C ILE A 209 4.51 22.32 27.21
N TYR A 210 5.39 21.70 27.97
CA TYR A 210 6.83 21.92 27.82
C TYR A 210 7.52 20.60 27.50
N SER A 211 8.57 20.68 26.70
CA SER A 211 9.20 19.48 26.15
C SER A 211 10.72 19.64 26.25
N LEU A 212 11.35 18.80 27.06
CA LEU A 212 12.81 18.73 27.14
C LEU A 212 13.17 17.48 27.92
N ASN A 213 14.42 17.06 27.77
CA ASN A 213 14.93 15.89 28.49
C ASN A 213 15.31 16.33 29.90
N GLU A 214 14.46 16.05 30.89
CA GLU A 214 14.80 16.42 32.25
C GLU A 214 15.82 15.48 32.90
N GLY A 215 16.27 14.45 32.20
CA GLY A 215 17.40 13.68 32.70
C GLY A 215 18.69 14.47 32.80
N TYR A 216 18.79 15.60 32.11
CA TYR A 216 19.95 16.47 32.20
C TYR A 216 19.85 17.46 33.35
N ALA A 217 18.87 17.30 34.24
CA ALA A 217 18.59 18.29 35.27
C ALA A 217 19.86 18.69 36.02
N LYS A 218 20.71 17.72 36.34
CA LYS A 218 21.92 18.00 37.10
C LYS A 218 22.84 18.96 36.37
N ASP A 219 22.76 19.00 35.04
CA ASP A 219 23.67 19.80 34.21
C ASP A 219 23.03 21.05 33.64
N PHE A 220 21.78 21.36 33.99
CA PHE A 220 21.13 22.55 33.48
C PHE A 220 21.73 23.81 34.10
N ASP A 221 21.73 24.88 33.32
CA ASP A 221 22.07 26.18 33.89
C ASP A 221 20.92 26.68 34.75
N PRO A 222 21.17 27.65 35.63
CA PRO A 222 20.10 28.10 36.55
C PRO A 222 18.87 28.67 35.86
N ALA A 223 19.01 29.27 34.68
CA ALA A 223 17.84 29.85 34.01
C ALA A 223 16.88 28.75 33.56
N VAL A 224 17.41 27.67 32.98
CA VAL A 224 16.54 26.56 32.57
C VAL A 224 15.91 25.91 33.79
N THR A 225 16.69 25.69 34.85
CA THR A 225 16.16 25.12 36.09
C THR A 225 14.99 25.95 36.63
N GLU A 226 15.16 27.28 36.67
CA GLU A 226 14.09 28.14 37.17
C GLU A 226 12.88 28.12 36.25
N TYR A 227 13.10 28.18 34.94
CA TYR A 227 11.96 28.20 34.02
C TYR A 227 11.13 26.94 34.15
N ILE A 228 11.79 25.78 34.17
CA ILE A 228 11.07 24.52 34.31
C ILE A 228 10.35 24.45 35.66
N GLN A 229 10.97 24.99 36.71
CA GLN A 229 10.27 25.03 38.00
C GLN A 229 8.99 25.84 37.91
N ARG A 230 9.00 26.92 37.11
CA ARG A 230 7.79 27.73 36.97
C ARG A 230 6.70 26.99 36.19
N LYS A 231 7.08 26.05 35.33
CA LYS A 231 6.09 25.26 34.59
C LYS A 231 5.45 24.20 35.48
N LYS A 232 6.20 23.64 36.44
CA LYS A 232 5.67 22.65 37.36
C LYS A 232 4.98 23.27 38.56
N PHE A 233 5.49 24.41 39.03
CA PHE A 233 4.99 25.08 40.23
C PHE A 233 4.74 26.54 39.88
N PRO A 234 3.67 26.84 39.15
CA PRO A 234 3.43 28.21 38.68
C PRO A 234 3.32 29.17 39.85
N PRO A 235 4.08 30.26 39.84
CA PRO A 235 4.03 31.20 40.98
C PRO A 235 2.69 31.89 41.13
N ASP A 236 1.91 32.02 40.06
CA ASP A 236 0.55 32.52 40.16
C ASP A 236 -0.44 31.43 40.48
N ASN A 237 0.05 30.23 40.83
CA ASN A 237 -0.73 29.03 41.09
C ASN A 237 -1.80 28.78 40.03
N SER A 238 -1.49 29.11 38.78
CA SER A 238 -2.26 28.60 37.66
C SER A 238 -1.97 27.10 37.49
N ALA A 239 -2.59 26.49 36.50
CA ALA A 239 -2.44 25.07 36.29
C ALA A 239 -1.05 24.75 35.77
N PRO A 240 -0.38 23.74 36.31
CA PRO A 240 0.95 23.37 35.80
C PRO A 240 0.86 22.89 34.34
N TYR A 241 1.93 23.14 33.60
CA TYR A 241 2.03 22.63 32.24
C TYR A 241 2.16 21.11 32.26
N GLY A 242 1.64 20.47 31.21
CA GLY A 242 1.97 19.09 30.98
C GLY A 242 3.34 18.94 30.33
N ALA A 243 3.94 17.78 30.51
CA ALA A 243 5.25 17.47 29.94
C ALA A 243 5.11 16.37 28.89
N ARG A 244 5.84 16.51 27.77
CA ARG A 244 5.98 15.46 26.77
C ARG A 244 7.39 15.52 26.23
N TYR A 245 8.01 14.36 26.00
CA TYR A 245 9.35 14.38 25.38
C TYR A 245 9.58 13.05 24.67
N VAL A 246 9.49 13.07 23.34
CA VAL A 246 9.71 11.87 22.53
C VAL A 246 11.19 11.58 22.37
N GLY A 247 12.03 12.60 22.33
CA GLY A 247 13.43 12.42 22.02
C GLY A 247 13.74 12.38 20.55
N SER A 248 12.78 12.73 19.71
CA SER A 248 12.97 12.87 18.27
C SER A 248 12.54 14.27 17.92
N MET A 249 13.45 15.06 17.35
CA MET A 249 13.19 16.49 17.20
C MET A 249 11.93 16.75 16.38
N VAL A 250 11.74 16.02 15.27
CA VAL A 250 10.58 16.28 14.43
C VAL A 250 9.30 16.06 15.21
N ALA A 251 9.23 14.98 15.99
CA ALA A 251 8.03 14.69 16.77
C ALA A 251 7.77 15.76 17.81
N ASP A 252 8.82 16.14 18.55
CA ASP A 252 8.64 17.12 19.62
C ASP A 252 8.34 18.51 19.06
N VAL A 253 8.98 18.89 17.95
CA VAL A 253 8.70 20.21 17.39
C VAL A 253 7.31 20.23 16.74
N HIS A 254 6.93 19.14 16.07
CA HIS A 254 5.60 19.14 15.44
C HIS A 254 4.49 19.28 16.49
N ARG A 255 4.61 18.54 17.60
CA ARG A 255 3.63 18.71 18.68
C ARG A 255 3.61 20.16 19.17
N THR A 256 4.78 20.79 19.27
CA THR A 256 4.85 22.18 19.68
C THR A 256 4.10 23.09 18.69
N LEU A 257 4.26 22.81 17.39
CA LEU A 257 3.55 23.60 16.38
C LEU A 257 2.04 23.39 16.48
N VAL A 258 1.60 22.15 16.67
CA VAL A 258 0.18 21.81 16.55
C VAL A 258 -0.59 22.26 17.79
N TYR A 259 -0.01 22.07 18.98
CA TYR A 259 -0.71 22.36 20.23
C TYR A 259 -0.19 23.58 20.97
N GLY A 260 0.93 24.14 20.55
CA GLY A 260 1.53 25.24 21.27
C GLY A 260 2.37 24.73 22.43
N GLY A 261 3.11 25.67 23.04
CA GLY A 261 3.99 25.35 24.14
C GLY A 261 5.44 25.64 23.78
N ILE A 262 6.34 24.88 24.38
CA ILE A 262 7.75 25.22 24.29
C ILE A 262 8.57 23.94 24.26
N PHE A 263 9.60 23.95 23.43
CA PHE A 263 10.55 22.86 23.26
C PHE A 263 11.94 23.40 23.57
N LEU A 264 12.68 22.71 24.43
CA LEU A 264 13.99 23.17 24.82
C LEU A 264 15.02 22.07 24.61
N TYR A 265 16.13 22.40 23.96
CA TYR A 265 17.33 21.59 23.98
C TYR A 265 18.47 22.57 24.23
N PRO A 266 18.65 22.99 25.48
CA PRO A 266 19.68 23.97 25.78
C PRO A 266 21.04 23.32 25.84
N ALA A 267 22.06 24.16 25.80
CA ALA A 267 23.37 23.72 26.25
C ALA A 267 23.25 23.23 27.69
N ASN A 268 24.05 22.24 28.02
CA ASN A 268 24.24 21.84 29.40
C ASN A 268 25.73 21.72 29.62
N LYS A 269 26.12 21.37 30.85
CA LYS A 269 27.53 21.37 31.18
C LYS A 269 28.31 20.37 30.33
N LYS A 270 27.66 19.29 29.88
CA LYS A 270 28.31 18.28 29.05
C LYS A 270 28.17 18.53 27.56
N SER A 271 27.30 19.45 27.15
CA SER A 271 27.17 19.88 25.75
C SER A 271 27.18 21.40 25.73
N PRO A 272 28.34 22.01 25.95
CA PRO A 272 28.36 23.45 26.23
C PRO A 272 28.02 24.33 25.03
N ASN A 273 28.10 23.80 23.81
CA ASN A 273 27.65 24.52 22.62
C ASN A 273 26.25 24.09 22.20
N GLY A 274 25.56 23.31 23.01
CA GLY A 274 24.31 22.70 22.64
C GLY A 274 24.52 21.30 22.08
N LYS A 275 23.40 20.59 21.89
CA LYS A 275 23.42 19.24 21.39
C LYS A 275 22.93 19.14 19.95
N LEU A 276 21.84 19.82 19.62
CA LEU A 276 21.31 19.75 18.26
C LEU A 276 22.21 20.51 17.30
N ARG A 277 22.11 20.14 16.02
N ARG A 277 22.09 20.17 16.02
CA ARG A 277 22.93 20.71 14.97
CA ARG A 277 22.96 20.70 14.98
C ARG A 277 22.26 21.94 14.38
C ARG A 277 22.30 21.89 14.30
N LEU A 278 23.04 23.00 14.17
CA LEU A 278 22.47 24.25 13.66
C LEU A 278 21.94 24.10 12.22
N LEU A 279 22.72 23.51 11.32
CA LEU A 279 22.43 23.66 9.90
C LEU A 279 21.17 22.92 9.49
N TYR A 280 20.97 21.71 10.03
CA TYR A 280 19.90 20.85 9.50
C TYR A 280 18.93 20.38 10.58
N GLU A 281 19.04 20.90 11.81
CA GLU A 281 18.05 20.68 12.85
C GLU A 281 17.52 22.01 13.36
N CYS A 282 18.38 22.87 13.90
CA CYS A 282 17.91 24.10 14.53
C CYS A 282 17.37 25.11 13.50
N ASN A 283 18.14 25.39 12.44
CA ASN A 283 17.71 26.42 11.49
C ASN A 283 16.40 26.06 10.78
N PRO A 284 16.23 24.84 10.25
CA PRO A 284 14.93 24.56 9.62
C PRO A 284 13.76 24.68 10.57
N MET A 285 13.91 24.21 11.81
CA MET A 285 12.81 24.28 12.75
C MET A 285 12.58 25.70 13.23
N ALA A 286 13.64 26.48 13.33
CA ALA A 286 13.49 27.90 13.65
C ALA A 286 12.73 28.63 12.56
N TYR A 287 13.00 28.27 11.30
CA TYR A 287 12.33 28.93 10.19
C TYR A 287 10.84 28.56 10.16
N VAL A 288 10.52 27.28 10.33
CA VAL A 288 9.11 26.89 10.44
C VAL A 288 8.43 27.66 11.57
N MET A 289 9.09 27.74 12.73
CA MET A 289 8.46 28.40 13.87
C MET A 289 8.19 29.86 13.56
N GLU A 290 9.19 30.57 13.04
CA GLU A 290 9.01 32.01 12.81
C GLU A 290 7.94 32.25 11.75
N LYS A 291 7.92 31.45 10.69
CA LYS A 291 6.88 31.60 9.68
C LYS A 291 5.49 31.29 10.22
N ALA A 292 5.40 30.51 11.30
CA ALA A 292 4.12 30.20 11.93
C ALA A 292 3.80 31.15 13.08
N GLY A 293 4.53 32.25 13.21
CA GLY A 293 4.29 33.19 14.28
C GLY A 293 4.91 32.82 15.60
N GLY A 294 5.81 31.85 15.62
CA GLY A 294 6.49 31.45 16.83
C GLY A 294 7.88 32.06 16.92
N MET A 295 8.65 31.54 17.88
CA MET A 295 9.99 32.05 18.15
C MET A 295 10.97 30.90 18.31
N ALA A 296 12.24 31.20 18.03
CA ALA A 296 13.31 30.22 18.21
C ALA A 296 14.59 30.95 18.58
N THR A 297 15.08 30.72 19.80
CA THR A 297 16.22 31.44 20.34
C THR A 297 17.28 30.46 20.81
N THR A 298 18.54 30.90 20.76
CA THR A 298 19.60 30.22 21.46
C THR A 298 19.72 30.65 22.91
N GLY A 299 18.96 31.66 23.31
CA GLY A 299 19.15 32.31 24.59
C GLY A 299 19.77 33.67 24.39
N LYS A 300 20.82 33.74 23.57
CA LYS A 300 21.52 34.99 23.32
C LYS A 300 21.01 35.72 22.08
N GLU A 301 20.46 34.99 21.10
CA GLU A 301 20.04 35.58 19.84
C GLU A 301 19.09 34.61 19.16
N ALA A 302 18.39 35.12 18.15
CA ALA A 302 17.56 34.25 17.30
C ALA A 302 18.42 33.20 16.61
N VAL A 303 17.95 31.95 16.62
CA VAL A 303 18.66 30.89 15.91
C VAL A 303 18.99 31.31 14.49
N LEU A 304 18.03 31.93 13.80
CA LEU A 304 18.21 32.27 12.39
C LEU A 304 19.28 33.33 12.16
N ASP A 305 19.72 34.02 13.22
CA ASP A 305 20.74 35.04 13.07
C ASP A 305 22.14 34.52 13.33
N VAL A 306 22.29 33.29 13.85
CA VAL A 306 23.62 32.74 14.07
C VAL A 306 24.32 32.58 12.73
N ILE A 307 25.55 33.06 12.63
CA ILE A 307 26.36 32.92 11.42
C ILE A 307 27.21 31.67 11.58
N PRO A 308 26.90 30.57 10.90
CA PRO A 308 27.66 29.33 11.12
C PRO A 308 29.08 29.43 10.59
N THR A 309 29.98 28.69 11.24
CA THR A 309 31.36 28.54 10.79
C THR A 309 31.73 27.12 10.44
N ASP A 310 30.95 26.12 10.85
CA ASP A 310 31.27 24.71 10.63
C ASP A 310 29.98 23.95 10.34
N ILE A 311 29.99 23.09 9.32
CA ILE A 311 28.71 22.57 8.83
C ILE A 311 28.01 21.69 9.86
N HIS A 312 28.73 21.07 10.78
CA HIS A 312 28.09 20.22 11.79
C HIS A 312 28.08 20.86 13.18
N GLN A 313 28.24 22.17 13.25
CA GLN A 313 28.30 22.80 14.57
C GLN A 313 26.94 22.71 15.28
N ARG A 314 27.00 22.69 16.60
CA ARG A 314 25.82 22.56 17.44
C ARG A 314 25.33 23.93 17.89
N ALA A 315 24.06 23.97 18.31
CA ALA A 315 23.48 25.18 18.83
C ALA A 315 22.45 24.83 19.90
N PRO A 316 22.36 25.62 20.96
CA PRO A 316 21.21 25.51 21.86
C PRO A 316 19.98 26.04 21.17
N VAL A 317 18.82 25.51 21.54
CA VAL A 317 17.58 25.99 20.94
C VAL A 317 16.45 25.91 21.96
N ILE A 318 15.67 26.98 22.00
CA ILE A 318 14.43 27.06 22.75
C ILE A 318 13.42 27.66 21.78
N LEU A 319 12.33 26.94 21.51
CA LEU A 319 11.41 27.39 20.47
C LEU A 319 9.98 27.05 20.86
N GLY A 320 9.05 27.75 20.20
CA GLY A 320 7.64 27.45 20.39
C GLY A 320 6.79 28.71 20.41
N SER A 321 5.71 28.65 21.18
CA SER A 321 4.79 29.77 21.27
C SER A 321 5.50 31.02 21.77
N PRO A 322 5.21 32.19 21.19
CA PRO A 322 5.98 33.39 21.54
C PRO A 322 5.90 33.77 23.01
N ASP A 323 4.72 33.68 23.62
CA ASP A 323 4.61 34.03 25.05
C ASP A 323 5.49 33.12 25.89
N ASP A 324 5.58 31.84 25.53
CA ASP A 324 6.40 30.92 26.32
C ASP A 324 7.88 31.18 26.12
N VAL A 325 8.30 31.41 24.87
CA VAL A 325 9.71 31.70 24.63
C VAL A 325 10.11 33.03 25.28
N LEU A 326 9.22 34.02 25.19
CA LEU A 326 9.50 35.30 25.84
C LEU A 326 9.63 35.15 27.34
N GLU A 327 8.78 34.31 27.94
CA GLU A 327 8.86 34.08 29.38
C GLU A 327 10.19 33.44 29.73
N PHE A 328 10.60 32.42 28.97
CA PHE A 328 11.93 31.85 29.17
C PHE A 328 13.01 32.92 29.08
N LEU A 329 12.89 33.80 28.08
CA LEU A 329 13.95 34.79 27.86
C LEU A 329 14.04 35.78 29.00
N LYS A 330 12.92 36.10 29.64
CA LYS A 330 12.99 36.97 30.82
C LYS A 330 13.71 36.28 31.96
N VAL A 331 13.50 34.97 32.13
CA VAL A 331 14.27 34.22 33.12
C VAL A 331 15.74 34.19 32.74
N TYR A 332 16.01 34.00 31.46
CA TYR A 332 17.39 33.98 30.98
C TYR A 332 18.10 35.29 31.29
N GLU A 333 17.46 36.42 31.00
CA GLU A 333 18.10 37.70 31.23
C GLU A 333 18.33 37.95 32.73
N LYS A 334 17.44 37.42 33.58
CA LYS A 334 17.59 37.59 35.02
C LYS A 334 18.86 36.92 35.53
N HIS A 335 19.23 35.78 34.95
CA HIS A 335 20.46 35.09 35.30
C HIS A 335 21.65 35.54 34.45
N SER A 336 21.46 36.51 33.56
CA SER A 336 22.55 37.03 32.74
C SER A 336 23.46 37.95 33.54
N ASP B 10 13.89 -20.27 9.40
CA ASP B 10 12.78 -20.06 8.47
C ASP B 10 12.04 -18.76 8.81
N VAL B 11 11.55 -18.08 7.76
CA VAL B 11 10.60 -16.99 7.97
C VAL B 11 9.41 -17.51 8.78
N ASN B 12 8.88 -16.65 9.64
CA ASN B 12 7.69 -17.01 10.41
C ASN B 12 6.74 -15.82 10.39
N THR B 13 5.46 -16.10 10.22
CA THR B 13 4.43 -15.07 10.25
C THR B 13 3.61 -15.24 11.51
N LEU B 14 2.89 -14.18 11.88
CA LEU B 14 1.99 -14.32 13.03
C LEU B 14 0.96 -15.41 12.79
N THR B 15 0.42 -15.50 11.57
CA THR B 15 -0.59 -16.51 11.25
C THR B 15 -0.01 -17.91 11.44
N ARG B 16 1.21 -18.14 10.94
CA ARG B 16 1.80 -19.46 11.07
C ARG B 16 2.17 -19.75 12.52
N PHE B 17 2.69 -18.74 13.21
CA PHE B 17 3.12 -18.90 14.60
C PHE B 17 1.94 -19.24 15.50
N VAL B 18 0.85 -18.49 15.38
CA VAL B 18 -0.33 -18.72 16.23
C VAL B 18 -0.90 -20.10 15.94
N MET B 19 -0.97 -20.46 14.67
CA MET B 19 -1.53 -21.76 14.31
C MET B 19 -0.69 -22.89 14.90
N GLU B 20 0.62 -22.76 14.84
CA GLU B 20 1.47 -23.84 15.36
C GLU B 20 1.39 -23.93 16.88
N GLU B 21 1.38 -22.79 17.57
CA GLU B 21 1.22 -22.85 19.02
C GLU B 21 -0.12 -23.46 19.40
N GLY B 22 -1.16 -23.21 18.60
CA GLY B 22 -2.45 -23.85 18.87
C GLY B 22 -2.42 -25.34 18.61
N ARG B 23 -1.65 -25.77 17.63
CA ARG B 23 -1.48 -27.21 17.39
C ARG B 23 -0.76 -27.87 18.55
N LYS B 24 0.34 -27.26 19.02
CA LYS B 24 1.07 -27.80 20.17
C LYS B 24 0.18 -27.86 21.41
N ALA B 25 -0.70 -26.89 21.58
CA ALA B 25 -1.59 -26.87 22.74
C ALA B 25 -2.71 -27.88 22.66
N ARG B 26 -2.93 -28.51 21.50
CA ARG B 26 -4.00 -29.48 21.31
C ARG B 26 -5.35 -28.85 21.63
N GLY B 27 -5.50 -27.57 21.30
CA GLY B 27 -6.77 -26.90 21.43
C GLY B 27 -7.71 -27.22 20.29
N THR B 28 -8.91 -26.68 20.39
CA THR B 28 -9.95 -26.91 19.40
C THR B 28 -9.90 -25.94 18.23
N GLY B 29 -8.98 -24.98 18.26
CA GLY B 29 -8.90 -23.97 17.21
C GLY B 29 -9.63 -22.70 17.51
N GLU B 30 -10.33 -22.62 18.64
CA GLU B 30 -11.14 -21.44 18.94
C GLU B 30 -10.26 -20.23 19.26
N LEU B 31 -9.28 -20.41 20.16
CA LEU B 31 -8.38 -19.29 20.47
C LEU B 31 -7.59 -18.88 19.24
N THR B 32 -7.20 -19.85 18.41
CA THR B 32 -6.52 -19.50 17.18
C THR B 32 -7.40 -18.61 16.30
N GLN B 33 -8.70 -18.93 16.18
CA GLN B 33 -9.58 -18.10 15.39
C GLN B 33 -9.73 -16.70 16.00
N LEU B 34 -9.80 -16.62 17.33
CA LEU B 34 -9.82 -15.32 17.99
C LEU B 34 -8.59 -14.51 17.61
N LEU B 35 -7.40 -15.12 17.70
CA LEU B 35 -6.17 -14.38 17.43
C LEU B 35 -6.06 -14.00 15.95
N ASN B 36 -6.46 -14.89 15.05
CA ASN B 36 -6.49 -14.53 13.62
C ASN B 36 -7.36 -13.31 13.40
N SER B 37 -8.52 -13.29 14.05
CA SER B 37 -9.47 -12.20 13.86
C SER B 37 -8.90 -10.89 14.38
N LEU B 38 -8.23 -10.95 15.54
CA LEU B 38 -7.58 -9.77 16.11
C LEU B 38 -6.46 -9.25 15.22
N CYS B 39 -5.65 -10.15 14.65
CA CYS B 39 -4.59 -9.74 13.73
C CYS B 39 -5.17 -8.99 12.53
N THR B 40 -6.28 -9.50 11.99
CA THR B 40 -6.93 -8.80 10.88
C THR B 40 -7.42 -7.41 11.30
N ALA B 41 -8.06 -7.32 12.47
CA ALA B 41 -8.48 -6.00 12.95
C ALA B 41 -7.30 -5.05 13.08
N VAL B 42 -6.18 -5.53 13.61
CA VAL B 42 -5.00 -4.68 13.79
C VAL B 42 -4.49 -4.18 12.44
N LYS B 43 -4.46 -5.05 11.44
CA LYS B 43 -4.04 -4.60 10.11
C LYS B 43 -4.97 -3.51 9.58
N ALA B 44 -6.28 -3.67 9.82
CA ALA B 44 -7.22 -2.66 9.34
C ALA B 44 -7.07 -1.35 10.10
N ILE B 45 -6.85 -1.44 11.42
CA ILE B 45 -6.59 -0.23 12.19
C ILE B 45 -5.34 0.48 11.66
N SER B 46 -4.27 -0.28 11.43
CA SER B 46 -3.04 0.35 10.94
C SER B 46 -3.27 1.09 9.63
N SER B 47 -4.00 0.47 8.70
CA SER B 47 -4.23 1.12 7.42
C SER B 47 -4.96 2.45 7.61
N ALA B 48 -5.98 2.48 8.48
CA ALA B 48 -6.71 3.72 8.75
C ALA B 48 -5.84 4.74 9.48
N VAL B 49 -5.04 4.26 10.43
CA VAL B 49 -4.17 5.15 11.19
C VAL B 49 -3.17 5.86 10.29
N ARG B 50 -2.63 5.15 9.29
CA ARG B 50 -1.70 5.74 8.33
C ARG B 50 -2.41 6.60 7.28
N LYS B 51 -3.73 6.73 7.38
CA LYS B 51 -4.54 7.70 6.61
C LYS B 51 -4.72 7.27 5.16
N ALA B 52 -4.70 5.97 4.88
CA ALA B 52 -5.09 5.50 3.55
C ALA B 52 -6.49 6.01 3.24
N GLY B 53 -6.66 6.57 2.04
CA GLY B 53 -7.94 7.09 1.62
C GLY B 53 -8.28 8.49 2.11
N ILE B 54 -7.38 9.16 2.83
CA ILE B 54 -7.70 10.52 3.30
C ILE B 54 -7.98 11.46 2.14
N ALA B 55 -7.45 11.17 0.94
CA ALA B 55 -7.71 12.05 -0.20
C ALA B 55 -9.20 12.12 -0.50
N HIS B 56 -9.92 11.03 -0.28
CA HIS B 56 -11.35 11.03 -0.52
C HIS B 56 -12.08 11.90 0.49
N LEU B 57 -11.60 11.92 1.73
CA LEU B 57 -12.20 12.80 2.73
C LEU B 57 -12.04 14.27 2.34
N TYR B 58 -10.95 14.59 1.65
CA TYR B 58 -10.65 15.97 1.27
C TYR B 58 -11.08 16.31 -0.15
N GLY B 59 -11.92 15.46 -0.77
CA GLY B 59 -12.64 15.84 -1.97
C GLY B 59 -12.02 15.45 -3.30
N ILE B 60 -11.16 14.44 -3.34
CA ILE B 60 -10.49 14.10 -4.59
C ILE B 60 -11.48 13.69 -5.67
N ALA B 61 -12.59 13.07 -5.29
CA ALA B 61 -13.62 12.69 -6.26
C ALA B 61 -14.80 13.65 -6.25
N GLY B 62 -14.61 14.87 -5.74
CA GLY B 62 -15.67 15.85 -5.75
C GLY B 62 -16.61 15.82 -4.57
N SER B 63 -16.29 15.07 -3.51
CA SER B 63 -17.09 15.05 -2.30
C SER B 63 -16.16 15.15 -1.09
N THR B 64 -16.35 16.19 -0.29
CA THR B 64 -15.60 16.35 0.94
C THR B 64 -16.46 15.94 2.14
N ASN B 65 -15.81 15.83 3.30
CA ASN B 65 -16.53 15.44 4.51
C ASN B 65 -15.66 15.58 5.75
N VAL B 66 -14.79 16.58 5.77
CA VAL B 66 -13.96 16.82 6.94
C VAL B 66 -14.81 17.49 8.01
N THR B 67 -15.68 16.70 8.65
CA THR B 67 -16.56 17.18 9.70
C THR B 67 -16.24 16.46 11.00
N GLY B 68 -16.62 17.08 12.10
CA GLY B 68 -16.37 16.48 13.41
C GLY B 68 -14.88 16.29 13.68
N ASP B 69 -14.61 15.34 14.57
CA ASP B 69 -13.24 15.08 14.93
C ASP B 69 -12.69 13.82 14.31
N GLN B 70 -11.72 13.97 13.45
CA GLN B 70 -11.19 12.83 12.77
C GLN B 70 -10.48 11.91 13.77
N VAL B 71 -9.94 12.51 14.82
CA VAL B 71 -9.28 11.69 15.83
C VAL B 71 -10.31 10.81 16.56
N LYS B 72 -11.44 11.41 16.94
CA LYS B 72 -12.47 10.63 17.61
C LYS B 72 -13.06 9.59 16.67
N LYS B 73 -13.28 9.96 15.41
CA LYS B 73 -13.84 9.00 14.46
C LYS B 73 -12.91 7.81 14.29
N LEU B 74 -11.58 8.03 14.30
CA LEU B 74 -10.65 6.93 14.12
C LEU B 74 -10.68 5.98 15.32
N ASP B 75 -10.80 6.52 16.54
CA ASP B 75 -10.99 5.68 17.72
C ASP B 75 -12.25 4.84 17.60
N VAL B 76 -13.35 5.44 17.13
CA VAL B 76 -14.61 4.71 17.01
C VAL B 76 -14.52 3.66 15.90
N LEU B 77 -13.89 4.01 14.78
CA LEU B 77 -13.72 3.03 13.72
C LEU B 77 -12.87 1.86 14.20
N SER B 78 -11.82 2.14 14.98
CA SER B 78 -10.97 1.08 15.51
C SER B 78 -11.76 0.17 16.43
N ASN B 79 -12.62 0.76 17.27
CA ASN B 79 -13.50 -0.02 18.12
C ASN B 79 -14.41 -0.90 17.29
N ASP B 80 -15.00 -0.33 16.23
CA ASP B 80 -15.89 -1.11 15.38
C ASP B 80 -15.16 -2.26 14.72
N LEU B 81 -13.91 -2.05 14.31
CA LEU B 81 -13.12 -3.12 13.71
C LEU B 81 -12.86 -4.24 14.70
N VAL B 82 -12.38 -3.91 15.91
CA VAL B 82 -12.11 -4.96 16.87
C VAL B 82 -13.40 -5.68 17.25
N MET B 83 -14.45 -4.90 17.56
CA MET B 83 -15.72 -5.51 17.96
C MET B 83 -16.23 -6.47 16.91
N ASN B 84 -16.28 -6.02 15.65
CA ASN B 84 -16.87 -6.86 14.63
C ASN B 84 -16.01 -8.07 14.34
N MET B 85 -14.69 -7.90 14.31
CA MET B 85 -13.83 -9.06 14.03
C MET B 85 -13.90 -10.08 15.15
N LEU B 86 -13.99 -9.61 16.40
CA LEU B 86 -14.07 -10.54 17.52
C LEU B 86 -15.43 -11.22 17.57
N LYS B 87 -16.51 -10.47 17.39
CA LYS B 87 -17.84 -11.08 17.36
C LYS B 87 -17.90 -12.18 16.32
N SER B 88 -17.43 -11.89 15.12
CA SER B 88 -17.53 -12.85 14.02
C SER B 88 -16.51 -13.98 14.09
N SER B 89 -15.60 -13.96 15.07
CA SER B 89 -14.69 -15.08 15.32
C SER B 89 -15.41 -16.30 15.90
N PHE B 90 -16.63 -16.12 16.45
CA PHE B 90 -17.37 -17.15 17.20
C PHE B 90 -16.56 -17.69 18.39
N ALA B 91 -15.59 -16.91 18.88
CA ALA B 91 -14.73 -17.33 19.97
C ALA B 91 -14.94 -16.54 21.24
N THR B 92 -15.79 -15.50 21.24
CA THR B 92 -15.91 -14.62 22.39
C THR B 92 -17.34 -14.56 22.91
N CYS B 93 -17.47 -14.14 24.16
CA CYS B 93 -18.80 -14.04 24.77
C CYS B 93 -19.01 -12.69 25.47
N VAL B 94 -17.94 -12.07 25.95
CA VAL B 94 -18.02 -10.77 26.65
C VAL B 94 -16.85 -9.91 26.18
N LEU B 95 -17.15 -8.67 25.80
CA LEU B 95 -16.14 -7.78 25.23
C LEU B 95 -16.19 -6.48 25.99
N VAL B 96 -15.07 -6.12 26.62
CA VAL B 96 -14.96 -4.87 27.37
C VAL B 96 -14.02 -3.96 26.61
N SER B 97 -14.50 -2.78 26.25
CA SER B 97 -13.71 -1.82 25.49
C SER B 97 -13.62 -0.51 26.26
N GLU B 98 -12.45 0.12 26.20
CA GLU B 98 -12.29 1.48 26.71
C GLU B 98 -13.34 2.42 26.12
N GLU B 99 -13.83 2.14 24.92
CA GLU B 99 -14.73 3.04 24.22
C GLU B 99 -16.19 2.88 24.61
N ASP B 100 -16.54 1.83 25.37
CA ASP B 100 -17.93 1.53 25.64
C ASP B 100 -18.21 1.55 27.13
N LYS B 101 -19.30 2.20 27.52
CA LYS B 101 -19.63 2.32 28.93
C LYS B 101 -19.86 0.96 29.58
N HIS B 102 -20.63 0.09 28.91
CA HIS B 102 -20.96 -1.22 29.44
C HIS B 102 -20.24 -2.31 28.67
N ALA B 103 -20.07 -3.45 29.32
CA ALA B 103 -19.54 -4.61 28.59
C ALA B 103 -20.52 -5.02 27.50
N ILE B 104 -19.96 -5.44 26.37
CA ILE B 104 -20.75 -5.91 25.25
C ILE B 104 -20.92 -7.41 25.39
N ILE B 105 -22.16 -7.87 25.37
CA ILE B 105 -22.46 -9.30 25.47
C ILE B 105 -22.70 -9.81 24.06
N VAL B 106 -21.90 -10.80 23.64
CA VAL B 106 -22.02 -11.34 22.29
C VAL B 106 -23.35 -12.06 22.14
N GLU B 107 -23.96 -11.94 20.95
CA GLU B 107 -25.24 -12.59 20.73
C GLU B 107 -25.07 -14.12 20.82
N PRO B 108 -26.10 -14.84 21.28
CA PRO B 108 -25.91 -16.27 21.62
C PRO B 108 -25.35 -17.13 20.49
N GLU B 109 -25.76 -16.89 19.25
CA GLU B 109 -25.33 -17.73 18.15
C GLU B 109 -23.84 -17.59 17.86
N LYS B 110 -23.21 -16.51 18.32
CA LYS B 110 -21.80 -16.26 18.02
C LYS B 110 -20.89 -16.41 19.24
N ARG B 111 -21.39 -16.99 20.32
CA ARG B 111 -20.64 -17.01 21.58
C ARG B 111 -19.62 -18.13 21.59
N GLY B 112 -18.37 -17.77 21.89
CA GLY B 112 -17.34 -18.70 22.29
C GLY B 112 -16.97 -18.52 23.75
N LYS B 113 -15.82 -19.09 24.13
CA LYS B 113 -15.43 -19.19 25.53
C LYS B 113 -14.71 -17.97 26.05
N TYR B 114 -14.22 -17.07 25.20
CA TYR B 114 -13.24 -16.10 25.64
C TYR B 114 -13.84 -14.74 25.94
N VAL B 115 -13.20 -14.06 26.89
CA VAL B 115 -13.54 -12.69 27.30
C VAL B 115 -12.37 -11.80 26.90
N VAL B 116 -12.64 -10.71 26.20
CA VAL B 116 -11.56 -9.85 25.72
C VAL B 116 -11.77 -8.45 26.24
N CYS B 117 -10.73 -7.90 26.86
CA CYS B 117 -10.70 -6.52 27.34
C CYS B 117 -9.74 -5.78 26.44
N PHE B 118 -10.14 -4.62 25.90
CA PHE B 118 -9.19 -3.98 24.99
C PHE B 118 -9.39 -2.48 24.96
N ASP B 119 -8.30 -1.79 24.60
CA ASP B 119 -8.37 -0.38 24.24
C ASP B 119 -8.08 -0.32 22.74
N PRO B 120 -9.06 -0.03 21.89
CA PRO B 120 -8.82 -0.21 20.45
C PRO B 120 -7.88 0.81 19.85
N LEU B 121 -7.85 2.02 20.40
CA LEU B 121 -6.94 3.07 19.98
C LEU B 121 -7.02 4.16 21.01
N ASP B 122 -5.92 4.90 21.15
CA ASP B 122 -5.78 5.95 22.15
C ASP B 122 -5.54 7.31 21.49
N GLY B 123 -6.14 7.53 20.32
CA GLY B 123 -5.96 8.81 19.65
C GLY B 123 -6.53 9.96 20.45
N SER B 124 -7.75 9.80 20.97
CA SER B 124 -8.42 10.89 21.67
C SER B 124 -7.86 11.14 23.06
N SER B 125 -7.21 10.15 23.66
CA SER B 125 -6.66 10.34 24.99
C SER B 125 -5.22 10.85 24.97
N ASN B 126 -4.56 10.83 23.82
CA ASN B 126 -3.13 11.12 23.71
C ASN B 126 -2.92 12.36 22.88
N ILE B 127 -2.22 13.34 23.46
CA ILE B 127 -1.92 14.56 22.71
C ILE B 127 -0.96 14.26 21.57
N ASP B 128 -0.10 13.25 21.72
CA ASP B 128 0.84 12.87 20.67
C ASP B 128 0.23 11.87 19.68
N CYS B 129 -1.02 12.11 19.24
CA CYS B 129 -1.71 11.12 18.40
C CYS B 129 -1.03 10.97 17.05
N LEU B 130 -0.36 12.02 16.55
CA LEU B 130 0.39 11.90 15.30
C LEU B 130 1.71 11.18 15.50
N VAL B 131 2.23 11.21 16.71
CA VAL B 131 3.52 10.55 16.98
C VAL B 131 3.33 9.03 16.97
N SER B 132 2.40 8.54 17.79
CA SER B 132 2.16 7.11 17.95
C SER B 132 0.81 6.90 18.60
N VAL B 133 0.09 5.88 18.15
CA VAL B 133 -1.11 5.39 18.82
C VAL B 133 -0.94 3.87 18.93
N GLY B 134 -1.84 3.24 19.69
CA GLY B 134 -1.71 1.80 19.85
C GLY B 134 -3.02 1.14 20.24
N THR B 135 -3.01 -0.18 20.15
CA THR B 135 -4.13 -1.05 20.54
C THR B 135 -3.62 -1.95 21.66
N ILE B 136 -4.39 -2.10 22.73
CA ILE B 136 -4.00 -2.97 23.84
C ILE B 136 -5.09 -4.02 24.05
N PHE B 137 -4.69 -5.27 24.32
CA PHE B 137 -5.70 -6.31 24.52
C PHE B 137 -5.28 -7.32 25.58
N GLY B 138 -6.28 -7.88 26.26
CA GLY B 138 -6.08 -8.98 27.21
C GLY B 138 -7.20 -9.99 27.02
N ILE B 139 -6.85 -11.28 26.97
CA ILE B 139 -7.80 -12.35 26.65
C ILE B 139 -7.89 -13.29 27.83
N TYR B 140 -9.12 -13.53 28.31
CA TYR B 140 -9.43 -14.45 29.40
C TYR B 140 -10.33 -15.57 28.93
N ARG B 141 -10.29 -16.70 29.64
CA ARG B 141 -11.31 -17.72 29.50
C ARG B 141 -12.46 -17.41 30.46
N LYS B 142 -13.70 -17.52 29.99
CA LYS B 142 -14.85 -17.40 30.90
C LYS B 142 -14.72 -18.47 31.98
N LYS B 143 -14.93 -18.08 33.24
CA LYS B 143 -14.65 -19.00 34.36
C LYS B 143 -15.90 -19.65 34.94
N SER B 144 -17.07 -19.12 34.64
CA SER B 144 -18.32 -19.65 35.15
C SER B 144 -19.25 -20.02 34.01
N THR B 145 -20.21 -20.89 34.30
CA THR B 145 -21.25 -21.22 33.33
C THR B 145 -22.47 -20.32 33.42
N ASP B 146 -22.42 -19.26 34.24
CA ASP B 146 -23.51 -18.29 34.29
C ASP B 146 -23.74 -17.65 32.92
N GLU B 147 -24.96 -17.16 32.72
CA GLU B 147 -25.22 -16.32 31.55
C GLU B 147 -24.15 -15.23 31.48
N PRO B 148 -23.58 -14.96 30.31
CA PRO B 148 -22.45 -14.01 30.24
C PRO B 148 -22.85 -12.61 30.66
N SER B 149 -21.93 -11.94 31.34
CA SER B 149 -22.17 -10.63 31.91
C SER B 149 -20.84 -9.93 32.13
N GLU B 150 -20.91 -8.65 32.54
CA GLU B 150 -19.71 -7.90 32.87
C GLU B 150 -18.85 -8.62 33.91
N LYS B 151 -19.47 -9.43 34.77
CA LYS B 151 -18.69 -10.08 35.81
C LYS B 151 -17.69 -11.08 35.26
N ASP B 152 -17.90 -11.57 34.03
CA ASP B 152 -16.92 -12.45 33.43
C ASP B 152 -15.62 -11.73 33.10
N ALA B 153 -15.64 -10.42 33.02
CA ALA B 153 -14.42 -9.64 32.78
C ALA B 153 -13.74 -9.21 34.06
N LEU B 154 -14.33 -9.50 35.23
CA LEU B 154 -13.71 -9.10 36.50
C LEU B 154 -12.76 -10.16 37.04
N GLN B 155 -11.83 -10.56 36.23
CA GLN B 155 -10.82 -11.52 36.64
C GLN B 155 -9.49 -10.80 36.91
N PRO B 156 -8.70 -11.28 37.85
CA PRO B 156 -7.35 -10.73 38.02
C PRO B 156 -6.49 -11.05 36.81
N GLY B 157 -5.53 -10.17 36.54
CA GLY B 157 -4.66 -10.35 35.40
C GLY B 157 -3.89 -11.67 35.40
N ARG B 158 -3.68 -12.25 36.59
CA ARG B 158 -3.04 -13.57 36.68
C ARG B 158 -3.78 -14.61 35.86
N ASN B 159 -5.07 -14.39 35.60
CA ASN B 159 -5.88 -15.32 34.83
C ASN B 159 -5.74 -15.16 33.32
N LEU B 160 -4.92 -14.21 32.84
CA LEU B 160 -4.84 -13.98 31.40
C LEU B 160 -4.34 -15.22 30.69
N VAL B 161 -4.93 -15.49 29.51
CA VAL B 161 -4.45 -16.52 28.59
C VAL B 161 -3.48 -15.93 27.58
N ALA B 162 -3.73 -14.70 27.16
CA ALA B 162 -2.89 -14.01 26.20
C ALA B 162 -3.11 -12.52 26.38
N ALA B 163 -2.09 -11.73 26.06
CA ALA B 163 -2.24 -10.28 26.11
C ALA B 163 -1.15 -9.67 25.23
N GLY B 164 -1.32 -8.39 24.91
CA GLY B 164 -0.31 -7.74 24.12
C GLY B 164 -0.82 -6.44 23.56
N TYR B 165 -0.16 -5.97 22.51
CA TYR B 165 -0.50 -4.66 22.00
C TYR B 165 -0.01 -4.55 20.56
N ALA B 166 -0.55 -3.56 19.86
CA ALA B 166 -0.04 -3.15 18.56
C ALA B 166 0.38 -1.70 18.68
N LEU B 167 1.58 -1.40 18.20
CA LEU B 167 2.12 -0.05 18.20
C LEU B 167 2.08 0.44 16.76
N TYR B 168 1.35 1.52 16.50
CA TYR B 168 1.32 2.11 15.16
C TYR B 168 2.26 3.31 15.21
N GLY B 169 3.55 3.02 15.07
CA GLY B 169 4.59 4.02 15.19
C GLY B 169 5.27 4.26 13.86
N SER B 170 6.60 4.38 13.86
CA SER B 170 7.32 4.51 12.59
C SER B 170 7.01 3.31 11.70
N ALA B 171 6.91 2.12 12.29
CA ALA B 171 6.31 0.96 11.67
C ALA B 171 5.25 0.39 12.62
N THR B 172 4.47 -0.57 12.15
CA THR B 172 3.46 -1.20 12.98
C THR B 172 4.01 -2.51 13.50
N MET B 173 4.00 -2.68 14.83
CA MET B 173 4.48 -3.91 15.44
C MET B 173 3.42 -4.46 16.37
N LEU B 174 3.24 -5.77 16.35
CA LEU B 174 2.37 -6.47 17.27
C LEU B 174 3.21 -7.28 18.24
N VAL B 175 2.97 -7.09 19.53
CA VAL B 175 3.67 -7.81 20.59
C VAL B 175 2.64 -8.72 21.24
N LEU B 176 2.92 -10.02 21.28
CA LEU B 176 1.97 -11.01 21.79
C LEU B 176 2.65 -11.77 22.91
N ALA B 177 2.03 -11.78 24.09
CA ALA B 177 2.53 -12.53 25.23
C ALA B 177 1.55 -13.66 25.54
N MET B 178 2.08 -14.86 25.74
CA MET B 178 1.31 -16.01 26.23
C MET B 178 2.21 -16.76 27.20
N ASP B 179 1.80 -17.98 27.56
CA ASP B 179 2.64 -18.75 28.47
C ASP B 179 3.99 -19.10 27.84
N CYS B 180 4.06 -19.22 26.51
CA CYS B 180 5.32 -19.51 25.84
C CYS B 180 6.31 -18.35 25.85
N GLY B 181 5.91 -17.17 26.30
CA GLY B 181 6.79 -16.01 26.31
C GLY B 181 6.26 -14.84 25.51
N VAL B 182 7.13 -13.87 25.20
CA VAL B 182 6.75 -12.66 24.49
C VAL B 182 7.41 -12.69 23.11
N ASN B 183 6.61 -12.45 22.07
CA ASN B 183 7.12 -12.46 20.71
C ASN B 183 6.66 -11.21 19.97
N CYS B 184 7.56 -10.65 19.16
CA CYS B 184 7.33 -9.37 18.50
C CYS B 184 7.29 -9.56 16.99
N PHE B 185 6.27 -8.99 16.35
CA PHE B 185 6.04 -9.20 14.91
C PHE B 185 5.95 -7.84 14.22
N MET B 186 6.65 -7.68 13.12
CA MET B 186 6.60 -6.44 12.35
C MET B 186 5.66 -6.58 11.17
N LEU B 187 4.72 -5.64 11.02
CA LEU B 187 3.81 -5.66 9.89
C LEU B 187 4.55 -5.22 8.63
N ASP B 188 4.55 -6.08 7.62
CA ASP B 188 5.02 -5.75 6.28
C ASP B 188 3.81 -5.29 5.48
N PRO B 189 3.66 -3.98 5.23
CA PRO B 189 2.45 -3.50 4.56
C PRO B 189 2.38 -3.87 3.09
N ALA B 190 3.49 -4.30 2.50
CA ALA B 190 3.43 -4.73 1.10
C ALA B 190 2.61 -6.00 0.93
N ILE B 191 2.53 -6.83 1.96
CA ILE B 191 1.84 -8.12 1.88
C ILE B 191 0.86 -8.36 3.00
N GLY B 192 0.70 -7.43 3.94
CA GLY B 192 -0.22 -7.64 5.03
C GLY B 192 0.10 -8.85 5.88
N GLU B 193 1.36 -8.96 6.27
CA GLU B 193 1.87 -10.08 7.04
C GLU B 193 2.66 -9.54 8.21
N PHE B 194 2.38 -10.03 9.42
CA PHE B 194 3.21 -9.75 10.59
C PHE B 194 4.36 -10.74 10.63
N ILE B 195 5.58 -10.25 10.48
CA ILE B 195 6.77 -11.08 10.40
C ILE B 195 7.41 -11.19 11.78
N LEU B 196 7.70 -12.41 12.22
CA LEU B 196 8.34 -12.58 13.53
C LEU B 196 9.76 -12.01 13.47
N VAL B 197 10.05 -11.01 14.29
CA VAL B 197 11.35 -10.35 14.26
C VAL B 197 12.10 -10.41 15.59
N ASP B 198 11.44 -10.71 16.70
CA ASP B 198 12.13 -10.85 17.99
C ASP B 198 11.41 -11.94 18.77
N LYS B 199 12.11 -13.04 19.06
CA LYS B 199 11.49 -14.21 19.67
C LYS B 199 11.82 -14.29 21.15
N ASP B 200 10.81 -14.61 21.96
CA ASP B 200 11.01 -14.92 23.37
C ASP B 200 11.78 -13.81 24.07
N VAL B 201 11.29 -12.58 23.93
CA VAL B 201 12.08 -11.43 24.33
C VAL B 201 12.05 -11.28 25.85
N LYS B 202 13.17 -10.77 26.38
CA LYS B 202 13.36 -10.54 27.81
C LYS B 202 13.85 -9.12 28.03
N ILE B 203 13.31 -8.47 29.04
CA ILE B 203 13.71 -7.10 29.38
C ILE B 203 15.03 -7.13 30.15
N LYS B 204 15.82 -6.08 29.96
CA LYS B 204 17.06 -5.90 30.72
C LYS B 204 16.76 -5.88 32.22
N LYS B 205 17.70 -6.40 33.01
CA LYS B 205 17.50 -6.41 34.46
C LYS B 205 17.45 -5.00 35.03
N LYS B 206 18.23 -4.09 34.46
CA LYS B 206 18.25 -2.70 34.88
C LYS B 206 18.43 -1.82 33.65
N GLY B 207 17.68 -0.71 33.60
CA GLY B 207 17.73 0.21 32.50
C GLY B 207 18.34 1.55 32.89
N LYS B 208 18.21 2.52 31.95
CA LYS B 208 18.81 3.85 32.11
C LYS B 208 17.85 4.95 31.65
N ILE B 209 16.55 4.66 31.57
CA ILE B 209 15.52 5.59 31.12
C ILE B 209 14.37 5.49 32.10
N TYR B 210 13.83 6.65 32.50
CA TYR B 210 12.59 6.70 33.26
C TYR B 210 11.54 7.47 32.47
N SER B 211 10.27 7.12 32.70
CA SER B 211 9.19 7.60 31.85
C SER B 211 7.98 7.92 32.72
N LEU B 212 7.66 9.20 32.86
CA LEU B 212 6.41 9.63 33.49
C LEU B 212 6.17 11.09 33.15
N ASN B 213 4.93 11.55 33.35
CA ASN B 213 4.58 12.95 33.11
C ASN B 213 5.03 13.77 34.32
N GLU B 214 6.14 14.48 34.19
CA GLU B 214 6.65 15.28 35.31
C GLU B 214 5.88 16.59 35.48
N GLY B 215 4.92 16.87 34.59
CA GLY B 215 4.05 18.01 34.84
C GLY B 215 3.15 17.83 36.03
N TYR B 216 2.94 16.59 36.47
CA TYR B 216 2.19 16.32 37.69
C TYR B 216 3.03 16.49 38.95
N ALA B 217 4.27 17.00 38.84
CA ALA B 217 5.20 16.98 39.97
C ALA B 217 4.60 17.61 41.22
N LYS B 218 3.82 18.68 41.08
CA LYS B 218 3.24 19.34 42.25
C LYS B 218 2.32 18.39 43.02
N ASP B 219 1.75 17.40 42.35
CA ASP B 219 0.82 16.46 42.97
C ASP B 219 1.47 15.14 43.33
N PHE B 220 2.76 14.96 43.01
CA PHE B 220 3.42 13.68 43.24
C PHE B 220 3.35 13.25 44.69
N ASP B 221 3.17 11.95 44.88
CA ASP B 221 3.47 11.32 46.15
C ASP B 221 4.93 11.60 46.52
N PRO B 222 5.24 11.86 47.80
CA PRO B 222 6.65 12.08 48.17
C PRO B 222 7.60 10.97 47.73
N ALA B 223 7.16 9.71 47.68
CA ALA B 223 8.04 8.64 47.23
C ALA B 223 8.39 8.79 45.75
N VAL B 224 7.42 9.23 44.93
CA VAL B 224 7.71 9.43 43.51
C VAL B 224 8.68 10.59 43.33
N THR B 225 8.45 11.69 44.05
CA THR B 225 9.38 12.80 44.01
C THR B 225 10.81 12.35 44.32
N GLU B 226 10.97 11.59 45.41
CA GLU B 226 12.32 11.19 45.80
C GLU B 226 12.93 10.23 44.79
N TYR B 227 12.15 9.26 44.30
CA TYR B 227 12.70 8.30 43.35
C TYR B 227 13.16 9.01 42.07
N ILE B 228 12.35 9.92 41.53
CA ILE B 228 12.75 10.63 40.32
C ILE B 228 13.96 11.52 40.58
N GLN B 229 14.00 12.15 41.77
CA GLN B 229 15.18 12.92 42.15
C GLN B 229 16.43 12.05 42.10
N ARG B 230 16.32 10.79 42.54
CA ARG B 230 17.48 9.89 42.50
C ARG B 230 17.86 9.49 41.08
N LYS B 231 16.89 9.48 40.15
CA LYS B 231 17.24 9.19 38.75
C LYS B 231 18.01 10.34 38.13
N LYS B 232 17.69 11.58 38.54
CA LYS B 232 18.35 12.78 38.01
C LYS B 232 19.63 13.12 38.73
N PHE B 233 19.70 12.84 40.03
CA PHE B 233 20.84 13.19 40.88
C PHE B 233 21.21 11.92 41.64
N PRO B 234 21.84 10.96 40.98
CA PRO B 234 22.11 9.67 41.61
C PRO B 234 22.97 9.85 42.86
N PRO B 235 22.53 9.32 43.99
CA PRO B 235 23.31 9.51 45.24
C PRO B 235 24.73 9.01 45.14
N ASP B 236 25.02 8.05 44.27
CA ASP B 236 26.35 7.50 44.09
C ASP B 236 27.10 8.14 42.93
N ASN B 237 26.57 9.23 42.37
CA ASN B 237 27.19 9.95 41.25
C ASN B 237 27.40 9.05 40.02
N SER B 238 26.61 7.99 39.88
CA SER B 238 26.51 7.32 38.60
C SER B 238 25.82 8.25 37.59
N ALA B 239 25.79 7.83 36.34
CA ALA B 239 25.21 8.67 35.30
C ALA B 239 23.70 8.81 35.52
N PRO B 240 23.16 10.02 35.48
CA PRO B 240 21.70 10.18 35.56
C PRO B 240 21.00 9.40 34.46
N TYR B 241 19.80 8.93 34.76
CA TYR B 241 18.96 8.33 33.74
C TYR B 241 18.52 9.39 32.73
N GLY B 242 18.25 8.95 31.51
CA GLY B 242 17.53 9.80 30.58
C GLY B 242 16.03 9.71 30.80
N ALA B 243 15.31 10.72 30.32
CA ALA B 243 13.87 10.80 30.44
C ALA B 243 13.22 10.71 29.06
N ARG B 244 12.13 9.95 28.97
CA ARG B 244 11.29 9.91 27.77
C ARG B 244 9.83 9.77 28.20
N TYR B 245 8.94 10.51 27.56
CA TYR B 245 7.52 10.35 27.86
C TYR B 245 6.72 10.77 26.64
N VAL B 246 6.20 9.77 25.92
CA VAL B 246 5.36 10.06 24.75
C VAL B 246 3.94 10.42 25.16
N GLY B 247 3.46 9.87 26.28
CA GLY B 247 2.07 10.04 26.67
C GLY B 247 1.11 9.11 25.98
N SER B 248 1.61 8.11 25.25
CA SER B 248 0.78 7.03 24.73
C SER B 248 1.31 5.75 25.36
N MET B 249 0.45 5.02 26.06
CA MET B 249 0.93 3.93 26.90
C MET B 249 1.68 2.88 26.09
N VAL B 250 1.18 2.52 24.90
CA VAL B 250 1.86 1.50 24.11
C VAL B 250 3.27 1.95 23.73
N ALA B 251 3.43 3.21 23.34
CA ALA B 251 4.74 3.70 22.95
C ALA B 251 5.71 3.69 24.14
N ASP B 252 5.26 4.20 25.28
CA ASP B 252 6.14 4.26 26.44
C ASP B 252 6.46 2.88 26.99
N VAL B 253 5.47 1.97 27.01
CA VAL B 253 5.73 0.62 27.51
C VAL B 253 6.64 -0.14 26.54
N HIS B 254 6.41 0.01 25.23
CA HIS B 254 7.26 -0.71 24.29
C HIS B 254 8.70 -0.27 24.40
N ARG B 255 8.94 1.05 24.54
CA ARG B 255 10.31 1.50 24.73
C ARG B 255 10.92 0.88 25.97
N THR B 256 10.12 0.78 27.04
CA THR B 256 10.61 0.17 28.27
C THR B 256 10.99 -1.29 28.06
N LEU B 257 10.18 -2.03 27.29
CA LEU B 257 10.51 -3.41 26.99
C LEU B 257 11.80 -3.52 26.19
N VAL B 258 11.95 -2.69 25.15
CA VAL B 258 13.06 -2.82 24.21
C VAL B 258 14.37 -2.33 24.82
N TYR B 259 14.35 -1.21 25.54
CA TYR B 259 15.58 -0.62 26.05
C TYR B 259 15.79 -0.86 27.55
N GLY B 260 14.75 -1.28 28.27
CA GLY B 260 14.82 -1.37 29.71
C GLY B 260 14.56 -0.03 30.38
N GLY B 261 14.39 -0.07 31.69
CA GLY B 261 14.08 1.11 32.46
C GLY B 261 12.74 0.99 33.16
N ILE B 262 12.09 2.14 33.38
CA ILE B 262 10.90 2.16 34.21
C ILE B 262 9.88 3.13 33.65
N PHE B 263 8.62 2.75 33.75
CA PHE B 263 7.49 3.58 33.35
C PHE B 263 6.59 3.71 34.57
N LEU B 264 6.14 4.93 34.85
CA LEU B 264 5.33 5.18 36.04
C LEU B 264 4.07 5.97 35.69
N TYR B 265 2.93 5.47 36.14
CA TYR B 265 1.71 6.27 36.27
C TYR B 265 1.17 5.96 37.67
N PRO B 266 1.77 6.55 38.69
CA PRO B 266 1.52 6.12 40.07
C PRO B 266 0.35 6.84 40.72
N ALA B 267 -0.03 6.34 41.89
CA ALA B 267 -1.09 6.96 42.66
C ALA B 267 -0.58 8.21 43.35
N ASN B 268 -1.51 9.10 43.69
CA ASN B 268 -1.21 10.23 44.56
C ASN B 268 -2.50 10.57 45.32
N LYS B 269 -2.44 11.59 46.16
CA LYS B 269 -3.57 11.86 47.03
C LYS B 269 -4.80 12.25 46.23
N LYS B 270 -4.62 12.98 45.12
CA LYS B 270 -5.74 13.35 44.29
C LYS B 270 -6.22 12.20 43.40
N SER B 271 -5.36 11.22 43.14
CA SER B 271 -5.69 10.07 42.30
C SER B 271 -5.21 8.81 43.01
N PRO B 272 -5.93 8.39 44.06
CA PRO B 272 -5.43 7.27 44.89
C PRO B 272 -5.41 5.93 44.17
N ASN B 273 -6.14 5.78 43.06
CA ASN B 273 -6.07 4.59 42.25
C ASN B 273 -5.33 4.81 40.93
N GLY B 274 -4.55 5.89 40.84
CA GLY B 274 -3.85 6.18 39.59
C GLY B 274 -4.83 6.71 38.55
N LYS B 275 -4.37 6.71 37.30
CA LYS B 275 -5.15 7.21 36.17
C LYS B 275 -5.46 6.15 35.13
N LEU B 276 -4.51 5.25 34.87
CA LEU B 276 -4.74 4.23 33.84
C LEU B 276 -5.74 3.19 34.34
N ARG B 277 -6.32 2.47 33.38
CA ARG B 277 -7.41 1.54 33.64
C ARG B 277 -6.86 0.13 33.78
N LEU B 278 -7.35 -0.59 34.80
CA LEU B 278 -6.80 -1.92 35.08
C LEU B 278 -7.06 -2.91 33.96
N LEU B 279 -8.29 -2.98 33.45
CA LEU B 279 -8.67 -4.13 32.65
C LEU B 279 -7.99 -4.15 31.29
N TYR B 280 -7.86 -2.98 30.64
CA TYR B 280 -7.39 -2.96 29.26
C TYR B 280 -6.18 -2.05 29.06
N GLU B 281 -5.55 -1.57 30.14
CA GLU B 281 -4.27 -0.86 30.04
C GLU B 281 -3.25 -1.50 30.96
N CYS B 282 -3.52 -1.50 32.28
CA CYS B 282 -2.52 -1.99 33.23
C CYS B 282 -2.32 -3.50 33.17
N ASN B 283 -3.40 -4.29 33.17
CA ASN B 283 -3.22 -5.74 33.20
C ASN B 283 -2.52 -6.29 31.95
N PRO B 284 -2.92 -5.94 30.72
CA PRO B 284 -2.17 -6.47 29.57
C PRO B 284 -0.70 -6.09 29.60
N MET B 285 -0.38 -4.84 29.94
CA MET B 285 1.02 -4.43 29.98
C MET B 285 1.78 -5.12 31.12
N ALA B 286 1.13 -5.30 32.27
CA ALA B 286 1.75 -6.03 33.36
C ALA B 286 2.05 -7.48 32.96
N TYR B 287 1.14 -8.09 32.19
CA TYR B 287 1.35 -9.47 31.76
C TYR B 287 2.50 -9.58 30.76
N VAL B 288 2.55 -8.67 29.78
CA VAL B 288 3.71 -8.64 28.88
C VAL B 288 5.00 -8.48 29.68
N MET B 289 5.00 -7.56 30.64
CA MET B 289 6.20 -7.31 31.42
C MET B 289 6.64 -8.55 32.18
N GLU B 290 5.70 -9.21 32.88
CA GLU B 290 6.09 -10.35 33.71
C GLU B 290 6.57 -11.51 32.84
N LYS B 291 5.90 -11.75 31.70
CA LYS B 291 6.36 -12.80 30.79
C LYS B 291 7.72 -12.49 30.17
N ALA B 292 8.12 -11.21 30.12
CA ALA B 292 9.44 -10.81 29.66
C ALA B 292 10.47 -10.74 30.78
N GLY B 293 10.14 -11.21 31.98
CA GLY B 293 11.06 -11.10 33.11
C GLY B 293 11.08 -9.75 33.79
N GLY B 294 10.11 -8.88 33.51
CA GLY B 294 10.00 -7.61 34.18
C GLY B 294 9.02 -7.64 35.33
N MET B 295 8.71 -6.46 35.85
CA MET B 295 7.82 -6.34 37.00
C MET B 295 6.77 -5.27 36.73
N ALA B 296 5.65 -5.38 37.43
CA ALA B 296 4.57 -4.39 37.32
C ALA B 296 3.84 -4.34 38.65
N THR B 297 3.96 -3.21 39.36
CA THR B 297 3.39 -3.08 40.69
C THR B 297 2.47 -1.86 40.75
N THR B 298 1.50 -1.90 41.68
CA THR B 298 0.73 -0.70 42.02
C THR B 298 1.45 0.15 43.04
N GLY B 299 2.53 -0.36 43.62
CA GLY B 299 3.10 0.21 44.82
C GLY B 299 2.81 -0.69 46.01
N LYS B 300 1.59 -1.23 46.07
CA LYS B 300 1.16 -2.07 47.17
C LYS B 300 1.08 -3.56 46.84
N GLU B 301 0.95 -3.92 45.56
CA GLU B 301 0.85 -5.32 45.17
C GLU B 301 1.12 -5.42 43.67
N ALA B 302 1.28 -6.65 43.19
CA ALA B 302 1.40 -6.84 41.75
C ALA B 302 0.11 -6.46 41.05
N VAL B 303 0.24 -5.74 39.93
CA VAL B 303 -0.94 -5.38 39.14
C VAL B 303 -1.80 -6.61 38.83
N LEU B 304 -1.15 -7.72 38.47
CA LEU B 304 -1.87 -8.92 38.05
C LEU B 304 -2.64 -9.58 39.18
N ASP B 305 -2.41 -9.21 40.44
CA ASP B 305 -3.17 -9.79 41.54
C ASP B 305 -4.36 -8.95 41.98
N VAL B 306 -4.53 -7.76 41.43
CA VAL B 306 -5.70 -6.96 41.78
C VAL B 306 -6.95 -7.66 41.27
N ILE B 307 -7.92 -7.88 42.15
CA ILE B 307 -9.21 -8.44 41.76
C ILE B 307 -10.14 -7.26 41.49
N PRO B 308 -10.49 -7.00 40.23
CA PRO B 308 -11.31 -5.81 39.94
C PRO B 308 -12.76 -6.00 40.38
N THR B 309 -13.40 -4.86 40.68
CA THR B 309 -14.83 -4.82 40.94
C THR B 309 -15.63 -4.00 39.95
N ASP B 310 -14.96 -3.24 39.07
CA ASP B 310 -15.61 -2.35 38.10
C ASP B 310 -14.82 -2.46 36.81
N ILE B 311 -15.51 -2.65 35.68
CA ILE B 311 -14.77 -2.90 34.43
C ILE B 311 -13.91 -1.73 34.01
N HIS B 312 -14.24 -0.51 34.45
CA HIS B 312 -13.44 0.66 34.09
C HIS B 312 -12.58 1.17 35.25
N GLN B 313 -12.36 0.35 36.27
CA GLN B 313 -11.64 0.86 37.42
C GLN B 313 -10.20 1.16 37.07
N ARG B 314 -9.65 2.14 37.77
CA ARG B 314 -8.27 2.57 37.59
C ARG B 314 -7.33 1.77 38.48
N ALA B 315 -6.06 1.71 38.07
CA ALA B 315 -5.02 1.14 38.92
C ALA B 315 -3.73 1.92 38.71
N PRO B 316 -2.96 2.16 39.78
CA PRO B 316 -1.61 2.69 39.60
C PRO B 316 -0.73 1.64 38.96
N VAL B 317 0.29 2.09 38.25
CA VAL B 317 1.20 1.10 37.64
C VAL B 317 2.60 1.69 37.57
N ILE B 318 3.56 0.89 38.03
CA ILE B 318 4.98 1.15 37.89
C ILE B 318 5.55 -0.15 37.34
N LEU B 319 6.13 -0.11 36.15
CA LEU B 319 6.54 -1.35 35.51
C LEU B 319 7.88 -1.17 34.81
N GLY B 320 8.49 -2.30 34.46
CA GLY B 320 9.72 -2.28 33.70
C GLY B 320 10.77 -3.22 34.20
N SER B 321 12.03 -2.82 34.06
CA SER B 321 13.15 -3.66 34.47
C SER B 321 13.06 -3.98 35.95
N PRO B 322 13.32 -5.22 36.36
CA PRO B 322 13.09 -5.59 37.77
C PRO B 322 13.94 -4.81 38.76
N ASP B 323 15.22 -4.57 38.48
CA ASP B 323 16.02 -3.81 39.43
C ASP B 323 15.48 -2.39 39.60
N ASP B 324 14.92 -1.81 38.54
CA ASP B 324 14.38 -0.46 38.65
C ASP B 324 13.07 -0.45 39.43
N VAL B 325 12.19 -1.41 39.15
CA VAL B 325 10.93 -1.45 39.88
C VAL B 325 11.20 -1.77 41.36
N LEU B 326 12.16 -2.65 41.64
CA LEU B 326 12.48 -2.96 43.04
C LEU B 326 13.05 -1.74 43.74
N GLU B 327 13.85 -0.93 43.03
CA GLU B 327 14.37 0.29 43.63
C GLU B 327 13.25 1.29 43.92
N PHE B 328 12.30 1.43 42.98
CA PHE B 328 11.13 2.25 43.29
C PHE B 328 10.42 1.77 44.55
N LEU B 329 10.22 0.45 44.67
CA LEU B 329 9.51 -0.08 45.82
C LEU B 329 10.28 0.16 47.12
N LYS B 330 11.62 0.17 47.04
CA LYS B 330 12.41 0.54 48.21
C LYS B 330 12.10 1.96 48.67
N VAL B 331 12.04 2.90 47.71
CA VAL B 331 11.71 4.28 48.05
C VAL B 331 10.27 4.40 48.49
N TYR B 332 9.36 3.67 47.81
CA TYR B 332 7.95 3.67 48.20
C TYR B 332 7.78 3.19 49.63
N GLU B 333 8.48 2.11 50.00
CA GLU B 333 8.42 1.58 51.36
C GLU B 333 8.94 2.60 52.37
N LYS B 334 10.00 3.32 52.01
CA LYS B 334 10.57 4.33 52.90
C LYS B 334 9.54 5.36 53.35
N HIS B 335 8.56 5.65 52.49
CA HIS B 335 7.53 6.64 52.78
C HIS B 335 6.22 6.03 53.27
N SER B 336 6.12 4.72 53.38
CA SER B 336 4.87 4.09 53.81
C SER B 336 4.82 3.96 55.33
N ASP C 10 20.00 8.19 -14.73
CA ASP C 10 19.26 8.86 -13.66
C ASP C 10 17.80 8.42 -13.64
N VAL C 11 17.29 8.14 -12.44
CA VAL C 11 15.86 7.85 -12.29
C VAL C 11 15.04 9.04 -12.80
N ASN C 12 13.88 8.76 -13.37
CA ASN C 12 12.97 9.84 -13.73
C ASN C 12 11.55 9.45 -13.35
N THR C 13 10.80 10.42 -12.86
CA THR C 13 9.40 10.22 -12.53
C THR C 13 8.55 10.96 -13.55
N LEU C 14 7.27 10.58 -13.61
CA LEU C 14 6.34 11.31 -14.48
C LEU C 14 6.29 12.79 -14.08
N THR C 15 6.26 13.06 -12.78
CA THR C 15 6.18 14.44 -12.32
C THR C 15 7.38 15.25 -12.79
N ARG C 16 8.58 14.68 -12.65
CA ARG C 16 9.78 15.41 -13.06
C ARG C 16 9.86 15.52 -14.57
N PHE C 17 9.50 14.45 -15.27
CA PHE C 17 9.54 14.45 -16.73
C PHE C 17 8.61 15.51 -17.30
N VAL C 18 7.35 15.50 -16.86
CA VAL C 18 6.38 16.48 -17.37
C VAL C 18 6.81 17.90 -17.05
N MET C 19 7.32 18.12 -15.82
CA MET C 19 7.76 19.47 -15.46
C MET C 19 8.89 19.93 -16.37
N GLU C 20 9.85 19.05 -16.65
CA GLU C 20 11.00 19.44 -17.46
C GLU C 20 10.60 19.71 -18.91
N GLU C 21 9.69 18.89 -19.46
CA GLU C 21 9.22 19.16 -20.81
C GLU C 21 8.50 20.50 -20.87
N GLY C 22 7.75 20.82 -19.81
CA GLY C 22 7.10 22.12 -19.76
C GLY C 22 8.08 23.27 -19.67
N ARG C 23 9.18 23.08 -18.93
CA ARG C 23 10.22 24.11 -18.89
C ARG C 23 10.86 24.28 -20.26
N LYS C 24 11.15 23.18 -20.93
CA LYS C 24 11.78 23.26 -22.24
C LYS C 24 10.84 23.91 -23.25
N ALA C 25 9.53 23.68 -23.11
CA ALA C 25 8.55 24.29 -24.01
C ALA C 25 8.32 25.76 -23.70
N ARG C 26 8.85 26.25 -22.58
CA ARG C 26 8.63 27.63 -22.12
C ARG C 26 7.13 27.91 -21.91
N GLY C 27 6.41 26.90 -21.44
CA GLY C 27 5.00 27.07 -21.14
C GLY C 27 4.79 27.90 -19.89
N THR C 28 3.52 28.25 -19.66
CA THR C 28 3.16 28.99 -18.47
C THR C 28 2.91 28.08 -17.27
N GLY C 29 3.05 26.76 -17.42
CA GLY C 29 2.75 25.83 -16.35
C GLY C 29 1.31 25.32 -16.32
N GLU C 30 0.46 25.77 -17.25
CA GLU C 30 -0.93 25.35 -17.25
C GLU C 30 -1.07 23.89 -17.69
N LEU C 31 -0.50 23.54 -18.84
CA LEU C 31 -0.56 22.15 -19.28
C LEU C 31 0.12 21.23 -18.26
N THR C 32 1.21 21.69 -17.66
CA THR C 32 1.86 20.87 -16.63
C THR C 32 0.90 20.60 -15.48
N GLN C 33 0.14 21.61 -15.05
CA GLN C 33 -0.81 21.39 -13.96
C GLN C 33 -1.92 20.43 -14.38
N LEU C 34 -2.40 20.54 -15.63
CA LEU C 34 -3.36 19.58 -16.14
C LEU C 34 -2.81 18.16 -16.04
N LEU C 35 -1.60 17.94 -16.53
CA LEU C 35 -1.06 16.59 -16.54
C LEU C 35 -0.80 16.09 -15.12
N ASN C 36 -0.32 16.95 -14.23
CA ASN C 36 -0.18 16.58 -12.81
C ASN C 36 -1.50 16.09 -12.25
N SER C 37 -2.57 16.82 -12.54
CA SER C 37 -3.89 16.48 -12.00
C SER C 37 -4.36 15.15 -12.56
N LEU C 38 -4.10 14.92 -13.86
CA LEU C 38 -4.48 13.66 -14.48
C LEU C 38 -3.72 12.49 -13.86
N CYS C 39 -2.42 12.67 -13.63
CA CYS C 39 -1.61 11.63 -13.00
C CYS C 39 -2.16 11.27 -11.63
N THR C 40 -2.57 12.29 -10.85
CA THR C 40 -3.14 12.02 -9.54
C THR C 40 -4.45 11.25 -9.66
N ALA C 41 -5.31 11.65 -10.59
CA ALA C 41 -6.56 10.92 -10.82
C ALA C 41 -6.29 9.46 -11.17
N VAL C 42 -5.29 9.20 -12.02
CA VAL C 42 -4.98 7.83 -12.44
C VAL C 42 -4.52 6.99 -11.25
N LYS C 43 -3.73 7.58 -10.36
CA LYS C 43 -3.31 6.82 -9.20
C LYS C 43 -4.50 6.48 -8.31
N ALA C 44 -5.48 7.39 -8.23
CA ALA C 44 -6.66 7.12 -7.42
C ALA C 44 -7.53 6.06 -8.07
N ILE C 45 -7.66 6.10 -9.40
CA ILE C 45 -8.38 5.05 -10.10
C ILE C 45 -7.71 3.71 -9.87
N SER C 46 -6.37 3.66 -10.02
CA SER C 46 -5.66 2.40 -9.84
C SER C 46 -5.89 1.81 -8.46
N SER C 47 -5.81 2.65 -7.42
CA SER C 47 -6.00 2.12 -6.07
C SER C 47 -7.39 1.50 -5.93
N ALA C 48 -8.40 2.14 -6.53
CA ALA C 48 -9.77 1.63 -6.44
C ALA C 48 -9.95 0.35 -7.27
N VAL C 49 -9.36 0.32 -8.47
CA VAL C 49 -9.48 -0.84 -9.34
C VAL C 49 -8.88 -2.07 -8.68
N ARG C 50 -7.75 -1.90 -7.97
CA ARG C 50 -7.12 -3.01 -7.25
C ARG C 50 -7.85 -3.36 -5.96
N LYS C 51 -8.97 -2.69 -5.68
CA LYS C 51 -9.93 -3.05 -4.63
C LYS C 51 -9.41 -2.73 -3.23
N ALA C 52 -8.59 -1.69 -3.11
CA ALA C 52 -8.26 -1.17 -1.78
C ALA C 52 -9.53 -0.78 -1.05
N GLY C 53 -9.68 -1.27 0.19
CA GLY C 53 -10.85 -1.00 0.98
C GLY C 53 -12.05 -1.89 0.73
N ILE C 54 -11.92 -2.90 -0.13
CA ILE C 54 -13.04 -3.79 -0.36
C ILE C 54 -13.50 -4.48 0.92
N ALA C 55 -12.60 -4.62 1.91
CA ALA C 55 -13.01 -5.25 3.17
C ALA C 55 -14.11 -4.44 3.85
N HIS C 56 -14.10 -3.11 3.70
CA HIS C 56 -15.15 -2.30 4.31
C HIS C 56 -16.49 -2.56 3.65
N LEU C 57 -16.50 -2.73 2.32
CA LEU C 57 -17.74 -3.04 1.62
C LEU C 57 -18.33 -4.35 2.08
N TYR C 58 -17.50 -5.28 2.53
CA TYR C 58 -17.97 -6.59 2.97
C TYR C 58 -18.11 -6.70 4.48
N GLY C 59 -18.08 -5.57 5.20
CA GLY C 59 -18.52 -5.53 6.58
C GLY C 59 -17.46 -5.71 7.64
N ILE C 60 -16.19 -5.44 7.31
CA ILE C 60 -15.13 -5.70 8.29
C ILE C 60 -15.34 -4.86 9.54
N ALA C 61 -15.93 -3.67 9.40
CA ALA C 61 -16.19 -2.81 10.55
C ALA C 61 -17.67 -2.76 10.89
N GLY C 62 -18.43 -3.76 10.47
CA GLY C 62 -19.87 -3.70 10.59
C GLY C 62 -20.49 -2.88 9.47
N SER C 63 -21.82 -2.84 9.47
CA SER C 63 -22.56 -2.31 8.35
C SER C 63 -22.53 -0.78 8.25
N THR C 64 -22.11 -0.07 9.31
CA THR C 64 -22.23 1.37 9.36
C THR C 64 -20.97 2.10 8.87
N ASN C 65 -20.01 1.39 8.35
CA ASN C 65 -18.76 2.01 7.96
C ASN C 65 -18.44 1.85 6.48
N VAL C 66 -19.43 2.09 5.64
CA VAL C 66 -19.20 2.08 4.20
C VAL C 66 -19.55 3.48 3.76
N THR C 67 -18.62 4.13 3.07
CA THR C 67 -18.84 5.49 2.62
C THR C 67 -19.73 5.68 1.44
N GLY C 68 -19.60 6.83 0.82
CA GLY C 68 -20.35 7.08 -0.39
C GLY C 68 -19.48 6.77 -1.57
N ASP C 69 -18.21 7.14 -1.52
CA ASP C 69 -17.37 6.73 -2.63
C ASP C 69 -17.31 5.20 -2.72
N GLN C 70 -17.25 4.52 -1.58
CA GLN C 70 -16.98 3.08 -1.56
C GLN C 70 -18.03 2.27 -2.31
N VAL C 71 -19.26 2.78 -2.35
CA VAL C 71 -20.38 2.04 -2.91
C VAL C 71 -20.63 2.36 -4.39
N LYS C 72 -20.07 3.45 -4.91
CA LYS C 72 -20.21 3.74 -6.32
C LYS C 72 -19.52 2.66 -7.16
N LYS C 73 -20.11 2.38 -8.31
CA LYS C 73 -19.44 1.52 -9.27
C LYS C 73 -18.15 2.17 -9.71
N LEU C 74 -17.16 1.35 -10.10
CA LEU C 74 -15.83 1.88 -10.38
C LEU C 74 -15.85 2.85 -11.56
N ASP C 75 -16.70 2.60 -12.56
CA ASP C 75 -16.67 3.52 -13.69
C ASP C 75 -17.24 4.87 -13.32
N VAL C 76 -18.20 4.89 -12.40
CA VAL C 76 -18.73 6.16 -11.88
C VAL C 76 -17.67 6.89 -11.05
N LEU C 77 -17.05 6.17 -10.11
CA LEU C 77 -15.99 6.78 -9.32
C LEU C 77 -14.88 7.33 -10.20
N SER C 78 -14.49 6.56 -11.23
CA SER C 78 -13.40 6.97 -12.10
C SER C 78 -13.75 8.25 -12.84
N ASN C 79 -14.99 8.36 -13.31
CA ASN C 79 -15.42 9.60 -13.96
C ASN C 79 -15.36 10.76 -12.98
N ASP C 80 -15.85 10.54 -11.76
CA ASP C 80 -15.83 11.60 -10.75
C ASP C 80 -14.40 12.04 -10.46
N LEU C 81 -13.48 11.09 -10.39
CA LEU C 81 -12.09 11.44 -10.10
C LEU C 81 -11.48 12.27 -11.22
N VAL C 82 -11.64 11.84 -12.47
CA VAL C 82 -11.03 12.59 -13.56
C VAL C 82 -11.69 13.96 -13.69
N MET C 83 -13.03 14.00 -13.62
CA MET C 83 -13.73 15.28 -13.72
C MET C 83 -13.26 16.25 -12.64
N ASN C 84 -13.20 15.79 -11.40
CA ASN C 84 -12.86 16.70 -10.31
C ASN C 84 -11.39 17.15 -10.41
N MET C 85 -10.49 16.22 -10.70
CA MET C 85 -9.08 16.60 -10.78
C MET C 85 -8.82 17.54 -11.95
N LEU C 86 -9.49 17.32 -13.09
CA LEU C 86 -9.29 18.22 -14.22
C LEU C 86 -9.89 19.60 -13.95
N LYS C 87 -11.11 19.65 -13.41
CA LYS C 87 -11.71 20.95 -13.09
C LYS C 87 -10.80 21.74 -12.15
N SER C 88 -10.33 21.08 -11.09
CA SER C 88 -9.56 21.77 -10.05
C SER C 88 -8.14 22.09 -10.49
N SER C 89 -7.70 21.61 -11.66
CA SER C 89 -6.40 22.00 -12.18
C SER C 89 -6.38 23.45 -12.65
N PHE C 90 -7.55 24.06 -12.86
CA PHE C 90 -7.70 25.39 -13.44
C PHE C 90 -7.12 25.47 -14.84
N ALA C 91 -6.98 24.33 -15.54
CA ALA C 91 -6.36 24.30 -16.86
C ALA C 91 -7.31 23.94 -17.99
N THR C 92 -8.58 23.66 -17.71
CA THR C 92 -9.49 23.12 -18.72
C THR C 92 -10.72 24.01 -18.84
N CYS C 93 -11.39 23.94 -20.01
CA CYS C 93 -12.63 24.69 -20.17
C CYS C 93 -13.78 23.80 -20.64
N VAL C 94 -13.47 22.74 -21.38
CA VAL C 94 -14.47 21.83 -21.93
C VAL C 94 -14.01 20.40 -21.70
N LEU C 95 -14.87 19.57 -21.13
CA LEU C 95 -14.55 18.20 -20.77
C LEU C 95 -15.57 17.26 -21.39
N VAL C 96 -15.09 16.27 -22.13
CA VAL C 96 -15.96 15.30 -22.78
C VAL C 96 -15.62 13.94 -22.20
N SER C 97 -16.64 13.25 -21.67
CA SER C 97 -16.48 11.95 -21.06
C SER C 97 -17.49 11.00 -21.67
N GLU C 98 -17.10 9.72 -21.76
CA GLU C 98 -18.05 8.69 -22.16
C GLU C 98 -19.32 8.75 -21.32
N GLU C 99 -19.20 9.18 -20.07
CA GLU C 99 -20.29 9.07 -19.10
C GLU C 99 -21.45 9.98 -19.44
N ASP C 100 -21.17 11.19 -19.93
CA ASP C 100 -22.16 12.26 -20.00
C ASP C 100 -22.48 12.60 -21.46
N LYS C 101 -23.78 12.73 -21.77
CA LYS C 101 -24.21 12.94 -23.15
C LYS C 101 -23.67 14.26 -23.71
N HIS C 102 -23.63 15.31 -22.89
CA HIS C 102 -23.19 16.62 -23.33
C HIS C 102 -21.83 16.95 -22.75
N ALA C 103 -21.07 17.76 -23.48
CA ALA C 103 -19.78 18.22 -22.96
C ALA C 103 -20.00 19.04 -21.70
N ILE C 104 -19.11 18.87 -20.73
CA ILE C 104 -19.13 19.64 -19.50
C ILE C 104 -18.39 20.94 -19.76
N ILE C 105 -19.03 22.08 -19.45
CA ILE C 105 -18.40 23.38 -19.59
C ILE C 105 -17.94 23.81 -18.20
N VAL C 106 -16.62 24.00 -18.05
CA VAL C 106 -16.04 24.29 -16.76
C VAL C 106 -16.50 25.66 -16.26
N GLU C 107 -16.81 25.74 -14.98
CA GLU C 107 -17.26 26.99 -14.38
C GLU C 107 -16.24 28.10 -14.66
N PRO C 108 -16.69 29.32 -14.94
CA PRO C 108 -15.76 30.38 -15.40
C PRO C 108 -14.56 30.61 -14.50
N GLU C 109 -14.74 30.48 -13.18
CA GLU C 109 -13.67 30.74 -12.24
C GLU C 109 -12.52 29.75 -12.36
N LYS C 110 -12.77 28.55 -12.90
CA LYS C 110 -11.75 27.51 -12.96
C LYS C 110 -11.27 27.24 -14.39
N ARG C 111 -11.54 28.14 -15.33
CA ARG C 111 -11.30 27.86 -16.74
C ARG C 111 -9.84 28.07 -17.12
N GLY C 112 -9.26 27.06 -17.78
CA GLY C 112 -8.06 27.19 -18.55
C GLY C 112 -8.34 27.02 -20.03
N LYS C 113 -7.28 26.83 -20.81
CA LYS C 113 -7.52 26.82 -22.25
C LYS C 113 -7.65 25.43 -22.85
N TYR C 114 -7.58 24.37 -22.05
CA TYR C 114 -7.49 23.04 -22.63
C TYR C 114 -8.84 22.32 -22.64
N VAL C 115 -9.02 21.52 -23.69
CA VAL C 115 -10.18 20.65 -23.87
C VAL C 115 -9.72 19.21 -23.72
N VAL C 116 -10.37 18.45 -22.85
CA VAL C 116 -9.95 17.08 -22.58
C VAL C 116 -11.09 16.14 -22.91
N CYS C 117 -10.80 15.13 -23.73
CA CYS C 117 -11.73 14.06 -24.07
C CYS C 117 -11.23 12.79 -23.40
N PHE C 118 -12.08 12.13 -22.63
CA PHE C 118 -11.54 10.98 -21.93
C PHE C 118 -12.56 9.87 -21.73
N ASP C 119 -12.03 8.65 -21.59
CA ASP C 119 -12.76 7.43 -21.27
C ASP C 119 -12.27 7.02 -19.88
N PRO C 120 -13.03 7.28 -18.81
CA PRO C 120 -12.46 7.14 -17.46
C PRO C 120 -12.14 5.72 -17.05
N LEU C 121 -12.92 4.72 -17.50
CA LEU C 121 -12.57 3.36 -17.12
C LEU C 121 -13.10 2.40 -18.20
N ASP C 122 -12.42 2.40 -19.35
CA ASP C 122 -12.83 1.50 -20.41
C ASP C 122 -12.59 0.05 -20.02
N GLY C 123 -13.48 -0.83 -20.47
CA GLY C 123 -13.43 -2.24 -20.13
C GLY C 123 -14.19 -2.62 -18.88
N SER C 124 -14.79 -1.66 -18.17
CA SER C 124 -15.41 -1.94 -16.89
C SER C 124 -16.70 -2.76 -17.01
N SER C 125 -17.21 -3.00 -18.21
CA SER C 125 -18.40 -3.83 -18.36
C SER C 125 -18.12 -5.29 -17.98
N ILE C 127 -15.45 -6.01 -15.90
CA ILE C 127 -14.43 -5.92 -14.86
C ILE C 127 -14.70 -6.94 -13.78
N ASP C 128 -15.90 -7.55 -13.82
CA ASP C 128 -16.25 -8.61 -12.89
C ASP C 128 -15.38 -9.84 -13.07
N CYS C 129 -14.85 -10.05 -14.27
CA CYS C 129 -13.88 -11.12 -14.50
C CYS C 129 -12.45 -10.67 -14.25
N LEU C 130 -12.26 -9.47 -13.74
CA LEU C 130 -10.93 -8.91 -13.43
C LEU C 130 -10.08 -8.71 -14.67
N VAL C 131 -10.73 -8.62 -15.84
CA VAL C 131 -10.04 -8.23 -17.06
C VAL C 131 -9.36 -6.88 -16.85
N SER C 132 -8.22 -6.70 -17.52
CA SER C 132 -7.57 -5.39 -17.54
C SER C 132 -8.56 -4.31 -17.95
N VAL C 133 -8.45 -3.14 -17.33
CA VAL C 133 -9.23 -1.97 -17.68
C VAL C 133 -8.26 -0.80 -17.79
N GLY C 134 -8.78 0.33 -18.27
CA GLY C 134 -7.87 1.44 -18.50
C GLY C 134 -8.59 2.77 -18.61
N THR C 135 -7.79 3.83 -18.61
CA THR C 135 -8.26 5.21 -18.78
C THR C 135 -7.62 5.75 -20.04
N ILE C 136 -8.41 6.38 -20.91
CA ILE C 136 -7.91 6.93 -22.16
C ILE C 136 -8.15 8.43 -22.17
N PHE C 137 -7.22 9.21 -22.71
CA PHE C 137 -7.41 10.65 -22.70
C PHE C 137 -6.76 11.30 -23.92
N GLY C 138 -7.37 12.40 -24.36
CA GLY C 138 -6.80 13.25 -25.40
C GLY C 138 -6.98 14.70 -25.03
N ILE C 139 -5.94 15.52 -25.24
CA ILE C 139 -5.94 16.91 -24.78
C ILE C 139 -5.78 17.82 -25.99
N TYR C 140 -6.71 18.76 -26.15
CA TYR C 140 -6.64 19.77 -27.18
C TYR C 140 -6.54 21.16 -26.56
N ARG C 141 -6.01 22.09 -27.33
CA ARG C 141 -6.09 23.51 -26.97
C ARG C 141 -7.34 24.10 -27.62
N LYS C 142 -8.06 24.92 -26.85
CA LYS C 142 -9.23 25.60 -27.42
C LYS C 142 -8.77 26.54 -28.53
N LYS C 143 -9.50 26.54 -29.64
CA LYS C 143 -9.18 27.37 -30.78
C LYS C 143 -10.13 28.56 -30.93
N SER C 144 -11.39 28.37 -30.58
CA SER C 144 -12.38 29.42 -30.69
C SER C 144 -12.01 30.61 -29.81
N THR C 145 -12.44 31.80 -30.23
CA THR C 145 -12.51 32.96 -29.35
C THR C 145 -13.83 33.01 -28.60
N ASP C 146 -14.84 32.28 -29.08
CA ASP C 146 -16.17 32.28 -28.49
C ASP C 146 -16.12 31.72 -27.07
N GLU C 147 -17.24 31.91 -26.37
CA GLU C 147 -17.42 31.24 -25.09
C GLU C 147 -17.23 29.74 -25.29
N PRO C 148 -16.61 29.04 -24.34
CA PRO C 148 -16.35 27.61 -24.53
C PRO C 148 -17.65 26.84 -24.70
N SER C 149 -17.63 25.87 -25.60
CA SER C 149 -18.81 25.05 -25.87
C SER C 149 -18.38 23.70 -26.39
N GLU C 150 -19.36 22.80 -26.54
CA GLU C 150 -19.13 21.47 -27.08
C GLU C 150 -18.39 21.52 -28.41
N LYS C 151 -18.58 22.59 -29.19
CA LYS C 151 -17.92 22.75 -30.47
C LYS C 151 -16.40 22.68 -30.33
N ASP C 152 -15.86 23.10 -29.18
CA ASP C 152 -14.41 23.12 -29.01
C ASP C 152 -13.82 21.71 -28.92
N ALA C 153 -14.64 20.72 -28.64
CA ALA C 153 -14.18 19.33 -28.66
C ALA C 153 -14.25 18.71 -30.04
N LEU C 154 -14.82 19.40 -31.02
CA LEU C 154 -14.99 18.82 -32.36
C LEU C 154 -13.79 19.13 -33.25
N GLN C 155 -12.62 18.79 -32.77
CA GLN C 155 -11.39 18.96 -33.50
C GLN C 155 -10.89 17.61 -34.02
N PRO C 156 -10.27 17.59 -35.20
CA PRO C 156 -9.63 16.36 -35.67
C PRO C 156 -8.46 15.98 -34.77
N GLY C 157 -8.22 14.68 -34.67
CA GLY C 157 -7.19 14.17 -33.77
C GLY C 157 -5.80 14.68 -34.08
N ARG C 158 -5.56 15.16 -35.30
CA ARG C 158 -4.27 15.76 -35.64
CA ARG C 158 -4.26 15.74 -35.61
C ARG C 158 -4.00 17.04 -34.88
N ASN C 159 -5.03 17.63 -34.25
CA ASN C 159 -4.86 18.82 -33.43
C ASN C 159 -4.46 18.51 -32.00
N LEU C 160 -4.29 17.22 -31.65
CA LEU C 160 -4.00 16.86 -30.27
C LEU C 160 -2.67 17.44 -29.81
N VAL C 161 -2.66 17.95 -28.57
CA VAL C 161 -1.44 18.39 -27.90
C VAL C 161 -0.79 17.25 -27.14
N ALA C 162 -1.61 16.37 -26.56
CA ALA C 162 -1.10 15.23 -25.81
C ALA C 162 -2.20 14.20 -25.76
N ALA C 163 -1.82 12.94 -25.67
CA ALA C 163 -2.80 11.87 -25.54
C ALA C 163 -2.13 10.65 -24.93
N GLY C 164 -2.95 9.71 -24.48
CA GLY C 164 -2.37 8.49 -23.95
C GLY C 164 -3.38 7.70 -23.14
N TYR C 165 -2.85 6.82 -22.31
CA TYR C 165 -3.74 5.96 -21.55
C TYR C 165 -3.02 5.47 -20.30
N ALA C 166 -3.81 5.06 -19.32
CA ALA C 166 -3.33 4.29 -18.20
C ALA C 166 -3.93 2.91 -18.31
N LEU C 167 -3.09 1.89 -18.19
CA LEU C 167 -3.51 0.49 -18.21
C LEU C 167 -3.40 -0.07 -16.80
N TYR C 168 -4.54 -0.50 -16.25
CA TYR C 168 -4.56 -1.16 -14.94
C TYR C 168 -4.57 -2.66 -15.22
N GLY C 169 -3.39 -3.21 -15.46
CA GLY C 169 -3.23 -4.62 -15.79
C GLY C 169 -2.54 -5.39 -14.69
N SER C 170 -1.61 -6.28 -15.02
CA SER C 170 -0.82 -6.92 -13.97
C SER C 170 -0.09 -5.88 -13.14
N ALA C 171 0.35 -4.79 -13.77
CA ALA C 171 0.76 -3.59 -13.07
C ALA C 171 0.13 -2.40 -13.77
N THR C 172 0.27 -1.22 -13.17
CA THR C 172 -0.35 -0.01 -13.72
C THR C 172 0.71 0.81 -14.45
N MET C 173 0.42 1.14 -15.70
CA MET C 173 1.35 1.89 -16.55
C MET C 173 0.62 3.05 -17.20
N LEU C 174 1.26 4.21 -17.23
CA LEU C 174 0.78 5.36 -17.98
C LEU C 174 1.64 5.53 -19.22
N VAL C 175 0.99 5.54 -20.38
CA VAL C 175 1.63 5.79 -21.67
C VAL C 175 1.24 7.20 -22.10
N LEU C 176 2.21 8.07 -22.30
CA LEU C 176 1.97 9.48 -22.62
C LEU C 176 2.62 9.83 -23.93
N ALA C 177 1.82 10.32 -24.88
CA ALA C 177 2.32 10.70 -26.19
C ALA C 177 2.18 12.20 -26.36
N MET C 178 3.25 12.84 -26.82
CA MET C 178 3.25 14.26 -27.14
C MET C 178 4.11 14.44 -28.38
N ASP C 179 4.41 15.69 -28.74
CA ASP C 179 5.30 15.91 -29.86
C ASP C 179 6.67 15.26 -29.63
N CYS C 180 7.14 15.19 -28.38
CA CYS C 180 8.45 14.61 -28.13
C CYS C 180 8.50 13.09 -28.33
N GLY C 181 7.38 12.45 -28.66
CA GLY C 181 7.30 11.01 -28.79
C GLY C 181 6.44 10.38 -27.70
N VAL C 182 6.61 9.07 -27.55
CA VAL C 182 5.81 8.26 -26.63
C VAL C 182 6.71 7.77 -25.50
N ASN C 183 6.25 7.93 -24.25
CA ASN C 183 7.02 7.51 -23.09
C ASN C 183 6.13 6.75 -22.12
N CYS C 184 6.70 5.71 -21.51
CA CYS C 184 5.95 4.74 -20.72
C CYS C 184 6.41 4.80 -19.27
N PHE C 185 5.46 4.90 -18.35
CA PHE C 185 5.78 5.08 -16.94
C PHE C 185 5.08 4.01 -16.11
N MET C 186 5.84 3.31 -15.27
CA MET C 186 5.26 2.27 -14.41
C MET C 186 4.93 2.84 -13.04
N LEU C 187 3.69 2.61 -12.58
CA LEU C 187 3.33 3.05 -11.23
C LEU C 187 3.97 2.13 -10.20
N ASP C 188 4.76 2.72 -9.29
CA ASP C 188 5.33 1.99 -8.16
C ASP C 188 4.38 2.24 -7.00
N PRO C 189 3.54 1.27 -6.63
CA PRO C 189 2.54 1.53 -5.58
C PRO C 189 3.14 1.68 -4.18
N ALA C 190 4.41 1.32 -3.96
CA ALA C 190 5.02 1.54 -2.66
C ALA C 190 5.16 3.02 -2.35
N ILE C 191 5.35 3.85 -3.38
CA ILE C 191 5.59 5.28 -3.20
C ILE C 191 4.64 6.14 -4.02
N GLY C 192 3.68 5.54 -4.74
CA GLY C 192 2.81 6.32 -5.60
C GLY C 192 3.54 7.24 -6.55
N GLU C 193 4.54 6.69 -7.27
CA GLU C 193 5.24 7.43 -8.31
C GLU C 193 5.20 6.62 -9.58
N PHE C 194 5.00 7.32 -10.69
CA PHE C 194 5.15 6.74 -12.01
C PHE C 194 6.62 6.86 -12.40
N ILE C 195 7.26 5.73 -12.67
CA ILE C 195 8.69 5.70 -12.98
C ILE C 195 8.86 5.56 -14.48
N LEU C 196 9.68 6.42 -15.09
CA LEU C 196 9.93 6.28 -16.51
C LEU C 196 10.72 4.98 -16.78
N VAL C 197 10.12 4.05 -17.52
CA VAL C 197 10.75 2.77 -17.79
C VAL C 197 11.00 2.52 -19.29
N ASP C 198 10.32 3.21 -20.20
CA ASP C 198 10.57 2.99 -21.63
C ASP C 198 10.47 4.35 -22.29
N LYS C 199 11.58 4.81 -22.88
CA LYS C 199 11.63 6.18 -23.41
C LYS C 199 11.56 6.16 -24.93
N ASP C 200 10.81 7.11 -25.49
CA ASP C 200 10.72 7.33 -26.94
C ASP C 200 10.43 6.03 -27.67
N VAL C 201 9.36 5.35 -27.26
CA VAL C 201 9.11 4.00 -27.75
C VAL C 201 8.58 4.04 -29.17
N LYS C 202 8.97 3.03 -29.95
CA LYS C 202 8.55 2.87 -31.34
C LYS C 202 8.02 1.46 -31.53
N ILE C 203 6.96 1.33 -32.33
CA ILE C 203 6.37 0.03 -32.59
C ILE C 203 7.18 -0.69 -33.66
N LYS C 204 7.18 -2.02 -33.58
CA LYS C 204 7.81 -2.83 -34.63
C LYS C 204 7.21 -2.50 -36.00
N LYS C 205 8.04 -2.61 -37.03
CA LYS C 205 7.57 -2.36 -38.39
C LYS C 205 6.50 -3.36 -38.80
N LYS C 206 6.62 -4.60 -38.35
CA LYS C 206 5.65 -5.64 -38.66
C LYS C 206 5.61 -6.61 -37.49
N GLY C 207 4.40 -7.06 -37.14
CA GLY C 207 4.23 -7.98 -36.04
C GLY C 207 3.73 -9.35 -36.48
N LYS C 208 3.33 -10.14 -35.48
CA LYS C 208 2.92 -11.53 -35.68
C LYS C 208 1.64 -11.85 -34.91
N ILE C 209 0.88 -10.84 -34.51
CA ILE C 209 -0.33 -11.02 -33.72
C ILE C 209 -1.42 -10.16 -34.34
N TYR C 210 -2.63 -10.72 -34.47
CA TYR C 210 -3.80 -9.97 -34.88
C TYR C 210 -4.86 -10.02 -33.79
N SER C 211 -5.65 -8.95 -33.67
CA SER C 211 -6.50 -8.80 -32.51
C SER C 211 -7.84 -8.22 -32.96
N LEU C 212 -8.91 -9.02 -32.88
CA LEU C 212 -10.27 -8.58 -33.14
C LEU C 212 -11.21 -9.68 -32.64
N ASN C 213 -12.49 -9.32 -32.47
CA ASN C 213 -13.51 -10.27 -32.01
C ASN C 213 -13.98 -11.09 -33.20
N GLU C 214 -13.47 -12.31 -33.33
CA GLU C 214 -13.86 -13.15 -34.46
C GLU C 214 -15.22 -13.81 -34.28
N GLY C 215 -15.85 -13.66 -33.11
CA GLY C 215 -17.17 -14.24 -32.94
C GLY C 215 -18.19 -13.67 -33.90
N TYR C 216 -17.96 -12.43 -34.36
CA TYR C 216 -18.89 -11.74 -35.24
C TYR C 216 -18.50 -11.91 -36.70
N ALA C 217 -17.82 -13.01 -37.02
CA ALA C 217 -17.38 -13.28 -38.39
C ALA C 217 -18.52 -13.23 -39.39
N LYS C 218 -19.73 -13.61 -38.98
CA LYS C 218 -20.87 -13.61 -39.89
C LYS C 218 -21.14 -12.22 -40.47
N ASP C 219 -20.77 -11.17 -39.74
CA ASP C 219 -21.07 -9.80 -40.14
C ASP C 219 -19.86 -9.07 -40.71
N PHE C 220 -18.70 -9.73 -40.84
CA PHE C 220 -17.50 -9.08 -41.32
C PHE C 220 -17.71 -8.46 -42.70
N ASP C 221 -17.10 -7.29 -42.90
CA ASP C 221 -16.84 -6.81 -44.24
C ASP C 221 -15.98 -7.83 -45.01
N PRO C 222 -16.23 -8.05 -46.30
CA PRO C 222 -15.44 -9.02 -47.06
C PRO C 222 -13.94 -8.74 -47.05
N ALA C 223 -13.52 -7.48 -46.93
CA ALA C 223 -12.10 -7.19 -46.84
C ALA C 223 -11.52 -7.69 -45.52
N VAL C 224 -12.27 -7.56 -44.43
CA VAL C 224 -11.81 -8.06 -43.15
C VAL C 224 -11.71 -9.57 -43.19
N THR C 225 -12.73 -10.24 -43.73
CA THR C 225 -12.71 -11.69 -43.86
C THR C 225 -11.45 -12.15 -44.58
N GLU C 226 -11.13 -11.49 -45.69
CA GLU C 226 -9.97 -11.92 -46.47
C GLU C 226 -8.67 -11.63 -45.73
N TYR C 227 -8.56 -10.46 -45.10
CA TYR C 227 -7.35 -10.15 -44.35
C TYR C 227 -7.09 -11.16 -43.24
N ILE C 228 -8.14 -11.53 -42.49
CA ILE C 228 -7.96 -12.49 -41.40
C ILE C 228 -7.61 -13.87 -41.96
N GLN C 229 -8.20 -14.24 -43.10
CA GLN C 229 -7.82 -15.50 -43.73
C GLN C 229 -6.34 -15.49 -44.12
N ARG C 230 -5.83 -14.34 -44.57
CA ARG C 230 -4.41 -14.22 -44.86
C ARG C 230 -3.55 -14.43 -43.61
N LYS C 231 -4.06 -14.05 -42.43
CA LYS C 231 -3.26 -14.20 -41.22
C LYS C 231 -3.19 -15.64 -40.75
N LYS C 232 -4.26 -16.41 -40.95
CA LYS C 232 -4.32 -17.79 -40.51
C LYS C 232 -3.81 -18.77 -41.56
N PHE C 233 -3.92 -18.41 -42.84
CA PHE C 233 -3.46 -19.22 -43.96
C PHE C 233 -2.63 -18.34 -44.88
N PRO C 234 -1.40 -18.02 -44.50
CA PRO C 234 -0.61 -17.06 -45.28
C PRO C 234 -0.35 -17.60 -46.68
N PRO C 235 -0.55 -16.78 -47.70
CA PRO C 235 -0.37 -17.27 -49.08
C PRO C 235 1.07 -17.61 -49.41
N ASP C 236 2.04 -16.96 -48.76
CA ASP C 236 3.45 -17.23 -49.01
C ASP C 236 3.99 -18.37 -48.14
N ASN C 237 3.12 -19.12 -47.48
CA ASN C 237 3.48 -20.24 -46.61
C ASN C 237 4.29 -19.82 -45.39
N SER C 238 4.27 -18.53 -45.04
CA SER C 238 4.89 -18.10 -43.80
C SER C 238 4.09 -18.65 -42.62
N ALA C 239 4.65 -18.47 -41.42
CA ALA C 239 3.95 -18.93 -40.23
C ALA C 239 2.69 -18.08 -40.00
N PRO C 240 1.56 -18.71 -39.68
CA PRO C 240 0.35 -17.93 -39.37
C PRO C 240 0.59 -17.02 -38.16
N TYR C 241 -0.12 -15.90 -38.15
CA TYR C 241 -0.10 -15.01 -37.00
C TYR C 241 -0.78 -15.67 -35.80
N GLY C 242 -0.35 -15.31 -34.61
CA GLY C 242 -1.09 -15.68 -33.43
C GLY C 242 -2.25 -14.73 -33.21
N ALA C 243 -3.24 -15.18 -32.45
CA ALA C 243 -4.41 -14.35 -32.15
C ALA C 243 -4.45 -14.01 -30.67
N ARG C 244 -4.76 -12.74 -30.37
CA ARG C 244 -5.02 -12.31 -29.00
C ARG C 244 -6.18 -11.32 -29.02
N TYR C 245 -7.14 -11.47 -28.12
CA TYR C 245 -8.22 -10.47 -28.03
C TYR C 245 -8.72 -10.44 -26.59
N VAL C 246 -8.22 -9.47 -25.82
CA VAL C 246 -8.66 -9.31 -24.44
C VAL C 246 -10.11 -8.83 -24.38
N GLY C 247 -10.52 -8.01 -25.35
CA GLY C 247 -11.82 -7.39 -25.31
C GLY C 247 -11.87 -6.11 -24.51
N SER C 248 -10.72 -5.63 -24.07
CA SER C 248 -10.58 -4.34 -23.41
C SER C 248 -9.55 -3.55 -24.21
N MET C 249 -9.97 -2.44 -24.83
CA MET C 249 -9.15 -1.81 -25.86
C MET C 249 -7.79 -1.38 -25.34
N VAL C 250 -7.72 -0.87 -24.11
CA VAL C 250 -6.43 -0.39 -23.63
C VAL C 250 -5.43 -1.54 -23.53
N ALA C 251 -5.90 -2.70 -23.08
CA ALA C 251 -5.03 -3.87 -22.98
C ALA C 251 -4.62 -4.36 -24.36
N ASP C 252 -5.57 -4.39 -25.32
CA ASP C 252 -5.23 -4.89 -26.65
C ASP C 252 -4.32 -3.91 -27.38
N VAL C 253 -4.57 -2.61 -27.23
CA VAL C 253 -3.72 -1.62 -27.91
C VAL C 253 -2.32 -1.60 -27.30
N HIS C 254 -2.23 -1.69 -25.97
CA HIS C 254 -0.89 -1.69 -25.36
C HIS C 254 -0.09 -2.90 -25.79
N ARG C 255 -0.72 -4.08 -25.84
CA ARG C 255 0.00 -5.25 -26.35
C ARG C 255 0.44 -5.00 -27.79
N THR C 256 -0.42 -4.38 -28.60
CA THR C 256 -0.04 -4.04 -29.96
C THR C 256 1.17 -3.13 -29.99
N LEU C 257 1.23 -2.15 -29.08
CA LEU C 257 2.37 -1.24 -29.02
C LEU C 257 3.65 -1.98 -28.65
N VAL C 258 3.58 -2.88 -27.67
CA VAL C 258 4.78 -3.49 -27.08
C VAL C 258 5.29 -4.64 -27.93
N TYR C 259 4.39 -5.44 -28.52
CA TYR C 259 4.76 -6.60 -29.28
C TYR C 259 4.61 -6.43 -30.78
N GLY C 260 3.92 -5.39 -31.24
CA GLY C 260 3.66 -5.21 -32.64
C GLY C 260 2.46 -6.03 -33.08
N GLY C 261 2.03 -5.80 -34.34
CA GLY C 261 0.89 -6.49 -34.89
C GLY C 261 -0.24 -5.53 -35.20
N ILE C 262 -1.46 -6.05 -35.18
CA ILE C 262 -2.60 -5.28 -35.67
C ILE C 262 -3.79 -5.49 -34.74
N PHE C 263 -4.58 -4.43 -34.59
CA PHE C 263 -5.78 -4.41 -33.77
C PHE C 263 -6.91 -3.83 -34.63
N LEU C 264 -8.04 -4.52 -34.69
CA LEU C 264 -9.13 -4.11 -35.58
C LEU C 264 -10.45 -4.04 -34.83
N TYR C 265 -11.14 -2.91 -34.96
CA TYR C 265 -12.57 -2.79 -34.65
C TYR C 265 -13.17 -2.12 -35.88
N PRO C 266 -13.35 -2.87 -36.96
CA PRO C 266 -13.67 -2.27 -38.25
C PRO C 266 -15.17 -2.05 -38.42
N ALA C 267 -15.50 -1.28 -39.46
CA ALA C 267 -16.87 -1.13 -39.89
C ALA C 267 -17.38 -2.42 -40.52
N ASN C 268 -18.69 -2.53 -40.62
CA ASN C 268 -19.31 -3.56 -41.44
C ASN C 268 -20.63 -3.00 -41.95
N LYS C 269 -21.54 -3.89 -42.34
CA LYS C 269 -22.84 -3.44 -42.84
C LYS C 269 -23.75 -3.02 -41.70
N LYS C 270 -23.81 -3.79 -40.61
CA LYS C 270 -24.62 -3.41 -39.45
C LYS C 270 -24.04 -2.21 -38.67
N SER C 271 -22.72 -2.09 -38.63
CA SER C 271 -22.06 -1.03 -37.90
C SER C 271 -21.22 -0.22 -38.94
N PRO C 272 -21.85 0.67 -39.77
CA PRO C 272 -21.09 1.36 -40.83
C PRO C 272 -20.00 2.26 -40.29
N ASN C 273 -20.13 2.75 -39.06
CA ASN C 273 -19.15 3.64 -38.47
C ASN C 273 -18.36 2.95 -37.36
N GLY C 274 -18.35 1.62 -37.33
CA GLY C 274 -17.63 0.90 -36.29
C GLY C 274 -18.36 0.94 -34.96
N LYS C 275 -17.64 0.55 -33.91
CA LYS C 275 -18.18 0.55 -32.56
C LYS C 275 -17.50 1.55 -31.63
N LEU C 276 -16.18 1.68 -31.69
CA LEU C 276 -15.47 2.49 -30.72
C LEU C 276 -15.73 3.98 -30.96
N ARG C 277 -15.57 4.77 -29.91
CA ARG C 277 -15.88 6.20 -29.95
C ARG C 277 -14.68 7.00 -30.43
N LEU C 278 -14.91 7.87 -31.43
CA LEU C 278 -13.81 8.60 -32.05
C LEU C 278 -13.05 9.48 -31.06
N LEU C 279 -13.76 10.26 -30.26
CA LEU C 279 -13.12 11.38 -29.56
C LEU C 279 -12.24 10.89 -28.42
N TYR C 280 -12.68 9.87 -27.69
CA TYR C 280 -11.98 9.48 -26.46
C TYR C 280 -11.57 8.02 -26.45
N GLU C 281 -11.73 7.31 -27.57
CA GLU C 281 -11.16 5.99 -27.74
C GLU C 281 -10.25 5.93 -28.96
N CYS C 282 -10.78 6.24 -30.16
CA CYS C 282 -9.98 6.05 -31.37
C CYS C 282 -8.87 7.09 -31.50
N ASN C 283 -9.20 8.38 -31.33
CA ASN C 283 -8.19 9.42 -31.58
C ASN C 283 -7.00 9.31 -30.63
N PRO C 284 -7.19 9.17 -29.31
CA PRO C 284 -6.00 9.05 -28.45
C PRO C 284 -5.13 7.86 -28.84
N MET C 285 -5.73 6.72 -29.18
CA MET C 285 -4.92 5.56 -29.53
C MET C 285 -4.25 5.75 -30.88
N ALA C 286 -4.94 6.42 -31.82
CA ALA C 286 -4.33 6.72 -33.11
C ALA C 286 -3.13 7.64 -32.95
N TYR C 287 -3.22 8.60 -32.03
CA TYR C 287 -2.13 9.53 -31.80
C TYR C 287 -0.93 8.84 -31.18
N VAL C 288 -1.17 7.99 -30.16
CA VAL C 288 -0.09 7.19 -29.61
C VAL C 288 0.57 6.36 -30.71
N MET C 289 -0.24 5.71 -31.53
CA MET C 289 0.31 4.84 -32.57
C MET C 289 1.16 5.65 -33.55
N GLU C 290 0.64 6.78 -34.02
CA GLU C 290 1.40 7.56 -35.00
C GLU C 290 2.69 8.11 -34.41
N LYS C 291 2.64 8.56 -33.14
CA LYS C 291 3.85 9.05 -32.50
C LYS C 291 4.86 7.94 -32.24
N ALA C 292 4.44 6.67 -32.20
CA ALA C 292 5.33 5.53 -32.05
C ALA C 292 5.71 4.93 -33.40
N GLY C 293 5.42 5.61 -34.50
CA GLY C 293 5.76 5.08 -35.81
C GLY C 293 4.81 4.04 -36.34
N GLY C 294 3.61 3.95 -35.77
CA GLY C 294 2.59 3.05 -36.28
C GLY C 294 1.55 3.80 -37.10
N MET C 295 0.46 3.11 -37.41
CA MET C 295 -0.61 3.67 -38.21
C MET C 295 -1.96 3.40 -37.54
N ALA C 296 -2.94 4.22 -37.90
CA ALA C 296 -4.32 4.00 -37.45
C ALA C 296 -5.27 4.53 -38.52
N THR C 297 -6.07 3.64 -39.11
CA THR C 297 -6.93 4.00 -40.23
C THR C 297 -8.36 3.59 -39.93
N THR C 298 -9.31 4.31 -40.53
CA THR C 298 -10.70 3.85 -40.58
C THR C 298 -10.92 2.86 -41.71
N GLY C 299 -9.93 2.65 -42.57
CA GLY C 299 -10.12 1.96 -43.82
C GLY C 299 -10.10 2.92 -44.98
N LYS C 300 -10.69 4.10 -44.80
CA LYS C 300 -10.74 5.10 -45.86
C LYS C 300 -9.86 6.32 -45.62
N GLU C 301 -9.51 6.61 -44.37
CA GLU C 301 -8.62 7.73 -44.08
C GLU C 301 -7.98 7.47 -42.72
N ALA C 302 -6.98 8.28 -42.41
CA ALA C 302 -6.38 8.22 -41.08
C ALA C 302 -7.40 8.65 -40.04
N VAL C 303 -7.44 7.92 -38.92
CA VAL C 303 -8.33 8.28 -37.83
C VAL C 303 -8.15 9.74 -37.44
N LEU C 304 -6.90 10.20 -37.35
CA LEU C 304 -6.63 11.55 -36.89
C LEU C 304 -7.08 12.63 -37.87
N ASP C 305 -7.47 12.26 -39.09
CA ASP C 305 -7.97 13.23 -40.06
C ASP C 305 -9.50 13.35 -40.07
N VAL C 306 -10.22 12.46 -39.40
CA VAL C 306 -11.67 12.59 -39.33
C VAL C 306 -12.04 13.86 -38.58
N ILE C 307 -12.90 14.68 -39.17
CA ILE C 307 -13.41 15.88 -38.51
C ILE C 307 -14.76 15.51 -37.89
N PRO C 308 -14.85 15.40 -36.56
CA PRO C 308 -16.11 14.98 -35.94
C PRO C 308 -17.18 16.04 -36.00
N THR C 309 -18.42 15.59 -36.05
CA THR C 309 -19.58 16.44 -35.92
C THR C 309 -20.39 16.13 -34.67
N ASP C 310 -20.06 15.06 -33.95
CA ASP C 310 -20.79 14.64 -32.77
C ASP C 310 -19.78 14.10 -31.76
N ILE C 311 -19.83 14.60 -30.52
CA ILE C 311 -18.76 14.24 -29.58
C ILE C 311 -18.79 12.75 -29.22
N HIS C 312 -19.90 12.06 -29.44
CA HIS C 312 -19.97 10.62 -29.19
C HIS C 312 -20.02 9.80 -30.47
N GLN C 313 -19.65 10.37 -31.60
CA GLN C 313 -19.72 9.61 -32.83
C GLN C 313 -18.69 8.47 -32.81
N ARG C 314 -19.08 7.36 -33.43
CA ARG C 314 -18.22 6.19 -33.55
C ARG C 314 -17.34 6.29 -34.78
N ALA C 315 -16.23 5.55 -34.77
CA ALA C 315 -15.32 5.47 -35.91
C ALA C 315 -14.75 4.06 -36.00
N PRO C 316 -14.60 3.52 -37.20
CA PRO C 316 -13.85 2.27 -37.34
C PRO C 316 -12.39 2.54 -37.07
N VAL C 317 -11.68 1.52 -36.59
CA VAL C 317 -10.25 1.70 -36.34
C VAL C 317 -9.52 0.39 -36.59
N ILE C 318 -8.47 0.48 -37.39
CA ILE C 318 -7.49 -0.57 -37.62
C ILE C 318 -6.14 0.07 -37.38
N LEU C 319 -5.41 -0.42 -36.39
CA LEU C 319 -4.17 0.26 -36.01
C LEU C 319 -3.09 -0.76 -35.69
N GLY C 320 -1.86 -0.27 -35.60
CA GLY C 320 -0.74 -1.10 -35.23
C GLY C 320 0.51 -0.89 -36.05
N SER C 321 1.26 -1.97 -36.24
CA SER C 321 2.50 -1.94 -36.99
C SER C 321 2.25 -1.47 -38.42
N PRO C 322 3.08 -0.58 -38.97
CA PRO C 322 2.77 0.00 -40.30
C PRO C 322 2.65 -1.04 -41.40
N ASP C 323 3.54 -2.03 -41.45
CA ASP C 323 3.46 -3.05 -42.50
C ASP C 323 2.14 -3.82 -42.42
N ASP C 324 1.64 -4.05 -41.20
CA ASP C 324 0.40 -4.80 -41.05
C ASP C 324 -0.81 -3.96 -41.46
N VAL C 325 -0.84 -2.70 -41.01
CA VAL C 325 -1.93 -1.82 -41.40
C VAL C 325 -1.91 -1.61 -42.91
N LEU C 326 -0.72 -1.45 -43.50
CA LEU C 326 -0.63 -1.28 -44.95
C LEU C 326 -1.16 -2.50 -45.68
N GLU C 327 -0.82 -3.70 -45.21
CA GLU C 327 -1.35 -4.91 -45.82
C GLU C 327 -2.88 -4.94 -45.75
N PHE C 328 -3.44 -4.55 -44.61
CA PHE C 328 -4.90 -4.51 -44.52
C PHE C 328 -5.47 -3.52 -45.54
N LEU C 329 -4.86 -2.34 -45.67
CA LEU C 329 -5.38 -1.35 -46.58
C LEU C 329 -5.34 -1.85 -48.02
N LYS C 330 -4.31 -2.61 -48.39
CA LYS C 330 -4.26 -3.21 -49.72
C LYS C 330 -5.44 -4.13 -49.97
N VAL C 331 -5.77 -4.97 -48.98
CA VAL C 331 -6.95 -5.82 -49.13
C VAL C 331 -8.20 -4.96 -49.19
N TYR C 332 -8.26 -3.92 -48.36
CA TYR C 332 -9.43 -3.05 -48.33
C TYR C 332 -9.64 -2.36 -49.66
N GLU C 333 -8.56 -1.86 -50.28
CA GLU C 333 -8.69 -1.17 -51.56
C GLU C 333 -9.10 -2.12 -52.67
N LYS C 334 -8.64 -3.38 -52.61
CA LYS C 334 -9.05 -4.37 -53.58
C LYS C 334 -10.55 -4.59 -53.57
N HIS C 335 -11.16 -4.57 -52.39
CA HIS C 335 -12.61 -4.78 -52.27
C HIS C 335 -13.42 -3.50 -52.48
N SER C 336 -12.77 -2.34 -52.50
CA SER C 336 -13.48 -1.07 -52.65
C SER C 336 -13.63 -0.65 -54.12
N ASP D 10 -21.86 -11.74 7.76
CA ASP D 10 -20.60 -11.59 8.48
C ASP D 10 -19.41 -11.63 7.51
N VAL D 11 -18.48 -10.69 7.70
CA VAL D 11 -17.26 -10.69 6.90
C VAL D 11 -16.48 -12.00 7.14
N ASN D 12 -15.78 -12.46 6.11
CA ASN D 12 -14.90 -13.60 6.29
C ASN D 12 -13.64 -13.38 5.48
N THR D 13 -12.54 -13.92 5.99
CA THR D 13 -11.24 -13.85 5.35
C THR D 13 -10.82 -15.24 4.91
N LEU D 14 -9.84 -15.31 3.99
CA LEU D 14 -9.30 -16.61 3.63
C LEU D 14 -8.74 -17.34 4.84
N THR D 15 -8.03 -16.62 5.71
CA THR D 15 -7.43 -17.24 6.87
C THR D 15 -8.50 -17.86 7.76
N ARG D 16 -9.57 -17.10 8.04
CA ARG D 16 -10.59 -17.62 8.93
C ARG D 16 -11.37 -18.75 8.28
N PHE D 17 -11.67 -18.60 6.99
CA PHE D 17 -12.41 -19.63 6.25
C PHE D 17 -11.65 -20.95 6.23
N VAL D 18 -10.37 -20.91 5.86
CA VAL D 18 -9.57 -22.13 5.79
C VAL D 18 -9.46 -22.78 7.16
N MET D 19 -9.23 -21.97 8.20
CA MET D 19 -9.13 -22.51 9.54
C MET D 19 -10.41 -23.21 9.93
N GLU D 20 -11.56 -22.60 9.62
CA GLU D 20 -12.82 -23.18 10.06
C GLU D 20 -13.12 -24.48 9.33
N GLU D 21 -12.83 -24.53 8.02
CA GLU D 21 -13.02 -25.78 7.29
C GLU D 21 -12.09 -26.86 7.83
N GLY D 22 -10.88 -26.48 8.25
CA GLY D 22 -10.00 -27.45 8.88
C GLY D 22 -10.52 -27.95 10.21
N ARG D 23 -11.15 -27.07 10.99
CA ARG D 23 -11.75 -27.53 12.24
C ARG D 23 -12.91 -28.48 11.98
N LYS D 24 -13.78 -28.14 11.01
CA LYS D 24 -14.89 -29.02 10.67
C LYS D 24 -14.39 -30.38 10.21
N ALA D 25 -13.28 -30.40 9.47
CA ALA D 25 -12.71 -31.64 8.97
C ALA D 25 -12.04 -32.45 10.06
N ARG D 26 -11.83 -31.88 11.26
CA ARG D 26 -11.12 -32.54 12.35
C ARG D 26 -9.72 -32.96 11.93
N GLY D 27 -9.08 -32.14 11.11
CA GLY D 27 -7.72 -32.42 10.72
C GLY D 27 -6.73 -32.04 11.81
N THR D 28 -5.46 -32.32 11.53
CA THR D 28 -4.40 -32.02 12.49
C THR D 28 -3.84 -30.61 12.34
N GLY D 29 -4.35 -29.82 11.41
CA GLY D 29 -3.83 -28.49 11.17
C GLY D 29 -2.76 -28.42 10.10
N GLU D 30 -2.35 -29.57 9.55
CA GLU D 30 -1.25 -29.57 8.58
C GLU D 30 -1.67 -28.94 7.24
N LEU D 31 -2.80 -29.39 6.68
CA LEU D 31 -3.26 -28.77 5.43
C LEU D 31 -3.59 -27.31 5.63
N THR D 32 -4.12 -26.94 6.81
CA THR D 32 -4.35 -25.52 7.08
C THR D 32 -3.06 -24.71 7.03
N GLN D 33 -1.99 -25.24 7.62
CA GLN D 33 -0.70 -24.54 7.56
C GLN D 33 -0.18 -24.44 6.12
N LEU D 34 -0.39 -25.51 5.34
CA LEU D 34 -0.06 -25.43 3.92
C LEU D 34 -0.80 -24.28 3.25
N LEU D 35 -2.11 -24.21 3.45
CA LEU D 35 -2.91 -23.21 2.74
C LEU D 35 -2.56 -21.80 3.23
N ASN D 36 -2.33 -21.62 4.54
CA ASN D 36 -1.88 -20.31 5.03
C ASN D 36 -0.59 -19.90 4.35
N SER D 37 0.35 -20.83 4.23
CA SER D 37 1.65 -20.51 3.65
C SER D 37 1.50 -20.13 2.17
N LEU D 38 0.63 -20.84 1.46
CA LEU D 38 0.36 -20.51 0.06
C LEU D 38 -0.27 -19.14 -0.06
N CYS D 39 -1.22 -18.82 0.82
CA CYS D 39 -1.84 -17.51 0.82
C CYS D 39 -0.79 -16.42 0.98
N THR D 40 0.13 -16.60 1.92
CA THR D 40 1.19 -15.61 2.10
C THR D 40 2.04 -15.48 0.84
N ALA D 41 2.42 -16.61 0.24
CA ALA D 41 3.19 -16.55 -1.00
C ALA D 41 2.47 -15.77 -2.08
N VAL D 42 1.15 -16.00 -2.22
CA VAL D 42 0.38 -15.32 -3.26
C VAL D 42 0.35 -13.80 -3.03
N LYS D 43 0.23 -13.37 -1.78
CA LYS D 43 0.26 -11.93 -1.52
C LYS D 43 1.61 -11.33 -1.89
N ALA D 44 2.69 -12.08 -1.64
CA ALA D 44 4.03 -11.61 -1.98
C ALA D 44 4.21 -11.56 -3.49
N ILE D 45 3.67 -12.54 -4.21
CA ILE D 45 3.73 -12.50 -5.67
C ILE D 45 2.93 -11.31 -6.20
N SER D 46 1.71 -11.11 -5.66
CA SER D 46 0.90 -9.98 -6.10
C SER D 46 1.65 -8.66 -5.96
N SER D 47 2.27 -8.47 -4.79
CA SER D 47 3.02 -7.24 -4.54
C SER D 47 4.10 -7.04 -5.60
N ALA D 48 4.80 -8.11 -5.95
CA ALA D 48 5.87 -8.02 -6.93
C ALA D 48 5.33 -7.79 -8.33
N VAL D 49 4.22 -8.45 -8.67
CA VAL D 49 3.64 -8.33 -10.01
C VAL D 49 3.15 -6.91 -10.25
N ARG D 50 2.58 -6.27 -9.22
CA ARG D 50 2.14 -4.87 -9.33
C ARG D 50 3.31 -3.88 -9.26
N LYS D 51 4.55 -4.38 -9.17
CA LYS D 51 5.79 -3.59 -9.33
C LYS D 51 6.09 -2.69 -8.15
N ALA D 52 5.66 -3.08 -6.95
CA ALA D 52 6.11 -2.40 -5.74
C ALA D 52 7.64 -2.46 -5.66
N GLY D 53 8.26 -1.30 -5.42
CA GLY D 53 9.70 -1.26 -5.36
C GLY D 53 10.40 -1.13 -6.69
N ILE D 54 9.67 -1.02 -7.80
CA ILE D 54 10.35 -0.89 -9.09
C ILE D 54 11.21 0.36 -9.14
N ALA D 55 10.85 1.41 -8.40
CA ALA D 55 11.68 2.61 -8.36
C ALA D 55 13.12 2.30 -7.97
N HIS D 56 13.33 1.29 -7.11
CA HIS D 56 14.70 0.97 -6.70
C HIS D 56 15.49 0.32 -7.82
N LEU D 57 14.84 -0.46 -8.68
CA LEU D 57 15.54 -1.03 -9.82
C LEU D 57 15.97 0.04 -10.82
N TYR D 58 15.28 1.18 -10.84
CA TYR D 58 15.58 2.25 -11.78
C TYR D 58 16.39 3.38 -11.15
N GLY D 59 16.98 3.14 -9.98
CA GLY D 59 18.02 4.01 -9.45
C GLY D 59 17.56 5.10 -8.51
N ILE D 60 16.39 4.95 -7.88
CA ILE D 60 15.88 6.04 -7.04
C ILE D 60 16.83 6.33 -5.89
N ALA D 61 17.53 5.32 -5.38
CA ALA D 61 18.49 5.48 -4.30
C ALA D 61 19.93 5.48 -4.80
N GLY D 62 20.12 5.65 -6.11
CA GLY D 62 21.44 5.82 -6.69
C GLY D 62 22.13 4.54 -7.09
N SER D 63 21.45 3.39 -7.03
CA SER D 63 22.06 2.09 -7.32
C SER D 63 23.16 1.75 -6.33
N VAL D 71 17.85 -7.54 -9.60
CA VAL D 71 16.88 -8.35 -8.94
C VAL D 71 16.35 -9.49 -9.86
N LYS D 72 15.83 -10.53 -9.26
CA LYS D 72 15.33 -11.63 -10.02
C LYS D 72 14.21 -11.36 -10.96
N LYS D 73 14.16 -12.12 -12.02
CA LYS D 73 12.97 -12.08 -12.87
C LYS D 73 11.76 -12.53 -12.06
N LEU D 74 10.59 -12.00 -12.43
CA LEU D 74 9.37 -12.20 -11.65
C LEU D 74 8.98 -13.66 -11.58
N ASP D 75 9.15 -14.41 -12.68
CA ASP D 75 8.74 -15.80 -12.61
C ASP D 75 9.67 -16.60 -11.70
N VAL D 76 10.96 -16.23 -11.66
CA VAL D 76 11.90 -16.90 -10.76
C VAL D 76 11.58 -16.55 -9.30
N LEU D 77 11.38 -15.27 -9.02
CA LEU D 77 11.01 -14.86 -7.66
C LEU D 77 9.73 -15.54 -7.22
N SER D 78 8.74 -15.63 -8.11
CA SER D 78 7.49 -16.28 -7.76
C SER D 78 7.71 -17.75 -7.42
N ASN D 79 8.55 -18.43 -8.20
CA ASN D 79 8.86 -19.81 -7.86
C ASN D 79 9.54 -19.90 -6.49
N ASP D 80 10.49 -19.00 -6.23
CA ASP D 80 11.18 -19.03 -4.95
C ASP D 80 10.23 -18.79 -3.79
N LEU D 81 9.25 -17.91 -3.98
CA LEU D 81 8.30 -17.61 -2.92
C LEU D 81 7.41 -18.83 -2.62
N VAL D 82 6.87 -19.46 -3.66
CA VAL D 82 6.03 -20.62 -3.40
C VAL D 82 6.85 -21.75 -2.80
N MET D 83 8.00 -22.06 -3.41
CA MET D 83 8.85 -23.13 -2.88
C MET D 83 9.19 -22.92 -1.42
N ASN D 84 9.64 -21.71 -1.07
CA ASN D 84 10.11 -21.50 0.30
C ASN D 84 8.95 -21.53 1.29
N MET D 85 7.83 -20.91 0.94
CA MET D 85 6.72 -20.89 1.87
C MET D 85 6.15 -22.29 2.06
N LEU D 86 6.10 -23.09 0.99
CA LEU D 86 5.60 -24.45 1.13
C LEU D 86 6.56 -25.32 1.93
N LYS D 87 7.86 -25.22 1.65
CA LYS D 87 8.83 -25.98 2.43
C LYS D 87 8.72 -25.64 3.90
N SER D 88 8.66 -24.36 4.22
CA SER D 88 8.64 -23.93 5.62
C SER D 88 7.30 -24.15 6.29
N SER D 89 6.29 -24.62 5.55
CA SER D 89 5.01 -24.99 6.16
C SER D 89 5.11 -26.28 6.95
N PHE D 90 6.13 -27.12 6.70
CA PHE D 90 6.26 -28.46 7.30
C PHE D 90 5.09 -29.35 6.90
N ALA D 91 4.38 -29.01 5.83
CA ALA D 91 3.21 -29.76 5.40
C ALA D 91 3.42 -30.54 4.11
N THR D 92 4.55 -30.38 3.43
CA THR D 92 4.72 -30.93 2.09
C THR D 92 5.92 -31.87 2.05
N CYS D 93 5.91 -32.75 1.05
CA CYS D 93 7.05 -33.64 0.84
C CYS D 93 7.54 -33.69 -0.60
N VAL D 94 6.71 -33.36 -1.59
CA VAL D 94 7.10 -33.34 -2.99
C VAL D 94 6.50 -32.10 -3.62
N LEU D 95 7.33 -31.34 -4.32
CA LEU D 95 6.92 -30.08 -4.94
C LEU D 95 7.27 -30.12 -6.42
N VAL D 96 6.27 -29.99 -7.27
CA VAL D 96 6.47 -29.97 -8.70
C VAL D 96 6.13 -28.58 -9.24
N SER D 97 7.06 -28.00 -9.97
CA SER D 97 6.87 -26.68 -10.52
C SER D 97 7.25 -26.69 -11.99
N GLU D 98 6.57 -25.84 -12.76
CA GLU D 98 6.97 -25.63 -14.13
C GLU D 98 8.45 -25.27 -14.27
N GLU D 99 9.01 -24.58 -13.27
CA GLU D 99 10.38 -24.07 -13.36
C GLU D 99 11.44 -25.17 -13.29
N ASP D 100 11.16 -26.28 -12.62
CA ASP D 100 12.18 -27.26 -12.27
C ASP D 100 11.96 -28.55 -13.06
N LYS D 101 13.02 -29.04 -13.71
CA LYS D 101 12.89 -30.25 -14.52
C LYS D 101 12.45 -31.43 -13.67
N HIS D 102 13.01 -31.55 -12.48
CA HIS D 102 12.73 -32.67 -11.58
C HIS D 102 11.89 -32.19 -10.41
N ALA D 103 11.12 -33.12 -9.84
CA ALA D 103 10.39 -32.80 -8.62
C ALA D 103 11.37 -32.46 -7.51
N ILE D 104 10.99 -31.50 -6.67
CA ILE D 104 11.77 -31.13 -5.51
C ILE D 104 11.30 -32.01 -4.37
N ILE D 105 12.23 -32.71 -3.72
CA ILE D 105 11.91 -33.54 -2.57
C ILE D 105 12.25 -32.74 -1.32
N VAL D 106 11.25 -32.51 -0.45
CA VAL D 106 11.47 -31.71 0.74
C VAL D 106 12.37 -32.47 1.71
N GLU D 107 13.27 -31.75 2.38
CA GLU D 107 14.21 -32.42 3.27
C GLU D 107 13.47 -33.05 4.45
N PRO D 108 14.01 -34.14 5.00
CA PRO D 108 13.26 -34.89 6.03
C PRO D 108 12.75 -34.05 7.18
N GLU D 109 13.53 -33.09 7.66
CA GLU D 109 13.10 -32.35 8.85
C GLU D 109 11.90 -31.47 8.59
N LYS D 110 11.61 -31.14 7.33
CA LYS D 110 10.52 -30.23 7.00
C LYS D 110 9.37 -30.93 6.29
N ARG D 111 9.30 -32.26 6.38
CA ARG D 111 8.37 -33.03 5.56
C ARG D 111 7.00 -33.14 6.20
N GLY D 112 5.96 -32.93 5.39
CA GLY D 112 4.58 -33.24 5.72
C GLY D 112 4.03 -34.19 4.68
N LYS D 113 2.72 -34.40 4.66
CA LYS D 113 2.18 -35.48 3.83
C LYS D 113 1.74 -35.03 2.44
N TYR D 114 1.82 -33.74 2.10
CA TYR D 114 1.14 -33.24 0.91
C TYR D 114 2.10 -33.06 -0.26
N VAL D 115 1.60 -33.35 -1.45
CA VAL D 115 2.30 -33.14 -2.72
C VAL D 115 1.65 -31.95 -3.41
N VAL D 116 2.45 -30.96 -3.79
CA VAL D 116 1.92 -29.76 -4.44
C VAL D 116 2.54 -29.59 -5.82
N CYS D 117 1.68 -29.51 -6.84
CA CYS D 117 2.09 -29.15 -8.19
C CYS D 117 1.57 -27.74 -8.46
N PHE D 118 2.45 -26.88 -8.98
CA PHE D 118 2.02 -25.50 -9.17
C PHE D 118 2.74 -24.85 -10.34
N ASP D 119 2.09 -23.81 -10.85
CA ASP D 119 2.64 -22.94 -11.86
C ASP D 119 2.78 -21.58 -11.21
N PRO D 120 3.99 -21.12 -10.88
CA PRO D 120 4.09 -19.96 -9.99
C PRO D 120 3.68 -18.64 -10.63
N LEU D 121 3.87 -18.48 -11.95
CA LEU D 121 3.43 -17.23 -12.57
C LEU D 121 3.03 -17.48 -14.03
N ASP D 122 1.91 -18.17 -14.20
CA ASP D 122 1.38 -18.48 -15.53
C ASP D 122 1.14 -17.22 -16.35
N GLY D 123 1.56 -17.27 -17.62
CA GLY D 123 1.41 -16.17 -18.55
C GLY D 123 2.53 -15.16 -18.54
N SER D 124 3.56 -15.39 -17.80
CA SER D 124 4.67 -14.45 -17.71
C SER D 124 5.59 -14.30 -18.95
N SER D 125 5.42 -15.08 -19.99
CA SER D 125 6.24 -14.84 -21.19
C SER D 125 5.81 -13.50 -21.77
N ASN D 126 4.52 -13.20 -21.69
CA ASN D 126 4.00 -11.96 -22.19
C ASN D 126 3.86 -10.87 -21.14
N ILE D 127 4.34 -11.12 -19.93
CA ILE D 127 4.34 -10.14 -18.88
C ILE D 127 4.74 -8.73 -19.30
N ASP D 128 5.57 -8.60 -20.35
CA ASP D 128 6.04 -7.30 -20.82
C ASP D 128 4.90 -6.39 -21.25
N CYS D 129 3.78 -6.96 -21.68
CA CYS D 129 2.64 -6.16 -22.10
C CYS D 129 1.63 -5.93 -20.98
N LEU D 130 1.97 -6.30 -19.75
CA LEU D 130 1.13 -6.14 -18.57
C LEU D 130 -0.17 -6.94 -18.67
N VAL D 131 -0.16 -8.02 -19.46
CA VAL D 131 -1.26 -8.97 -19.46
C VAL D 131 -1.45 -9.55 -18.07
N SER D 132 -2.70 -9.84 -17.72
CA SER D 132 -2.99 -10.60 -16.51
C SER D 132 -2.12 -11.85 -16.44
N VAL D 133 -1.64 -12.15 -15.24
CA VAL D 133 -0.86 -13.36 -14.97
C VAL D 133 -1.44 -14.00 -13.72
N GLY D 134 -0.99 -15.20 -13.42
CA GLY D 134 -1.57 -15.88 -12.26
C GLY D 134 -0.73 -17.03 -11.77
N THR D 135 -1.13 -17.55 -10.62
CA THR D 135 -0.50 -18.69 -9.97
C THR D 135 -1.51 -19.82 -9.92
N ILE D 136 -1.11 -21.04 -10.30
CA ILE D 136 -2.03 -22.19 -10.34
C ILE D 136 -1.47 -23.27 -9.41
N PHE D 137 -2.35 -23.93 -8.65
CA PHE D 137 -1.85 -24.95 -7.72
C PHE D 137 -2.83 -26.10 -7.59
N GLY D 138 -2.27 -27.28 -7.36
CA GLY D 138 -3.03 -28.47 -7.03
C GLY D 138 -2.36 -29.23 -5.91
N ILE D 139 -3.14 -29.68 -4.92
CA ILE D 139 -2.60 -30.31 -3.72
C ILE D 139 -3.15 -31.72 -3.62
N TYR D 140 -2.24 -32.70 -3.48
CA TYR D 140 -2.55 -34.11 -3.25
C TYR D 140 -2.00 -34.55 -1.90
N ARG D 141 -2.58 -35.60 -1.35
CA ARG D 141 -2.01 -36.26 -0.17
C ARG D 141 -1.19 -37.46 -0.62
N LYS D 142 -0.02 -37.63 -0.03
CA LYS D 142 0.83 -38.75 -0.43
C LYS D 142 0.23 -40.06 0.03
N LYS D 143 0.25 -41.06 -0.86
CA LYS D 143 -0.34 -42.35 -0.57
C LYS D 143 0.64 -43.27 0.18
N SER D 144 1.85 -43.37 -0.35
CA SER D 144 2.84 -44.35 0.09
C SER D 144 3.19 -44.20 1.57
N THR D 145 3.73 -45.28 2.12
CA THR D 145 4.62 -45.23 3.26
C THR D 145 6.07 -45.06 2.81
N ASP D 146 6.33 -45.25 1.51
CA ASP D 146 7.65 -45.15 0.94
C ASP D 146 8.25 -43.75 1.13
N GLU D 147 9.56 -43.67 0.91
CA GLU D 147 10.21 -42.38 0.87
C GLU D 147 9.62 -41.54 -0.25
N PRO D 148 9.36 -40.25 -0.02
CA PRO D 148 8.78 -39.44 -1.09
C PRO D 148 9.67 -39.40 -2.33
N SER D 149 9.04 -39.35 -3.49
CA SER D 149 9.75 -39.28 -4.75
C SER D 149 8.88 -38.60 -5.79
N GLU D 150 9.48 -38.32 -6.94
CA GLU D 150 8.76 -37.72 -8.06
C GLU D 150 7.50 -38.51 -8.40
N LYS D 151 7.55 -39.85 -8.29
CA LYS D 151 6.39 -40.68 -8.63
C LYS D 151 5.17 -40.37 -7.77
N ASP D 152 5.36 -39.78 -6.59
CA ASP D 152 4.20 -39.45 -5.75
C ASP D 152 3.34 -38.36 -6.35
N ALA D 153 3.86 -37.58 -7.30
CA ALA D 153 3.09 -36.56 -7.99
C ALA D 153 2.34 -37.11 -9.19
N LEU D 154 2.57 -38.37 -9.55
CA LEU D 154 1.90 -38.98 -10.70
C LEU D 154 0.57 -39.57 -10.22
N GLN D 155 -0.37 -38.67 -9.96
CA GLN D 155 -1.71 -39.04 -9.54
C GLN D 155 -2.71 -38.39 -10.48
N PRO D 156 -3.83 -39.05 -10.77
CA PRO D 156 -4.88 -38.39 -11.55
C PRO D 156 -5.50 -37.25 -10.75
N GLY D 157 -5.97 -36.24 -11.47
CA GLY D 157 -6.59 -35.08 -10.82
C GLY D 157 -7.75 -35.42 -9.91
N ARG D 158 -8.41 -36.56 -10.15
CA ARG D 158 -9.48 -37.02 -9.26
C ARG D 158 -9.02 -37.14 -7.81
N ASN D 159 -7.73 -37.27 -7.57
CA ASN D 159 -7.21 -37.45 -6.23
C ASN D 159 -6.91 -36.12 -5.53
N LEU D 160 -7.18 -34.99 -6.18
CA LEU D 160 -6.89 -33.71 -5.56
C LEU D 160 -7.65 -33.52 -4.26
N VAL D 161 -6.96 -32.94 -3.27
CA VAL D 161 -7.60 -32.52 -2.03
C VAL D 161 -8.03 -31.05 -2.12
N ALA D 162 -7.29 -30.23 -2.86
CA ALA D 162 -7.58 -28.81 -3.00
C ALA D 162 -6.85 -28.33 -4.24
N ALA D 163 -7.43 -27.32 -4.90
CA ALA D 163 -6.81 -26.76 -6.07
C ALA D 163 -7.38 -25.38 -6.30
N GLY D 164 -6.69 -24.59 -7.10
CA GLY D 164 -7.20 -23.28 -7.41
C GLY D 164 -6.15 -22.42 -8.07
N TYR D 165 -6.35 -21.12 -7.98
CA TYR D 165 -5.45 -20.21 -8.65
C TYR D 165 -5.57 -18.84 -8.02
N ALA D 166 -4.54 -18.03 -8.22
CA ALA D 166 -4.61 -16.61 -7.94
C ALA D 166 -4.46 -15.88 -9.26
N LEU D 167 -5.37 -14.97 -9.54
CA LEU D 167 -5.34 -14.15 -10.75
C LEU D 167 -4.89 -12.75 -10.36
N TYR D 168 -3.78 -12.29 -10.95
CA TYR D 168 -3.28 -10.93 -10.73
C TYR D 168 -3.75 -10.12 -11.94
N GLY D 169 -5.03 -9.71 -11.90
CA GLY D 169 -5.65 -8.98 -13.00
C GLY D 169 -5.90 -7.53 -12.60
N SER D 170 -7.06 -6.97 -12.96
CA SER D 170 -7.35 -5.61 -12.50
C SER D 170 -7.30 -5.55 -10.98
N ALA D 171 -7.76 -6.60 -10.31
CA ALA D 171 -7.48 -6.82 -8.90
C ALA D 171 -6.96 -8.24 -8.75
N THR D 172 -6.49 -8.57 -7.55
CA THR D 172 -5.99 -9.91 -7.26
C THR D 172 -7.06 -10.73 -6.55
N MET D 173 -7.36 -11.92 -7.09
CA MET D 173 -8.37 -12.80 -6.51
C MET D 173 -7.79 -14.20 -6.39
N LEU D 174 -8.07 -14.85 -5.27
CA LEU D 174 -7.73 -16.25 -5.07
C LEU D 174 -9.01 -17.07 -5.15
N VAL D 175 -9.02 -18.06 -6.04
CA VAL D 175 -10.12 -19.00 -6.19
C VAL D 175 -9.65 -20.32 -5.61
N LEU D 176 -10.37 -20.84 -4.61
CA LEU D 176 -9.98 -22.05 -3.90
C LEU D 176 -11.11 -23.06 -4.02
N ALA D 177 -10.78 -24.24 -4.55
CA ALA D 177 -11.74 -25.34 -4.69
C ALA D 177 -11.32 -26.48 -3.78
N MET D 178 -12.30 -27.04 -3.06
CA MET D 178 -12.10 -28.22 -2.22
C MET D 178 -13.37 -29.03 -2.32
N ASP D 179 -13.48 -30.07 -1.48
CA ASP D 179 -14.71 -30.84 -1.43
C ASP D 179 -15.91 -29.94 -1.15
N CYS D 180 -15.75 -28.93 -0.28
CA CYS D 180 -16.90 -28.08 0.08
C CYS D 180 -17.38 -27.18 -1.05
N GLY D 181 -16.72 -27.15 -2.20
CA GLY D 181 -17.10 -26.29 -3.30
C GLY D 181 -16.00 -25.30 -3.65
N VAL D 182 -16.40 -24.27 -4.39
CA VAL D 182 -15.48 -23.25 -4.89
C VAL D 182 -15.79 -21.92 -4.23
N ASN D 183 -14.76 -21.24 -3.73
CA ASN D 183 -14.93 -19.96 -3.04
C ASN D 183 -13.91 -18.97 -3.55
N CYS D 184 -14.34 -17.72 -3.72
CA CYS D 184 -13.52 -16.68 -4.35
C CYS D 184 -13.20 -15.59 -3.34
N PHE D 185 -11.93 -15.23 -3.23
CA PHE D 185 -11.45 -14.27 -2.25
C PHE D 185 -10.75 -13.10 -2.95
N MET D 186 -11.12 -11.88 -2.61
CA MET D 186 -10.51 -10.69 -3.20
C MET D 186 -9.42 -10.16 -2.27
N LEU D 187 -8.22 -9.94 -2.80
CA LEU D 187 -7.15 -9.34 -2.00
C LEU D 187 -7.41 -7.86 -1.84
N ASP D 188 -7.55 -7.41 -0.58
CA ASP D 188 -7.65 -5.99 -0.24
C ASP D 188 -6.23 -5.51 0.06
N PRO D 189 -5.59 -4.79 -0.87
CA PRO D 189 -4.18 -4.41 -0.63
C PRO D 189 -4.00 -3.39 0.47
N ALA D 190 -5.06 -2.72 0.91
CA ALA D 190 -4.91 -1.79 2.02
C ALA D 190 -4.54 -2.52 3.32
N ILE D 191 -5.03 -3.75 3.50
CA ILE D 191 -4.79 -4.49 4.73
C ILE D 191 -4.13 -5.84 4.46
N GLY D 192 -3.78 -6.13 3.21
CA GLY D 192 -3.20 -7.42 2.87
C GLY D 192 -4.00 -8.60 3.37
N GLU D 193 -5.30 -8.60 3.05
CA GLU D 193 -6.21 -9.63 3.52
C GLU D 193 -7.07 -10.08 2.34
N PHE D 194 -7.21 -11.40 2.18
CA PHE D 194 -8.14 -11.97 1.20
C PHE D 194 -9.53 -12.01 1.83
N ILE D 195 -10.49 -11.36 1.18
CA ILE D 195 -11.86 -11.22 1.69
C ILE D 195 -12.76 -12.14 0.87
N LEU D 196 -13.55 -12.96 1.55
CA LEU D 196 -14.49 -13.84 0.84
C LEU D 196 -15.58 -13.01 0.17
N VAL D 197 -15.65 -13.05 -1.16
CA VAL D 197 -16.63 -12.24 -1.88
C VAL D 197 -17.62 -13.06 -2.70
N ASP D 198 -17.35 -14.32 -2.99
CA ASP D 198 -18.30 -15.17 -3.71
C ASP D 198 -18.20 -16.57 -3.14
N LYS D 199 -19.29 -17.06 -2.57
CA LYS D 199 -19.29 -18.33 -1.85
C LYS D 199 -19.96 -19.41 -2.69
N ASP D 200 -19.37 -20.61 -2.65
CA ASP D 200 -19.96 -21.80 -3.26
C ASP D 200 -20.39 -21.51 -4.70
N VAL D 201 -19.46 -20.99 -5.48
CA VAL D 201 -19.79 -20.51 -6.81
C VAL D 201 -20.07 -21.66 -7.76
N LYS D 202 -21.04 -21.45 -8.66
CA LYS D 202 -21.37 -22.41 -9.69
C LYS D 202 -21.34 -21.68 -11.03
N ILE D 203 -20.81 -22.35 -12.03
CA ILE D 203 -20.73 -21.77 -13.36
C ILE D 203 -22.09 -21.85 -14.04
N LYS D 204 -22.34 -20.89 -14.94
CA LYS D 204 -23.55 -20.90 -15.76
C LYS D 204 -23.66 -22.21 -16.52
N LYS D 205 -24.89 -22.71 -16.67
CA LYS D 205 -25.10 -23.94 -17.42
C LYS D 205 -24.60 -23.82 -18.86
N LYS D 206 -24.77 -22.62 -19.46
CA LYS D 206 -24.36 -22.37 -20.83
C LYS D 206 -24.02 -20.90 -20.97
N GLY D 207 -22.90 -20.62 -21.65
CA GLY D 207 -22.44 -19.26 -21.85
C GLY D 207 -22.57 -18.78 -23.28
N LYS D 208 -21.92 -17.64 -23.55
CA LYS D 208 -21.98 -17.03 -24.86
C LYS D 208 -20.62 -16.52 -25.33
N ILE D 209 -19.54 -17.03 -24.75
CA ILE D 209 -18.18 -16.66 -25.13
C ILE D 209 -17.40 -17.94 -25.36
N TYR D 210 -16.61 -17.98 -26.44
CA TYR D 210 -15.66 -19.05 -26.67
C TYR D 210 -14.25 -18.47 -26.71
N SER D 211 -13.29 -19.27 -26.27
CA SER D 211 -11.94 -18.77 -25.99
C SER D 211 -10.91 -19.77 -26.48
N LEU D 212 -10.20 -19.44 -27.56
CA LEU D 212 -9.06 -20.22 -28.01
C LEU D 212 -8.27 -19.37 -29.01
N ASN D 213 -7.01 -19.77 -29.24
CA ASN D 213 -6.13 -19.08 -30.19
C ASN D 213 -6.48 -19.55 -31.60
N GLU D 214 -7.21 -18.72 -32.34
CA GLU D 214 -7.61 -19.12 -33.68
C GLU D 214 -6.48 -18.96 -34.70
N GLY D 215 -5.32 -18.44 -34.28
CA GLY D 215 -4.16 -18.44 -35.14
C GLY D 215 -3.68 -19.82 -35.56
N TYR D 216 -4.06 -20.85 -34.81
CA TYR D 216 -3.74 -22.23 -35.13
C TYR D 216 -4.76 -22.86 -36.06
N ALA D 217 -5.65 -22.07 -36.65
CA ALA D 217 -6.77 -22.60 -37.43
C ALA D 217 -6.33 -23.64 -38.44
N LYS D 218 -5.22 -23.40 -39.11
CA LYS D 218 -4.73 -24.33 -40.12
C LYS D 218 -4.37 -25.71 -39.59
N ASP D 219 -4.09 -25.81 -38.30
CA ASP D 219 -3.67 -27.06 -37.71
C ASP D 219 -4.73 -27.74 -36.91
N PHE D 220 -5.88 -27.12 -36.84
CA PHE D 220 -6.92 -27.68 -36.04
C PHE D 220 -7.51 -29.01 -36.47
N ASP D 221 -7.86 -29.84 -35.52
CA ASP D 221 -8.63 -31.03 -35.83
C ASP D 221 -9.98 -30.63 -36.43
N PRO D 222 -10.55 -31.48 -37.29
CA PRO D 222 -11.86 -31.14 -37.88
C PRO D 222 -12.95 -30.88 -36.86
N ALA D 223 -12.90 -31.55 -35.70
CA ALA D 223 -13.93 -31.33 -34.68
C ALA D 223 -13.84 -29.93 -34.09
N VAL D 224 -12.62 -29.43 -33.88
CA VAL D 224 -12.47 -28.07 -33.37
C VAL D 224 -12.91 -27.07 -34.43
N THR D 225 -12.54 -27.30 -35.69
CA THR D 225 -12.97 -26.42 -36.78
C THR D 225 -14.50 -26.35 -36.84
N GLU D 226 -15.18 -27.50 -36.77
CA GLU D 226 -16.64 -27.50 -36.85
C GLU D 226 -17.26 -26.83 -35.64
N TYR D 227 -16.76 -27.13 -34.44
CA TYR D 227 -17.32 -26.50 -33.24
C TYR D 227 -17.23 -24.98 -33.33
N ILE D 228 -16.09 -24.44 -33.77
CA ILE D 228 -15.94 -22.99 -33.85
C ILE D 228 -16.89 -22.43 -34.90
N GLN D 229 -17.10 -23.15 -36.01
CA GLN D 229 -18.06 -22.71 -37.00
C GLN D 229 -19.47 -22.61 -36.41
N ARG D 230 -19.81 -23.53 -35.51
CA ARG D 230 -21.10 -23.48 -34.83
C ARG D 230 -21.23 -22.23 -33.97
N LYS D 231 -20.13 -21.75 -33.39
CA LYS D 231 -20.20 -20.57 -32.56
C LYS D 231 -20.39 -19.30 -33.39
N LYS D 232 -19.86 -19.29 -34.61
CA LYS D 232 -19.97 -18.11 -35.45
C LYS D 232 -21.23 -18.12 -36.29
N PHE D 233 -21.72 -19.30 -36.66
CA PHE D 233 -22.90 -19.47 -37.51
C PHE D 233 -23.81 -20.50 -36.85
N PRO D 234 -24.58 -20.09 -35.84
CA PRO D 234 -25.32 -21.08 -35.03
C PRO D 234 -26.38 -21.77 -35.86
N PRO D 235 -26.50 -23.09 -35.73
CA PRO D 235 -27.48 -23.83 -36.56
C PRO D 235 -28.92 -23.61 -36.12
N ASP D 236 -29.15 -23.18 -34.88
CA ASP D 236 -30.48 -22.85 -34.41
C ASP D 236 -30.79 -21.37 -34.57
N ASN D 237 -29.97 -20.64 -35.33
CA ASN D 237 -30.06 -19.21 -35.57
C ASN D 237 -30.07 -18.37 -34.29
N SER D 238 -29.53 -18.88 -33.19
CA SER D 238 -29.27 -17.98 -32.07
C SER D 238 -28.17 -17.00 -32.45
N ALA D 239 -27.91 -16.04 -31.57
CA ALA D 239 -26.86 -15.06 -31.83
C ALA D 239 -25.49 -15.73 -31.74
N PRO D 240 -24.55 -15.36 -32.60
CA PRO D 240 -23.19 -15.92 -32.50
C PRO D 240 -22.58 -15.62 -31.13
N TYR D 241 -21.72 -16.52 -30.68
CA TYR D 241 -20.93 -16.28 -29.48
C TYR D 241 -19.92 -15.17 -29.74
N GLY D 242 -19.56 -14.46 -28.67
CA GLY D 242 -18.41 -13.59 -28.75
C GLY D 242 -17.13 -14.38 -28.51
N ALA D 243 -16.01 -13.83 -28.94
CA ALA D 243 -14.71 -14.47 -28.75
C ALA D 243 -13.88 -13.63 -27.79
N ARG D 244 -13.17 -14.29 -26.88
CA ARG D 244 -12.19 -13.64 -26.02
C ARG D 244 -11.02 -14.59 -25.87
N TYR D 245 -9.80 -14.06 -26.00
CA TYR D 245 -8.62 -14.91 -25.77
C TYR D 245 -7.52 -14.00 -25.25
N VAL D 246 -7.37 -13.96 -23.93
CA VAL D 246 -6.34 -13.13 -23.33
C VAL D 246 -4.96 -13.69 -23.64
N GLY D 247 -4.86 -15.01 -23.72
CA GLY D 247 -3.56 -15.64 -23.91
C GLY D 247 -2.84 -15.93 -22.63
N SER D 248 -3.52 -15.81 -21.50
CA SER D 248 -2.99 -16.21 -20.21
C SER D 248 -4.06 -17.09 -19.58
N MET D 249 -3.72 -18.33 -19.27
CA MET D 249 -4.74 -19.33 -18.96
C MET D 249 -5.56 -18.94 -17.74
N VAL D 250 -4.92 -18.36 -16.72
CA VAL D 250 -5.69 -18.02 -15.52
C VAL D 250 -6.73 -16.96 -15.83
N ALA D 251 -6.36 -15.98 -16.66
CA ALA D 251 -7.32 -14.94 -17.03
C ALA D 251 -8.48 -15.53 -17.83
N ASP D 252 -8.17 -16.37 -18.82
CA ASP D 252 -9.22 -16.90 -19.67
C ASP D 252 -10.13 -17.86 -18.90
N VAL D 253 -9.56 -18.70 -18.04
CA VAL D 253 -10.37 -19.62 -17.25
C VAL D 253 -11.21 -18.87 -16.23
N HIS D 254 -10.65 -17.85 -15.58
CA HIS D 254 -11.45 -17.12 -14.61
C HIS D 254 -12.62 -16.43 -15.29
N ARG D 255 -12.39 -15.83 -16.46
CA ARG D 255 -13.52 -15.24 -17.18
C ARG D 255 -14.56 -16.32 -17.49
N THR D 256 -14.10 -17.52 -17.87
CA THR D 256 -15.02 -18.61 -18.13
C THR D 256 -15.85 -18.96 -16.90
N LEU D 257 -15.21 -18.98 -15.73
CA LEU D 257 -15.94 -19.25 -14.49
C LEU D 257 -16.98 -18.18 -14.20
N VAL D 258 -16.61 -16.90 -14.37
CA VAL D 258 -17.47 -15.78 -13.99
C VAL D 258 -18.62 -15.59 -14.98
N TYR D 259 -18.33 -15.64 -16.27
CA TYR D 259 -19.35 -15.32 -17.27
C TYR D 259 -19.92 -16.56 -17.95
N GLY D 260 -19.33 -17.73 -17.74
CA GLY D 260 -19.72 -18.92 -18.47
C GLY D 260 -19.08 -18.95 -19.84
N GLY D 261 -19.29 -20.08 -20.53
CA GLY D 261 -18.76 -20.25 -21.87
C GLY D 261 -17.73 -21.35 -21.92
N ILE D 262 -16.80 -21.27 -22.85
CA ILE D 262 -15.89 -22.40 -23.09
C ILE D 262 -14.48 -21.90 -23.39
N PHE D 263 -13.49 -22.66 -22.93
CA PHE D 263 -12.08 -22.39 -23.15
C PHE D 263 -11.46 -23.64 -23.75
N LEU D 264 -10.69 -23.48 -24.82
CA LEU D 264 -10.08 -24.62 -25.50
C LEU D 264 -8.60 -24.37 -25.69
N TYR D 265 -7.80 -25.38 -25.35
CA TYR D 265 -6.43 -25.49 -25.87
C TYR D 265 -6.28 -26.91 -26.37
N PRO D 266 -6.74 -27.16 -27.59
CA PRO D 266 -6.64 -28.50 -28.18
C PRO D 266 -5.26 -28.70 -28.80
N ALA D 267 -5.05 -29.89 -29.35
CA ALA D 267 -3.78 -30.21 -29.97
C ALA D 267 -3.63 -29.51 -31.32
N ASN D 268 -2.39 -29.25 -31.70
CA ASN D 268 -2.06 -28.70 -33.02
C ASN D 268 -0.70 -29.27 -33.43
N LYS D 269 0.02 -28.60 -34.36
CA LYS D 269 1.29 -29.17 -34.90
C LYS D 269 2.49 -28.96 -34.00
N LYS D 270 2.65 -27.80 -33.42
CA LYS D 270 3.76 -27.62 -32.51
C LYS D 270 3.40 -28.28 -31.18
N SER D 271 2.12 -28.56 -30.95
CA SER D 271 1.69 -29.19 -29.73
C SER D 271 0.69 -30.37 -30.02
N PRO D 272 1.16 -31.60 -30.45
CA PRO D 272 0.22 -32.67 -30.83
C PRO D 272 -0.44 -33.40 -29.67
N ASN D 273 -0.01 -33.16 -28.43
CA ASN D 273 -0.68 -33.66 -27.22
C ASN D 273 -1.33 -32.51 -26.43
N GLY D 274 -1.63 -31.41 -27.10
CA GLY D 274 -1.95 -30.18 -26.41
C GLY D 274 -0.69 -29.45 -25.99
N LYS D 275 -0.88 -28.22 -25.52
CA LYS D 275 0.22 -27.38 -25.08
C LYS D 275 0.31 -27.28 -23.57
N LEU D 276 -0.84 -27.24 -22.88
CA LEU D 276 -0.86 -26.96 -21.46
C LEU D 276 -0.47 -28.20 -20.66
N ARG D 277 0.11 -27.97 -19.48
CA ARG D 277 0.67 -29.05 -18.68
C ARG D 277 -0.40 -29.66 -17.79
N LEU D 278 -0.46 -30.99 -17.78
CA LEU D 278 -1.51 -31.69 -17.06
C LEU D 278 -1.47 -31.40 -15.56
N LEU D 279 -0.28 -31.50 -14.94
CA LEU D 279 -0.24 -31.58 -13.47
C LEU D 279 -0.54 -30.24 -12.81
N TYR D 280 -0.07 -29.14 -13.38
CA TYR D 280 -0.11 -27.85 -12.69
C TYR D 280 -0.81 -26.78 -13.51
N GLU D 281 -1.37 -27.13 -14.66
CA GLU D 281 -2.26 -26.23 -15.39
C GLU D 281 -3.61 -26.89 -15.62
N CYS D 282 -3.64 -28.05 -16.25
CA CYS D 282 -4.93 -28.62 -16.64
C CYS D 282 -5.70 -29.14 -15.43
N ASN D 283 -5.05 -29.96 -14.59
CA ASN D 283 -5.78 -30.60 -13.50
C ASN D 283 -6.35 -29.60 -12.49
N PRO D 284 -5.60 -28.58 -12.03
CA PRO D 284 -6.22 -27.63 -11.09
C PRO D 284 -7.42 -26.93 -11.69
N MET D 285 -7.36 -26.54 -12.96
CA MET D 285 -8.47 -25.82 -13.56
C MET D 285 -9.66 -26.76 -13.79
N ALA D 286 -9.37 -28.01 -14.14
CA ALA D 286 -10.42 -29.01 -14.28
C ALA D 286 -11.13 -29.25 -12.96
N TYR D 287 -10.38 -29.28 -11.86
CA TYR D 287 -10.96 -29.49 -10.54
C TYR D 287 -11.84 -28.32 -10.12
N VAL D 288 -11.34 -27.09 -10.30
CA VAL D 288 -12.18 -25.91 -10.05
C VAL D 288 -13.46 -26.00 -10.87
N MET D 289 -13.33 -26.33 -12.16
CA MET D 289 -14.50 -26.37 -13.02
C MET D 289 -15.51 -27.42 -12.54
N GLU D 290 -15.06 -28.64 -12.26
CA GLU D 290 -16.00 -29.67 -11.83
C GLU D 290 -16.64 -29.34 -10.49
N LYS D 291 -15.89 -28.74 -9.57
CA LYS D 291 -16.47 -28.37 -8.28
C LYS D 291 -17.47 -27.23 -8.42
N ALA D 292 -17.36 -26.44 -9.49
CA ALA D 292 -18.33 -25.39 -9.78
C ALA D 292 -19.46 -25.86 -10.69
N GLY D 293 -19.59 -27.17 -10.91
CA GLY D 293 -20.62 -27.67 -11.82
C GLY D 293 -20.31 -27.52 -13.28
N GLY D 294 -19.05 -27.29 -13.64
CA GLY D 294 -18.64 -27.27 -15.03
C GLY D 294 -17.99 -28.58 -15.44
N MET D 295 -17.34 -28.55 -16.60
CA MET D 295 -16.71 -29.74 -17.15
C MET D 295 -15.33 -29.40 -17.68
N ALA D 296 -14.51 -30.44 -17.82
CA ALA D 296 -13.16 -30.30 -18.39
C ALA D 296 -12.77 -31.62 -19.03
N THR D 297 -12.58 -31.61 -20.34
CA THR D 297 -12.31 -32.83 -21.09
C THR D 297 -11.06 -32.66 -21.93
N THR D 298 -10.39 -33.78 -22.22
CA THR D 298 -9.36 -33.81 -23.25
C THR D 298 -9.94 -34.03 -24.64
N GLY D 299 -11.23 -34.36 -24.70
CA GLY D 299 -11.86 -34.82 -25.92
C GLY D 299 -12.19 -36.29 -25.78
N LYS D 300 -11.24 -37.06 -25.28
CA LYS D 300 -11.40 -38.49 -25.12
C LYS D 300 -11.83 -38.90 -23.72
N GLU D 301 -11.52 -38.09 -22.70
CA GLU D 301 -11.88 -38.43 -21.34
C GLU D 301 -11.83 -37.16 -20.49
N ALA D 302 -12.32 -37.28 -19.26
CA ALA D 302 -12.19 -36.18 -18.31
C ALA D 302 -10.72 -35.93 -17.98
N VAL D 303 -10.33 -34.65 -17.94
CA VAL D 303 -8.97 -34.29 -17.58
C VAL D 303 -8.57 -34.96 -16.28
N LEU D 304 -9.48 -34.94 -15.29
CA LEU D 304 -9.17 -35.45 -13.96
C LEU D 304 -8.97 -36.96 -13.93
N ASP D 305 -9.33 -37.66 -15.01
CA ASP D 305 -9.17 -39.10 -15.07
C ASP D 305 -7.87 -39.53 -15.76
N VAL D 306 -7.15 -38.61 -16.40
CA VAL D 306 -5.87 -38.95 -17.03
C VAL D 306 -4.89 -39.39 -15.96
N ILE D 307 -4.29 -40.57 -16.13
CA ILE D 307 -3.25 -41.04 -15.24
C ILE D 307 -1.91 -40.60 -15.82
N PRO D 308 -1.20 -39.66 -15.22
CA PRO D 308 0.03 -39.16 -15.82
C PRO D 308 1.18 -40.13 -15.65
N THR D 309 2.13 -40.04 -16.59
CA THR D 309 3.37 -40.80 -16.51
C THR D 309 4.61 -39.92 -16.46
N ASP D 310 4.45 -38.60 -16.56
CA ASP D 310 5.54 -37.65 -16.68
C ASP D 310 5.06 -36.37 -16.02
N ILE D 311 5.81 -35.86 -15.03
CA ILE D 311 5.28 -34.72 -14.28
C ILE D 311 5.10 -33.49 -15.17
N HIS D 312 5.76 -33.44 -16.33
CA HIS D 312 5.62 -32.29 -17.22
C HIS D 312 4.81 -32.63 -18.47
N GLN D 313 4.06 -33.73 -18.43
CA GLN D 313 3.33 -34.10 -19.64
C GLN D 313 2.22 -33.09 -19.92
N ARG D 314 1.92 -32.93 -21.20
CA ARG D 314 0.91 -31.99 -21.65
C ARG D 314 -0.41 -32.72 -21.88
N ALA D 315 -1.50 -31.94 -21.92
CA ALA D 315 -2.79 -32.55 -22.25
C ALA D 315 -3.63 -31.52 -22.98
N PRO D 316 -4.45 -31.93 -23.94
CA PRO D 316 -5.46 -31.01 -24.48
C PRO D 316 -6.52 -30.75 -23.43
N VAL D 317 -7.14 -29.58 -23.51
CA VAL D 317 -8.18 -29.27 -22.54
C VAL D 317 -9.25 -28.42 -23.21
N ILE D 318 -10.51 -28.80 -22.95
CA ILE D 318 -11.69 -28.05 -23.32
C ILE D 318 -12.52 -27.98 -22.06
N LEU D 319 -12.77 -26.78 -21.54
CA LEU D 319 -13.41 -26.68 -20.24
C LEU D 319 -14.40 -25.52 -20.22
N GLY D 320 -15.30 -25.56 -19.24
CA GLY D 320 -16.25 -24.48 -19.05
C GLY D 320 -17.65 -24.92 -18.71
N SER D 321 -18.63 -24.12 -19.13
CA SER D 321 -20.03 -24.44 -18.86
C SER D 321 -20.38 -25.81 -19.41
N PRO D 322 -21.20 -26.59 -18.68
CA PRO D 322 -21.43 -27.98 -19.11
C PRO D 322 -22.14 -28.10 -20.46
N ASP D 323 -23.12 -27.25 -20.75
CA ASP D 323 -23.78 -27.36 -22.05
C ASP D 323 -22.83 -27.05 -23.19
N ASP D 324 -21.87 -26.16 -22.97
CA ASP D 324 -20.90 -25.84 -24.01
C ASP D 324 -19.90 -26.97 -24.21
N VAL D 325 -19.38 -27.54 -23.12
CA VAL D 325 -18.45 -28.66 -23.26
C VAL D 325 -19.15 -29.86 -23.87
N LEU D 326 -20.39 -30.12 -23.45
CA LEU D 326 -21.16 -31.22 -24.05
C LEU D 326 -21.38 -30.99 -25.54
N GLU D 327 -21.63 -29.74 -25.94
CA GLU D 327 -21.78 -29.45 -27.36
C GLU D 327 -20.49 -29.72 -28.12
N PHE D 328 -19.35 -29.34 -27.54
CA PHE D 328 -18.07 -29.72 -28.14
C PHE D 328 -17.95 -31.22 -28.27
N LEU D 329 -18.27 -31.94 -27.20
CA LEU D 329 -18.10 -33.40 -27.19
C LEU D 329 -18.99 -34.07 -28.22
N LYS D 330 -20.20 -33.53 -28.42
CA LYS D 330 -21.09 -34.05 -29.46
C LYS D 330 -20.42 -33.96 -30.82
N VAL D 331 -19.80 -32.80 -31.12
CA VAL D 331 -19.07 -32.65 -32.37
C VAL D 331 -17.86 -33.56 -32.42
N TYR D 332 -17.12 -33.66 -31.31
CA TYR D 332 -15.98 -34.55 -31.26
C TYR D 332 -16.37 -35.98 -31.57
N GLU D 333 -17.46 -36.46 -30.96
CA GLU D 333 -17.91 -37.83 -31.17
C GLU D 333 -18.34 -38.08 -32.61
N LYS D 334 -18.82 -37.03 -33.30
CA LYS D 334 -19.17 -37.20 -34.70
C LYS D 334 -17.95 -37.49 -35.56
N HIS D 335 -16.79 -36.94 -35.18
CA HIS D 335 -15.59 -37.10 -35.98
C HIS D 335 -14.75 -38.31 -35.57
N SER D 336 -14.84 -38.76 -34.33
CA SER D 336 -14.10 -39.93 -33.90
C SER D 336 -14.94 -41.20 -34.06
P AMP E . 13.87 29.38 -9.61
O1P AMP E . 13.96 30.21 -10.88
O2P AMP E . 15.21 29.19 -8.93
O3P AMP E . 13.06 28.11 -9.78
O5' AMP E . 13.00 30.25 -8.61
C5' AMP E . 13.40 31.57 -8.22
C4' AMP E . 12.78 31.97 -6.91
O4' AMP E . 11.33 32.06 -7.02
C3' AMP E . 12.99 31.00 -5.74
O3' AMP E . 14.27 31.12 -5.12
C2' AMP E . 11.82 31.32 -4.83
O2' AMP E . 12.05 32.55 -4.12
C1' AMP E . 10.72 31.55 -5.85
N9 AMP E . 10.09 30.25 -6.20
C8 AMP E . 10.38 29.49 -7.27
N7 AMP E . 9.65 28.34 -7.27
C5 AMP E . 8.88 28.38 -6.17
C6 AMP E . 7.89 27.47 -5.57
N6 AMP E . 7.60 26.30 -6.20
N1 AMP E . 7.30 27.84 -4.42
C2 AMP E . 7.61 29.02 -3.82
N3 AMP E . 8.52 29.88 -4.30
C4 AMP E . 9.17 29.63 -5.45
C4 LSA F . 13.54 -5.24 16.22
C5 LSA F . 13.67 -3.89 16.01
C6 LSA F . 13.63 -3.52 14.69
C7 LSA F . 13.50 -3.66 12.40
C3 LSA F . 13.38 -6.16 15.20
S10 LSA F . 13.77 -2.07 14.13
N9 LSA F . 13.66 -2.34 12.56
O8 LSA F . 13.37 -4.19 11.25
C1 LSA F . 13.47 -4.49 13.61
C2 LSA F . 13.34 -5.82 13.86
O12 LSA F . 15.05 -1.55 14.47
O11 LSA F . 12.74 -1.20 14.58
MG MG G . 20.43 11.26 10.80
C17 PMQ H . -3.41 13.17 15.82
O18 PMQ H . -3.44 12.10 15.34
N19 PMQ H . -2.39 14.09 15.42
C20 PMQ H . -2.28 15.43 15.97
C21 PMQ H . -0.87 15.62 16.52
C22 PMQ H . -0.44 14.87 17.60
C23 PMQ H . 0.84 15.03 18.11
C24 PMQ H . 1.70 15.95 17.54
C25 PMQ H . 1.27 16.69 16.46
C26 PMQ H . -0.01 16.53 15.94
P AMP I . -9.22 -23.63 22.51
O1P AMP I . -8.90 -23.09 21.16
O2P AMP I . -10.11 -22.77 23.37
O3P AMP I . -9.71 -25.07 22.47
O5' AMP I . -7.79 -23.70 23.24
C5' AMP I . -7.65 -24.23 24.56
C4' AMP I . -6.43 -23.68 25.24
O4' AMP I . -5.23 -24.12 24.54
C3' AMP I . -6.31 -22.16 25.25
O3' AMP I . -7.06 -21.52 26.28
C2' AMP I . -4.81 -21.96 25.40
O2' AMP I . -4.40 -22.20 26.74
C1' AMP I . -4.29 -23.07 24.49
N9 AMP I . -4.23 -22.60 23.10
C8 AMP I . -5.16 -22.80 22.14
N7 AMP I . -4.81 -22.20 20.98
C5 AMP I . -3.62 -21.59 21.21
C6 AMP I . -2.69 -20.78 20.42
N6 AMP I . -2.98 -20.51 19.12
N1 AMP I . -1.56 -20.34 21.00
C2 AMP I . -1.28 -20.61 22.29
N3 AMP I . -2.08 -21.34 23.09
C4 AMP I . -3.25 -21.85 22.61
C1 GOL J . -7.54 -1.01 42.25
O1 GOL J . -7.17 -1.13 40.88
C2 GOL J . -6.43 -0.29 43.06
O2 GOL J . -6.26 1.04 42.70
C3 GOL J . -5.16 -1.10 42.84
O3 GOL J . -4.21 -0.57 43.72
MG MG K . -9.30 4.49 23.51
P AMP L . 0.84 26.30 -21.38
O1P AMP L . -0.57 26.10 -21.89
O2P AMP L . 1.27 27.75 -21.35
O3P AMP L . 1.14 25.56 -20.11
O5' AMP L . 1.76 25.59 -22.47
C5' AMP L . 1.77 26.04 -23.82
C4' AMP L . 2.20 24.94 -24.76
O4' AMP L . 3.57 24.54 -24.46
C3' AMP L . 1.42 23.63 -24.69
O3' AMP L . 0.18 23.67 -25.40
C2' AMP L . 2.41 22.63 -25.23
O2' AMP L . 2.54 22.74 -26.63
C1' AMP L . 3.70 23.15 -24.59
N9 AMP L . 3.85 22.58 -23.23
C8 AMP L . 3.53 23.20 -22.08
N7 AMP L . 3.76 22.40 -21.01
C5 AMP L . 4.23 21.24 -21.49
C6 AMP L . 4.68 19.97 -20.90
N6 AMP L . 4.64 19.81 -19.54
N1 AMP L . 5.12 19.01 -21.74
C2 AMP L . 5.14 19.18 -23.08
N3 AMP L . 4.75 20.32 -23.70
C4 AMP L . 4.29 21.35 -22.95
C1 GOL M . -16.74 9.14 -38.65
O1 GOL M . -16.23 8.70 -37.39
C2 GOL M . -16.66 7.99 -39.69
O2 GOL M . -17.29 6.82 -39.27
C3 GOL M . -15.16 7.79 -39.96
O3 GOL M . -15.07 6.61 -40.72
P AMP N . -4.54 -32.78 7.96
O1P AMP N . -4.34 -31.30 8.22
O2P AMP N . -4.51 -33.59 9.22
O3P AMP N . -3.60 -33.35 6.91
O5' AMP N . -6.01 -32.90 7.39
C5' AMP N . -6.53 -34.15 6.95
C4' AMP N . -7.61 -33.96 5.91
O4' AMP N . -8.72 -33.18 6.46
C3' AMP N . -7.21 -33.19 4.65
O3' AMP N . -6.53 -33.99 3.71
C2' AMP N . -8.55 -32.69 4.15
O2' AMP N . -9.28 -33.77 3.56
C1' AMP N . -9.22 -32.31 5.47
N9 AMP N . -8.82 -30.93 5.85
C8 AMP N . -7.84 -30.61 6.71
N7 AMP N . -7.71 -29.26 6.82
C5 AMP N . -8.60 -28.71 5.98
C6 AMP N . -8.99 -27.34 5.60
N6 AMP N . -8.36 -26.27 6.15
N1 AMP N . -9.98 -27.20 4.70
C2 AMP N . -10.60 -28.26 4.14
N3 AMP N . -10.30 -29.54 4.45
C4 AMP N . -9.32 -29.82 5.34
C1 GOL O . -4.14 -37.93 -22.84
O1 GOL O . -5.41 -37.53 -23.27
C2 GOL O . -3.25 -36.66 -22.72
O2 GOL O . -2.73 -36.26 -23.95
C3 GOL O . -2.13 -37.05 -21.73
O3 GOL O . -1.92 -35.94 -20.87
#